data_4ZXA
#
_entry.id   4ZXA
#
_cell.length_a   77.023
_cell.length_b   181.048
_cell.length_c   186.813
_cell.angle_alpha   90.00
_cell.angle_beta   90.00
_cell.angle_gamma   90.00
#
_symmetry.space_group_name_H-M   'P 21 21 21'
#
loop_
_entity.id
_entity.type
_entity.pdbx_description
1 polymer 'Hydroquinone dioxygenase small subunit'
2 polymer 'Hydroquinone dioxygenase large subunit'
3 non-polymer 'CADMIUM ION'
4 non-polymer 4-hydroxybenzonitrile
5 water water
#
loop_
_entity_poly.entity_id
_entity_poly.type
_entity_poly.pdbx_seq_one_letter_code
_entity_poly.pdbx_strand_id
1 'polypeptide(L)'
;GPGSMSNVAVNTVFASLDNFRKGTVEIISGEARHYAFSNIFEVAQNSKPYEKVVVGLNLGYVVETLRAEGQSPWFTAAHD
EFAIVMDGEVRVEFLKLDAPSKHGEGTHLAGELPVGKPMGYVLLKRGHQCLLPAGSAYRFEASRPGVILQQTIKGPLSVE
KWAEICLK
;
A,B,C,D
2 'polypeptide(L)'
;MAMLESAVDSAAFADDDVQASPPHAVTGYRSFQLGAFELSRDEYFARITWPAKGETRSHLIPADIFLRAMMRDVAWGFFY
GWVNFDHVIGTRNYYGKVDLYAGTFNGTLKAAGVNYTENFETPLIMATFKAILRDWTNATFDPFAAPEETGSAFGRKNGE
NLECIERFRIATKRMPGLQDDSPLRNDLPVNRQFADVSQDEPEVHAAEGFEGELHAFSLFKYLSRSDVTWNPSVTSVCKA
SLFCPTTEEFILPVFHGNDRVEWFIQMSDEIVWDVGDKDDGNPRARITMRAGDVCAMPADIRHQGYSTKRSMLMVWENAT
PNLPHLYESGELKPYPIEF
;
W,X,Y,Z
#
# COMPACT_ATOMS: atom_id res chain seq x y z
N SER A 6 17.80 19.76 -14.58
CA SER A 6 16.85 20.84 -14.83
C SER A 6 16.71 21.79 -13.64
N ASN A 7 16.22 21.29 -12.51
CA ASN A 7 16.14 22.11 -11.30
C ASN A 7 17.49 22.17 -10.61
N VAL A 8 18.00 23.39 -10.49
CA VAL A 8 19.33 23.65 -9.94
C VAL A 8 19.23 24.60 -8.76
N ALA A 9 17.99 24.96 -8.40
CA ALA A 9 17.74 25.82 -7.27
C ALA A 9 18.27 25.22 -5.96
N VAL A 10 18.74 26.08 -5.08
CA VAL A 10 19.09 25.66 -3.73
C VAL A 10 18.09 26.28 -2.76
N ASN A 11 17.37 25.45 -2.02
N ASN A 11 17.39 25.45 -2.01
CA ASN A 11 16.41 25.95 -1.03
CA ASN A 11 16.44 25.94 -1.03
C ASN A 11 16.74 25.46 0.39
C ASN A 11 16.75 25.46 0.39
N THR A 12 17.38 26.33 1.17
CA THR A 12 17.64 26.02 2.56
C THR A 12 16.37 26.28 3.37
N VAL A 13 15.76 25.21 3.86
CA VAL A 13 14.46 25.34 4.48
C VAL A 13 14.57 25.83 5.93
N PHE A 14 14.13 27.06 6.16
CA PHE A 14 13.99 27.57 7.52
C PHE A 14 12.51 27.60 7.86
N ALA A 15 12.18 27.48 9.14
CA ALA A 15 10.79 27.53 9.57
C ALA A 15 10.52 28.89 10.19
N SER A 16 9.25 29.14 10.48
CA SER A 16 8.84 30.37 11.16
C SER A 16 7.59 30.11 11.97
N LEU A 17 7.17 31.10 12.76
CA LEU A 17 5.90 31.02 13.48
C LEU A 17 4.71 30.80 12.53
N ASP A 18 4.76 31.42 11.35
CA ASP A 18 3.67 31.35 10.38
C ASP A 18 3.69 30.05 9.59
N ASN A 19 4.84 29.39 9.61
CA ASN A 19 5.06 28.26 8.74
C ASN A 19 6.10 27.32 9.31
N PHE A 20 5.62 26.24 9.92
CA PHE A 20 6.52 25.22 10.45
C PHE A 20 5.89 23.85 10.35
N ARG A 21 6.73 22.83 10.31
CA ARG A 21 6.25 21.46 10.24
C ARG A 21 7.05 20.62 11.22
N LYS A 22 6.43 20.29 12.35
CA LYS A 22 7.13 19.50 13.37
C LYS A 22 7.60 18.19 12.78
N GLY A 23 8.75 17.73 13.22
CA GLY A 23 9.26 16.44 12.79
C GLY A 23 8.41 15.35 13.39
N THR A 24 8.96 14.13 13.41
CA THR A 24 8.27 12.97 13.91
C THR A 24 9.20 12.01 14.68
N VAL A 25 8.69 11.50 15.79
CA VAL A 25 9.37 10.42 16.49
C VAL A 25 8.61 9.13 16.22
N GLU A 26 9.19 8.29 15.37
CA GLU A 26 8.62 6.98 15.09
C GLU A 26 9.17 5.92 16.05
N ILE A 27 8.32 5.45 16.96
CA ILE A 27 8.73 4.46 17.95
C ILE A 27 8.64 3.04 17.40
N ILE A 28 9.74 2.29 17.53
CA ILE A 28 9.72 0.85 17.26
C ILE A 28 9.56 0.13 18.60
N SER A 29 10.29 0.60 19.60
CA SER A 29 10.25 0.02 20.94
C SER A 29 10.55 1.09 21.98
N GLY A 30 9.73 1.17 23.02
CA GLY A 30 9.93 2.18 24.04
C GLY A 30 8.91 3.30 23.98
N GLU A 31 9.33 4.49 24.42
CA GLU A 31 8.40 5.59 24.65
C GLU A 31 8.90 6.93 24.11
N ALA A 32 8.06 7.61 23.35
CA ALA A 32 8.41 8.91 22.77
C ALA A 32 8.77 9.92 23.86
N ARG A 33 8.12 9.79 25.01
CA ARG A 33 8.49 10.56 26.22
C ARG A 33 9.99 10.75 26.36
N HIS A 34 10.73 9.67 26.18
CA HIS A 34 12.14 9.66 26.52
C HIS A 34 12.95 10.70 25.75
N TYR A 35 12.42 11.14 24.61
CA TYR A 35 13.17 12.02 23.70
C TYR A 35 12.88 13.51 23.87
N ALA A 36 12.09 13.86 24.89
CA ALA A 36 11.72 15.25 25.14
C ALA A 36 11.59 16.06 23.85
N PHE A 37 10.76 15.56 22.94
CA PHE A 37 10.71 16.06 21.57
C PHE A 37 9.72 17.20 21.37
N SER A 38 10.21 18.42 21.19
CA SER A 38 9.33 19.54 20.88
C SER A 38 9.81 20.30 19.64
N ASN A 39 9.16 21.42 19.36
CA ASN A 39 9.55 22.26 18.22
C ASN A 39 9.42 23.73 18.62
N ILE A 40 10.50 24.49 18.47
CA ILE A 40 10.56 25.84 19.07
C ILE A 40 9.47 26.77 18.49
N PHE A 41 9.02 26.45 17.29
CA PHE A 41 8.03 27.28 16.66
C PHE A 41 6.64 26.98 17.20
N GLU A 42 6.29 25.71 17.30
CA GLU A 42 5.09 25.33 18.01
C GLU A 42 5.11 25.93 19.42
N VAL A 43 6.23 25.79 20.09
CA VAL A 43 6.33 26.32 21.46
C VAL A 43 6.04 27.83 21.57
N ALA A 44 6.73 28.64 20.76
CA ALA A 44 6.52 30.08 20.77
C ALA A 44 5.09 30.44 20.34
N GLN A 45 4.53 29.62 19.47
CA GLN A 45 3.20 29.88 18.93
C GLN A 45 2.18 29.78 20.03
N ASN A 46 2.50 29.03 21.08
CA ASN A 46 1.52 28.72 22.13
C ASN A 46 1.93 29.23 23.50
N SER A 47 2.72 30.29 23.51
CA SER A 47 3.21 30.85 24.76
C SER A 47 3.02 32.36 24.80
N LYS A 48 3.11 32.93 26.00
CA LYS A 48 2.91 34.36 26.19
C LYS A 48 4.18 35.09 25.79
N PRO A 49 4.07 36.38 25.47
CA PRO A 49 5.29 37.07 25.06
C PRO A 49 6.37 37.00 26.12
N TYR A 50 7.53 36.49 25.73
CA TYR A 50 8.74 36.49 26.58
C TYR A 50 8.69 35.55 27.77
N GLU A 51 7.72 34.64 27.78
CA GLU A 51 7.73 33.54 28.71
C GLU A 51 8.94 32.66 28.35
N LYS A 52 9.88 32.51 29.27
CA LYS A 52 11.08 31.73 29.01
C LYS A 52 10.82 30.21 29.12
N VAL A 53 10.44 29.58 28.02
CA VAL A 53 10.00 28.19 28.09
C VAL A 53 11.19 27.28 27.89
N VAL A 54 11.49 26.48 28.90
CA VAL A 54 12.56 25.52 28.80
C VAL A 54 12.20 24.44 27.78
N VAL A 55 13.05 24.28 26.77
CA VAL A 55 12.89 23.22 25.76
C VAL A 55 14.06 22.25 25.81
N GLY A 56 15.12 22.62 26.52
CA GLY A 56 16.22 21.72 26.77
C GLY A 56 16.74 21.92 28.17
N LEU A 57 17.00 20.82 28.88
CA LEU A 57 17.53 20.90 30.24
C LEU A 57 18.63 19.85 30.50
N ASN A 58 19.83 20.32 30.82
CA ASN A 58 20.96 19.40 31.08
C ASN A 58 21.74 19.81 32.30
N LEU A 59 21.58 19.04 33.38
CA LEU A 59 22.26 19.37 34.63
C LEU A 59 22.12 20.86 34.98
N GLY A 60 20.92 21.41 34.86
CA GLY A 60 20.70 22.78 35.29
C GLY A 60 21.00 23.82 34.22
N TYR A 61 21.61 23.40 33.12
CA TYR A 61 21.75 24.31 31.99
C TYR A 61 20.48 24.24 31.16
N VAL A 62 20.09 25.37 30.59
CA VAL A 62 18.84 25.37 29.86
C VAL A 62 18.94 25.96 28.47
N VAL A 63 18.10 25.46 27.59
CA VAL A 63 17.78 26.16 26.36
C VAL A 63 16.34 26.61 26.46
N GLU A 64 16.13 27.92 26.43
CA GLU A 64 14.81 28.52 26.53
C GLU A 64 14.34 29.03 25.16
N THR A 65 13.03 28.89 24.92
CA THR A 65 12.39 29.46 23.75
C THR A 65 11.53 30.65 24.16
N LEU A 66 11.78 31.80 23.56
CA LEU A 66 10.96 32.99 23.85
C LEU A 66 10.14 33.43 22.63
N ARG A 67 8.87 33.74 22.89
CA ARG A 67 8.04 34.38 21.89
C ARG A 67 8.29 35.89 21.97
N ALA A 68 8.98 36.43 20.98
CA ALA A 68 9.26 37.86 20.94
C ALA A 68 8.06 38.63 20.34
N GLU A 69 7.38 39.37 21.20
CA GLU A 69 6.22 40.16 20.79
C GLU A 69 6.10 41.38 21.68
N GLY A 70 6.32 42.56 21.10
CA GLY A 70 6.32 43.76 21.89
C GLY A 70 7.65 43.95 22.61
N GLN A 71 7.59 44.40 23.85
CA GLN A 71 8.80 44.75 24.58
C GLN A 71 8.89 43.91 25.83
N SER A 72 10.05 43.25 26.03
CA SER A 72 10.26 42.43 27.22
C SER A 72 10.58 43.29 28.45
N PRO A 73 10.51 42.67 29.64
CA PRO A 73 11.08 43.26 30.86
C PRO A 73 12.59 43.37 30.74
N TRP A 74 13.21 44.28 31.48
CA TRP A 74 14.66 44.26 31.61
C TRP A 74 15.14 42.97 32.31
N PHE A 75 16.09 42.28 31.67
CA PHE A 75 16.63 41.03 32.18
C PHE A 75 18.09 41.22 32.60
N THR A 76 18.56 40.39 33.53
CA THR A 76 19.96 40.42 33.87
C THR A 76 20.42 39.09 34.48
N ALA A 77 21.72 38.85 34.44
CA ALA A 77 22.28 37.66 35.08
C ALA A 77 23.70 37.92 35.53
N ALA A 78 24.22 37.04 36.37
CA ALA A 78 25.56 37.19 36.91
C ALA A 78 26.59 36.54 35.99
N HIS A 79 26.12 35.84 34.96
CA HIS A 79 27.03 35.19 34.01
C HIS A 79 26.60 35.50 32.58
N ASP A 80 27.45 35.23 31.61
CA ASP A 80 27.08 35.36 30.21
C ASP A 80 25.85 34.54 29.81
N GLU A 81 25.06 35.10 28.90
CA GLU A 81 23.94 34.41 28.25
C GLU A 81 24.02 34.69 26.76
N PHE A 82 23.26 33.96 25.96
CA PHE A 82 23.29 34.19 24.53
C PHE A 82 21.89 34.11 23.95
N ALA A 83 21.65 34.84 22.87
CA ALA A 83 20.35 34.81 22.21
C ALA A 83 20.54 34.60 20.72
N ILE A 84 19.76 33.65 20.17
CA ILE A 84 19.69 33.45 18.72
C ILE A 84 18.29 33.77 18.24
N VAL A 85 18.19 34.68 17.28
CA VAL A 85 16.90 34.99 16.69
C VAL A 85 16.57 33.96 15.62
N MET A 86 15.53 33.17 15.87
CA MET A 86 15.16 32.08 14.95
C MET A 86 14.08 32.47 13.94
N ASP A 87 13.40 33.57 14.22
CA ASP A 87 12.39 34.12 13.32
C ASP A 87 12.06 35.56 13.73
N GLY A 88 11.72 36.39 12.75
CA GLY A 88 11.32 37.75 13.04
C GLY A 88 12.53 38.64 13.20
N GLU A 89 12.36 39.72 13.95
CA GLU A 89 13.43 40.68 14.11
C GLU A 89 13.37 41.33 15.49
N VAL A 90 14.42 41.14 16.26
CA VAL A 90 14.41 41.67 17.62
C VAL A 90 15.46 42.74 17.77
N ARG A 91 15.09 43.82 18.44
CA ARG A 91 16.03 44.84 18.87
C ARG A 91 16.39 44.53 20.33
N VAL A 92 17.67 44.57 20.65
CA VAL A 92 18.10 44.28 22.01
C VAL A 92 18.81 45.50 22.60
N GLU A 93 18.24 46.06 23.67
CA GLU A 93 18.83 47.23 24.34
C GLU A 93 19.73 46.80 25.49
N PHE A 94 20.87 47.47 25.64
CA PHE A 94 21.85 47.10 26.66
C PHE A 94 22.19 48.22 27.63
N LEU A 95 22.02 47.96 28.92
CA LEU A 95 22.50 48.85 29.97
C LEU A 95 23.64 48.22 30.76
N LYS A 96 24.73 48.97 30.95
CA LYS A 96 25.79 48.54 31.86
C LYS A 96 25.46 48.93 33.29
N LEU A 97 24.95 47.98 34.07
CA LEU A 97 24.53 48.24 35.44
C LEU A 97 25.65 48.83 36.32
N ASP A 98 25.29 49.80 37.15
CA ASP A 98 26.21 50.36 38.15
C ASP A 98 26.57 49.30 39.19
N ALA A 99 25.58 48.49 39.54
CA ALA A 99 25.73 47.43 40.53
C ALA A 99 25.26 46.07 39.97
N PRO A 100 26.12 45.41 39.17
CA PRO A 100 25.78 44.11 38.54
C PRO A 100 25.58 42.98 39.56
N SER A 101 24.71 42.02 39.25
CA SER A 101 24.66 40.80 40.07
C SER A 101 26.05 40.17 40.01
N LYS A 102 26.63 39.89 41.16
CA LYS A 102 27.98 39.30 41.24
C LYS A 102 27.93 37.79 41.45
N HIS A 103 26.86 37.31 42.05
CA HIS A 103 26.73 35.89 42.40
C HIS A 103 25.40 35.34 41.90
N GLY A 104 25.34 34.03 41.70
CA GLY A 104 24.08 33.38 41.35
C GLY A 104 23.96 33.01 39.89
N GLU A 105 22.90 32.31 39.55
CA GLU A 105 22.76 31.81 38.18
C GLU A 105 21.33 31.93 37.69
N GLY A 106 21.19 32.09 36.38
CA GLY A 106 19.87 32.19 35.78
C GLY A 106 19.54 33.65 35.48
N THR A 107 18.71 33.88 34.50
CA THR A 107 18.32 35.24 34.22
C THR A 107 17.36 35.74 35.30
N HIS A 108 17.55 36.98 35.71
CA HIS A 108 16.71 37.61 36.72
C HIS A 108 16.11 38.91 36.18
N LEU A 109 14.97 39.30 36.75
CA LEU A 109 14.38 40.60 36.46
C LEU A 109 15.27 41.73 36.99
N ALA A 110 15.68 42.65 36.11
CA ALA A 110 16.60 43.72 36.51
C ALA A 110 15.86 44.91 37.16
N GLY A 111 14.53 44.94 37.02
CA GLY A 111 13.71 46.02 37.53
C GLY A 111 13.14 46.97 36.47
N GLU A 112 12.18 47.78 36.89
CA GLU A 112 11.50 48.71 35.98
C GLU A 112 12.45 49.77 35.44
N LEU A 113 13.31 50.27 36.31
CA LEU A 113 14.26 51.30 35.92
C LEU A 113 15.66 50.94 36.40
N PRO A 114 16.32 50.02 35.68
CA PRO A 114 17.69 49.66 36.03
C PRO A 114 18.58 50.88 36.06
N VAL A 115 19.49 50.91 37.02
CA VAL A 115 20.44 52.01 37.15
C VAL A 115 21.79 51.69 36.50
N GLY A 116 22.08 52.36 35.39
CA GLY A 116 23.35 52.18 34.71
C GLY A 116 23.44 52.92 33.40
N LYS A 117 24.65 53.01 32.83
CA LYS A 117 24.86 53.69 31.56
C LYS A 117 24.28 52.87 30.41
N PRO A 118 23.73 53.55 29.39
CA PRO A 118 23.26 52.87 28.18
C PRO A 118 24.45 52.50 27.30
N MET A 119 24.50 51.27 26.80
CA MET A 119 25.63 50.82 26.00
C MET A 119 25.29 50.87 24.53
N GLY A 120 24.00 50.86 24.22
CA GLY A 120 23.56 50.84 22.84
C GLY A 120 22.57 49.72 22.59
N TYR A 121 22.48 49.30 21.33
CA TYR A 121 21.57 48.22 21.00
C TYR A 121 22.04 47.44 19.79
N VAL A 122 21.42 46.29 19.60
CA VAL A 122 21.70 45.42 18.49
C VAL A 122 20.39 45.12 17.77
N LEU A 123 20.46 44.93 16.47
CA LEU A 123 19.29 44.59 15.68
C LEU A 123 19.42 43.21 15.06
N LEU A 124 18.74 42.24 15.65
CA LEU A 124 18.88 40.85 15.26
C LEU A 124 17.78 40.40 14.30
N LYS A 125 18.17 39.90 13.15
CA LYS A 125 17.23 39.22 12.28
C LYS A 125 17.49 37.72 12.38
N ARG A 126 16.63 36.93 11.76
CA ARG A 126 16.78 35.48 11.75
C ARG A 126 18.20 34.97 11.45
N GLY A 127 18.67 34.07 12.30
CA GLY A 127 19.97 33.47 12.10
C GLY A 127 21.06 34.26 12.80
N HIS A 128 20.66 35.34 13.47
CA HIS A 128 21.63 36.19 14.13
C HIS A 128 21.76 35.87 15.62
N GLN A 129 23.00 36.00 16.12
CA GLN A 129 23.30 35.71 17.51
C GLN A 129 23.97 36.93 18.14
N CYS A 130 23.65 37.19 19.40
CA CYS A 130 24.40 38.17 20.15
C CYS A 130 24.77 37.65 21.53
N LEU A 131 25.84 38.20 22.08
CA LEU A 131 26.23 37.98 23.47
C LEU A 131 25.35 38.83 24.41
N LEU A 132 24.90 38.24 25.50
CA LEU A 132 24.25 38.96 26.57
C LEU A 132 25.22 39.02 27.75
N PRO A 133 26.10 40.03 27.76
CA PRO A 133 27.24 40.11 28.70
C PRO A 133 26.78 40.06 30.15
N ALA A 134 27.53 39.34 30.98
CA ALA A 134 27.22 39.28 32.41
C ALA A 134 27.37 40.67 33.00
N GLY A 135 26.43 41.02 33.88
CA GLY A 135 26.49 42.29 34.58
C GLY A 135 25.92 43.43 33.75
N SER A 136 25.07 43.08 32.80
CA SER A 136 24.39 44.08 32.01
C SER A 136 22.92 43.81 32.18
N ALA A 137 22.09 44.80 31.88
CA ALA A 137 20.66 44.57 31.77
C ALA A 137 20.35 44.62 30.27
N TYR A 138 19.41 43.81 29.84
CA TYR A 138 19.10 43.77 28.41
C TYR A 138 17.60 43.65 28.21
N ARG A 139 17.10 44.26 27.14
CA ARG A 139 15.67 44.32 26.87
C ARG A 139 15.39 44.02 25.39
N PHE A 140 14.33 43.25 25.14
CA PHE A 140 13.95 42.84 23.79
C PHE A 140 12.81 43.68 23.21
N GLU A 141 12.98 44.15 21.97
CA GLU A 141 11.97 44.91 21.24
C GLU A 141 11.56 44.17 19.97
N ALA A 142 10.27 43.90 19.81
CA ALA A 142 9.80 43.18 18.62
C ALA A 142 8.50 43.77 18.06
N SER A 143 8.58 44.33 16.86
CA SER A 143 7.41 44.92 16.20
C SER A 143 6.48 43.82 15.73
N ARG A 144 7.07 42.73 15.25
CA ARG A 144 6.31 41.60 14.74
C ARG A 144 6.68 40.34 15.49
N PRO A 145 5.74 39.39 15.60
CA PRO A 145 6.00 38.15 16.35
C PRO A 145 7.21 37.41 15.80
N GLY A 146 8.14 37.06 16.68
CA GLY A 146 9.31 36.30 16.31
C GLY A 146 9.66 35.27 17.39
N VAL A 147 10.77 34.57 17.17
CA VAL A 147 11.22 33.54 18.10
C VAL A 147 12.68 33.75 18.52
N ILE A 148 12.92 33.76 19.84
CA ILE A 148 14.27 33.89 20.39
C ILE A 148 14.68 32.61 21.14
N LEU A 149 15.85 32.07 20.78
CA LEU A 149 16.45 30.98 21.54
C LEU A 149 17.46 31.55 22.50
N GLN A 150 17.29 31.24 23.77
CA GLN A 150 18.22 31.72 24.78
C GLN A 150 18.99 30.57 25.44
N GLN A 151 20.31 30.67 25.41
CA GLN A 151 21.20 29.76 26.12
C GLN A 151 21.56 30.33 27.49
N THR A 152 21.17 29.63 28.56
CA THR A 152 21.38 30.16 29.89
C THR A 152 21.31 29.07 30.96
N ILE A 153 21.00 29.46 32.20
CA ILE A 153 20.91 28.51 33.30
C ILE A 153 19.54 28.60 33.97
N LYS A 154 18.96 27.45 34.33
CA LYS A 154 17.64 27.44 34.95
C LYS A 154 17.58 28.45 36.08
N GLY A 155 16.58 29.33 36.03
CA GLY A 155 16.40 30.36 37.04
C GLY A 155 14.94 30.60 37.41
N PRO A 156 14.67 31.67 38.18
CA PRO A 156 13.34 32.03 38.70
C PRO A 156 12.31 32.24 37.60
N LEU A 157 12.75 32.69 36.42
CA LEU A 157 11.88 32.97 35.28
C LEU A 157 11.65 31.78 34.33
N SER A 158 12.39 30.69 34.52
CA SER A 158 12.31 29.59 33.58
C SER A 158 11.05 28.80 33.79
N VAL A 159 10.31 28.57 32.72
CA VAL A 159 9.08 27.82 32.85
C VAL A 159 9.25 26.43 32.26
N GLU A 160 8.93 25.42 33.06
CA GLU A 160 8.91 24.06 32.56
C GLU A 160 7.47 23.60 32.35
N LYS A 161 7.20 23.05 31.17
CA LYS A 161 5.89 22.49 30.89
C LYS A 161 6.02 21.39 29.87
N TRP A 162 6.88 20.42 30.21
CA TRP A 162 7.22 19.34 29.30
C TRP A 162 5.99 18.62 28.75
N ALA A 163 5.07 18.25 29.63
CA ALA A 163 3.91 17.47 29.19
C ALA A 163 3.10 18.22 28.15
N GLU A 164 3.18 19.55 28.19
CA GLU A 164 2.46 20.38 27.24
C GLU A 164 3.15 20.46 25.88
N ILE A 165 4.48 20.45 25.87
CA ILE A 165 5.22 20.72 24.64
C ILE A 165 5.86 19.52 23.93
N CYS A 166 6.10 18.43 24.64
CA CYS A 166 6.82 17.30 24.05
C CYS A 166 5.88 16.17 23.66
N LEU A 167 6.31 15.36 22.70
CA LEU A 167 5.56 14.19 22.30
C LEU A 167 5.45 13.23 23.47
N LYS A 168 4.38 12.45 23.47
CA LYS A 168 4.08 11.56 24.58
C LYS A 168 3.48 10.27 24.03
N SER B 6 53.81 6.36 -7.83
CA SER B 6 55.07 5.62 -7.93
C SER B 6 54.90 4.35 -8.79
N ASN B 7 54.17 3.36 -8.30
CA ASN B 7 53.93 2.15 -9.07
C ASN B 7 52.64 2.19 -9.89
N VAL B 8 52.75 1.83 -11.16
CA VAL B 8 51.60 1.83 -12.06
C VAL B 8 51.53 0.50 -12.81
N ALA B 9 52.37 -0.45 -12.39
CA ALA B 9 52.37 -1.77 -12.99
C ALA B 9 51.08 -2.51 -12.69
N VAL B 10 50.77 -3.49 -13.53
CA VAL B 10 49.59 -4.32 -13.36
C VAL B 10 50.00 -5.78 -13.42
N ASN B 11 49.83 -6.48 -12.31
CA ASN B 11 50.25 -7.87 -12.24
C ASN B 11 49.13 -8.82 -11.85
N THR B 12 48.43 -9.33 -12.86
CA THR B 12 47.40 -10.35 -12.67
C THR B 12 48.05 -11.66 -12.22
N VAL B 13 47.80 -12.03 -10.98
CA VAL B 13 48.46 -13.20 -10.38
C VAL B 13 47.77 -14.50 -10.74
N PHE B 14 48.47 -15.34 -11.51
CA PHE B 14 48.05 -16.71 -11.79
C PHE B 14 48.99 -17.65 -11.05
N ALA B 15 48.49 -18.82 -10.66
CA ALA B 15 49.35 -19.76 -9.96
C ALA B 15 49.80 -20.87 -10.91
N SER B 16 50.73 -21.70 -10.44
CA SER B 16 51.20 -22.83 -11.23
C SER B 16 51.65 -23.94 -10.30
N LEU B 17 51.98 -25.09 -10.87
CA LEU B 17 52.51 -26.22 -10.10
C LEU B 17 53.74 -25.79 -9.29
N ASP B 18 54.65 -25.05 -9.92
CA ASP B 18 55.89 -24.63 -9.28
C ASP B 18 55.68 -23.50 -8.30
N ASN B 19 54.53 -22.83 -8.40
CA ASN B 19 54.29 -21.63 -7.62
C ASN B 19 52.82 -21.40 -7.27
N PHE B 20 52.42 -21.80 -6.08
CA PHE B 20 51.02 -21.67 -5.68
C PHE B 20 50.91 -21.43 -4.18
N ARG B 21 49.90 -20.66 -3.77
CA ARG B 21 49.68 -20.40 -2.36
C ARG B 21 48.21 -20.55 -2.04
N LYS B 22 47.87 -21.60 -1.30
CA LYS B 22 46.49 -21.88 -0.93
C LYS B 22 45.95 -20.79 0.00
N GLY B 23 44.66 -20.52 -0.08
CA GLY B 23 44.05 -19.50 0.75
C GLY B 23 43.72 -20.07 2.11
N THR B 24 42.81 -19.42 2.83
CA THR B 24 42.51 -19.83 4.20
C THR B 24 41.03 -19.77 4.58
N VAL B 25 40.63 -20.69 5.45
CA VAL B 25 39.28 -20.71 6.02
C VAL B 25 39.31 -20.41 7.52
N GLU B 26 38.99 -19.17 7.87
CA GLU B 26 38.80 -18.74 9.24
C GLU B 26 37.37 -19.05 9.70
N ILE B 27 37.24 -19.88 10.73
CA ILE B 27 35.92 -20.18 11.29
C ILE B 27 35.52 -19.28 12.46
N ILE B 28 34.28 -18.79 12.43
CA ILE B 28 33.67 -18.10 13.55
C ILE B 28 32.76 -19.08 14.29
N SER B 29 31.83 -19.68 13.56
CA SER B 29 31.07 -20.82 14.07
C SER B 29 30.91 -21.82 12.93
N GLY B 30 31.19 -23.09 13.20
CA GLY B 30 31.01 -24.10 12.18
C GLY B 30 32.18 -25.04 12.01
N GLU B 31 32.32 -25.58 10.81
CA GLU B 31 33.38 -26.52 10.49
C GLU B 31 33.97 -26.26 9.11
N ALA B 32 35.26 -26.04 9.06
CA ALA B 32 35.99 -25.91 7.80
C ALA B 32 35.60 -26.99 6.81
N ARG B 33 35.36 -28.18 7.33
CA ARG B 33 35.05 -29.38 6.55
C ARG B 33 33.99 -29.18 5.48
N HIS B 34 32.95 -28.43 5.84
CA HIS B 34 31.78 -28.31 5.00
C HIS B 34 32.06 -27.52 3.73
N TYR B 35 33.19 -26.84 3.71
CA TYR B 35 33.59 -26.05 2.54
C TYR B 35 34.40 -26.83 1.49
N ALA B 36 34.80 -28.06 1.81
CA ALA B 36 35.58 -28.89 0.88
C ALA B 36 36.64 -28.05 0.14
N PHE B 37 37.40 -27.32 0.94
CA PHE B 37 38.37 -26.33 0.46
C PHE B 37 39.69 -26.97 0.03
N SER B 38 40.13 -26.68 -1.19
CA SER B 38 41.34 -27.27 -1.76
C SER B 38 41.95 -26.32 -2.79
N ASN B 39 43.13 -26.67 -3.29
CA ASN B 39 43.79 -25.89 -4.34
C ASN B 39 44.22 -26.79 -5.49
N ILE B 40 43.77 -26.48 -6.69
CA ILE B 40 43.99 -27.37 -7.82
C ILE B 40 45.46 -27.66 -8.09
N PHE B 41 46.33 -26.68 -7.86
CA PHE B 41 47.75 -26.85 -8.12
C PHE B 41 48.38 -27.75 -7.08
N GLU B 42 47.97 -27.63 -5.83
CA GLU B 42 48.39 -28.57 -4.80
C GLU B 42 47.85 -29.99 -5.06
N VAL B 43 46.67 -30.09 -5.66
CA VAL B 43 46.08 -31.39 -6.00
C VAL B 43 46.84 -32.05 -7.16
N ALA B 44 47.11 -31.27 -8.21
CA ALA B 44 47.89 -31.78 -9.33
C ALA B 44 49.31 -32.14 -8.93
N GLN B 45 49.89 -31.41 -7.98
CA GLN B 45 51.25 -31.67 -7.53
C GLN B 45 51.35 -33.04 -6.83
N ASN B 46 50.26 -33.48 -6.22
CA ASN B 46 50.26 -34.70 -5.41
C ASN B 46 49.48 -35.86 -6.04
N SER B 47 49.34 -35.85 -7.36
CA SER B 47 48.50 -36.83 -8.04
C SER B 47 49.18 -37.48 -9.23
N LYS B 48 48.83 -38.73 -9.49
CA LYS B 48 49.30 -39.46 -10.66
C LYS B 48 48.92 -38.71 -11.93
N PRO B 49 49.69 -38.91 -13.00
CA PRO B 49 49.40 -38.31 -14.31
C PRO B 49 48.02 -38.68 -14.86
N TYR B 50 47.19 -37.67 -15.08
CA TYR B 50 45.86 -37.83 -15.66
C TYR B 50 44.88 -38.59 -14.77
N GLU B 51 45.25 -38.78 -13.51
CA GLU B 51 44.31 -39.26 -12.51
C GLU B 51 43.22 -38.20 -12.32
N LYS B 52 41.99 -38.50 -12.74
CA LYS B 52 40.89 -37.54 -12.72
C LYS B 52 40.40 -37.24 -11.29
N VAL B 53 41.13 -36.37 -10.59
CA VAL B 53 40.80 -36.08 -9.20
C VAL B 53 39.62 -35.11 -9.08
N VAL B 54 38.58 -35.55 -8.38
CA VAL B 54 37.40 -34.70 -8.14
C VAL B 54 37.68 -33.63 -7.08
N VAL B 55 37.57 -32.36 -7.48
CA VAL B 55 37.74 -31.24 -6.55
C VAL B 55 36.42 -30.48 -6.33
N GLY B 56 35.42 -30.85 -7.12
CA GLY B 56 34.08 -30.28 -7.00
C GLY B 56 33.03 -31.31 -7.37
N LEU B 57 32.01 -31.41 -6.53
CA LEU B 57 30.94 -32.38 -6.71
C LEU B 57 29.60 -31.69 -6.42
N ASN B 58 28.66 -31.83 -7.32
CA ASN B 58 27.33 -31.25 -7.14
C ASN B 58 26.27 -32.22 -7.68
N LEU B 59 25.82 -33.14 -6.84
CA LEU B 59 24.74 -34.05 -7.20
C LEU B 59 25.01 -34.79 -8.50
N GLY B 60 26.19 -35.36 -8.63
CA GLY B 60 26.51 -36.16 -9.80
C GLY B 60 27.38 -35.42 -10.81
N TYR B 61 27.24 -34.10 -10.88
CA TYR B 61 28.13 -33.34 -11.74
C TYR B 61 29.44 -33.16 -11.02
N VAL B 62 30.52 -33.06 -11.77
CA VAL B 62 31.83 -32.94 -11.15
C VAL B 62 32.76 -31.97 -11.87
N VAL B 63 33.73 -31.47 -11.11
CA VAL B 63 34.86 -30.79 -11.68
C VAL B 63 36.11 -31.56 -11.28
N GLU B 64 36.84 -32.03 -12.29
CA GLU B 64 38.01 -32.86 -12.07
C GLU B 64 39.26 -32.04 -12.32
N THR B 65 40.27 -32.27 -11.50
CA THR B 65 41.61 -31.73 -11.75
C THR B 65 42.49 -32.86 -12.23
N LEU B 66 43.17 -32.64 -13.35
CA LEU B 66 44.09 -33.64 -13.89
C LEU B 66 45.47 -33.04 -13.97
N ARG B 67 46.46 -33.77 -13.46
CA ARG B 67 47.86 -33.42 -13.69
C ARG B 67 48.28 -33.90 -15.09
N ALA B 68 48.48 -32.96 -16.01
CA ALA B 68 48.95 -33.31 -17.35
C ALA B 68 50.46 -33.63 -17.36
N GLU B 69 50.80 -34.90 -17.53
CA GLU B 69 52.21 -35.28 -17.64
C GLU B 69 52.33 -36.47 -18.57
N GLY B 70 52.95 -36.25 -19.73
CA GLY B 70 53.06 -37.29 -20.73
C GLY B 70 51.80 -37.39 -21.55
N GLN B 71 51.48 -38.61 -21.99
CA GLN B 71 50.33 -38.86 -22.83
C GLN B 71 49.27 -39.58 -22.03
N SER B 72 48.02 -39.15 -22.17
CA SER B 72 46.91 -39.78 -21.44
C SER B 72 46.36 -40.92 -22.27
N PRO B 73 45.62 -41.83 -21.63
CA PRO B 73 44.80 -42.81 -22.35
C PRO B 73 43.80 -42.07 -23.23
N TRP B 74 43.20 -42.77 -24.19
CA TRP B 74 42.08 -42.21 -24.94
C TRP B 74 40.84 -42.21 -24.05
N PHE B 75 40.15 -41.08 -24.03
CA PHE B 75 38.96 -40.92 -23.20
C PHE B 75 37.76 -40.71 -24.10
N THR B 76 36.58 -41.04 -23.60
CA THR B 76 35.36 -40.74 -24.33
C THR B 76 34.14 -40.66 -23.40
N ALA B 77 33.06 -40.04 -23.88
CA ALA B 77 31.82 -39.92 -23.10
C ALA B 77 30.59 -39.75 -23.99
N ALA B 78 29.43 -40.10 -23.45
CA ALA B 78 28.16 -40.01 -24.17
C ALA B 78 27.65 -38.57 -24.30
N HIS B 79 28.25 -37.65 -23.55
CA HIS B 79 27.76 -36.27 -23.50
C HIS B 79 28.94 -35.31 -23.57
N ASP B 80 28.68 -34.05 -23.90
CA ASP B 80 29.75 -33.05 -23.94
C ASP B 80 30.57 -32.98 -22.66
N GLU B 81 31.84 -32.61 -22.82
CA GLU B 81 32.74 -32.33 -21.70
C GLU B 81 33.58 -31.09 -22.03
N PHE B 82 34.26 -30.54 -21.04
CA PHE B 82 35.06 -29.34 -21.27
C PHE B 82 36.35 -29.38 -20.49
N ALA B 83 37.40 -28.85 -21.10
CA ALA B 83 38.70 -28.80 -20.46
C ALA B 83 39.22 -27.39 -20.51
N ILE B 84 39.85 -26.99 -19.41
CA ILE B 84 40.49 -25.70 -19.29
C ILE B 84 41.90 -26.00 -18.81
N VAL B 85 42.89 -25.35 -19.42
CA VAL B 85 44.25 -25.56 -18.98
C VAL B 85 44.63 -24.42 -18.06
N MET B 86 45.00 -24.77 -16.84
CA MET B 86 45.33 -23.77 -15.83
C MET B 86 46.84 -23.62 -15.68
N ASP B 87 47.59 -24.65 -16.02
CA ASP B 87 49.04 -24.53 -16.10
C ASP B 87 49.63 -25.35 -17.22
N GLY B 88 50.62 -24.78 -17.92
CA GLY B 88 51.39 -25.50 -18.92
C GLY B 88 50.82 -25.49 -20.32
N GLU B 89 51.25 -26.47 -21.12
CA GLU B 89 50.76 -26.65 -22.49
C GLU B 89 50.23 -28.05 -22.67
N VAL B 90 49.03 -28.15 -23.22
CA VAL B 90 48.45 -29.46 -23.50
C VAL B 90 47.90 -29.52 -24.90
N ARG B 91 48.29 -30.58 -25.61
CA ARG B 91 47.78 -30.83 -26.94
C ARG B 91 46.71 -31.91 -26.84
N VAL B 92 45.55 -31.63 -27.43
CA VAL B 92 44.41 -32.55 -27.35
C VAL B 92 44.09 -33.12 -28.73
N GLU B 93 44.19 -34.44 -28.84
CA GLU B 93 43.88 -35.13 -30.09
C GLU B 93 42.43 -35.59 -30.09
N PHE B 94 41.74 -35.41 -31.22
CA PHE B 94 40.36 -35.82 -31.35
C PHE B 94 40.14 -36.92 -32.40
N LEU B 95 39.16 -37.77 -32.12
CA LEU B 95 38.86 -38.93 -32.95
C LEU B 95 37.34 -39.07 -33.05
N LYS B 96 36.80 -38.92 -34.25
CA LYS B 96 35.37 -39.11 -34.43
C LYS B 96 35.04 -40.60 -34.56
N LEU B 97 34.64 -41.22 -33.45
CA LEU B 97 34.36 -42.65 -33.42
C LEU B 97 33.20 -43.06 -34.35
N ASP B 98 33.30 -44.26 -34.91
CA ASP B 98 32.28 -44.80 -35.80
C ASP B 98 31.09 -45.31 -34.97
N ALA B 99 31.38 -45.78 -33.75
CA ALA B 99 30.32 -46.25 -32.84
C ALA B 99 30.36 -45.53 -31.48
N PRO B 100 29.88 -44.28 -31.45
CA PRO B 100 29.91 -43.48 -30.22
C PRO B 100 29.09 -44.13 -29.10
N SER B 101 29.51 -43.92 -27.86
CA SER B 101 28.69 -44.33 -26.72
C SER B 101 27.39 -43.54 -26.76
N LYS B 102 26.29 -44.27 -26.68
CA LYS B 102 24.96 -43.69 -26.88
C LYS B 102 24.27 -43.43 -25.56
N HIS B 103 24.71 -44.14 -24.53
CA HIS B 103 24.09 -44.05 -23.22
C HIS B 103 25.14 -43.93 -22.10
N GLY B 104 24.67 -43.52 -20.92
CA GLY B 104 25.53 -43.48 -19.74
C GLY B 104 26.17 -42.11 -19.57
N GLU B 105 26.84 -41.91 -18.44
CA GLU B 105 27.42 -40.60 -18.14
C GLU B 105 28.83 -40.76 -17.61
N GLY B 106 29.60 -39.69 -17.77
CA GLY B 106 30.94 -39.66 -17.23
C GLY B 106 31.89 -40.06 -18.34
N THR B 107 33.14 -39.68 -18.18
CA THR B 107 34.15 -40.02 -19.15
C THR B 107 34.58 -41.46 -18.92
N HIS B 108 34.57 -42.25 -20.00
CA HIS B 108 35.01 -43.65 -19.99
C HIS B 108 36.29 -43.84 -20.82
N LEU B 109 36.97 -44.97 -20.63
CA LEU B 109 38.13 -45.29 -21.48
C LEU B 109 37.72 -45.70 -22.88
N ALA B 110 38.34 -45.09 -23.89
CA ALA B 110 37.97 -45.34 -25.28
C ALA B 110 38.72 -46.52 -25.89
N GLY B 111 39.66 -47.07 -25.13
CA GLY B 111 40.45 -48.20 -25.60
C GLY B 111 41.81 -47.79 -26.11
N GLU B 112 42.65 -48.79 -26.39
CA GLU B 112 43.98 -48.56 -26.93
C GLU B 112 43.93 -48.10 -28.38
N LEU B 113 43.20 -48.84 -29.20
CA LEU B 113 43.09 -48.54 -30.63
C LEU B 113 41.66 -48.17 -31.00
N PRO B 114 41.27 -46.92 -30.71
CA PRO B 114 39.90 -46.44 -30.99
C PRO B 114 39.64 -46.43 -32.48
N VAL B 115 38.41 -46.75 -32.87
CA VAL B 115 38.06 -46.86 -34.27
C VAL B 115 37.32 -45.64 -34.75
N GLY B 116 37.92 -44.90 -35.68
CA GLY B 116 37.26 -43.73 -36.24
C GLY B 116 38.21 -42.79 -36.96
N LYS B 117 37.65 -41.76 -37.57
CA LYS B 117 38.44 -40.82 -38.36
C LYS B 117 39.08 -39.73 -37.49
N PRO B 118 40.38 -39.47 -37.67
CA PRO B 118 41.01 -38.33 -36.99
C PRO B 118 40.30 -37.02 -37.34
N MET B 119 40.20 -36.12 -36.37
CA MET B 119 39.51 -34.84 -36.58
C MET B 119 40.51 -33.69 -36.58
N GLY B 120 41.71 -33.97 -36.09
CA GLY B 120 42.75 -32.96 -35.94
C GLY B 120 43.13 -32.84 -34.48
N TYR B 121 43.88 -31.79 -34.16
CA TYR B 121 44.24 -31.55 -32.78
C TYR B 121 44.08 -30.09 -32.40
N VAL B 122 44.18 -29.80 -31.12
CA VAL B 122 44.13 -28.44 -30.62
C VAL B 122 45.29 -28.22 -29.66
N LEU B 123 45.87 -27.03 -29.67
CA LEU B 123 46.95 -26.70 -28.75
C LEU B 123 46.47 -25.74 -27.66
N LEU B 124 46.43 -26.22 -26.43
CA LEU B 124 45.92 -25.44 -25.32
C LEU B 124 47.05 -24.99 -24.43
N LYS B 125 47.27 -23.68 -24.37
CA LYS B 125 48.10 -23.09 -23.34
C LYS B 125 47.24 -22.69 -22.13
N ARG B 126 47.90 -22.11 -21.12
CA ARG B 126 47.19 -21.63 -19.96
C ARG B 126 46.06 -20.67 -20.31
N GLY B 127 44.91 -20.86 -19.65
CA GLY B 127 43.78 -19.97 -19.84
C GLY B 127 42.95 -20.32 -21.05
N HIS B 128 43.36 -21.34 -21.79
CA HIS B 128 42.59 -21.78 -22.95
C HIS B 128 41.61 -22.90 -22.61
N GLN B 129 40.49 -22.92 -23.31
CA GLN B 129 39.44 -23.89 -23.07
C GLN B 129 39.06 -24.51 -24.40
N CYS B 130 38.76 -25.81 -24.40
CA CYS B 130 38.22 -26.43 -25.61
C CYS B 130 37.01 -27.30 -25.31
N LEU B 131 36.18 -27.48 -26.32
CA LEU B 131 35.08 -28.41 -26.23
C LEU B 131 35.60 -29.84 -26.41
N LEU B 132 35.14 -30.74 -25.55
CA LEU B 132 35.38 -32.16 -25.75
C LEU B 132 34.06 -32.76 -26.21
N PRO B 133 33.84 -32.79 -27.53
CA PRO B 133 32.52 -33.09 -28.10
C PRO B 133 32.05 -34.51 -27.84
N ALA B 134 30.80 -34.63 -27.41
CA ALA B 134 30.17 -35.92 -27.18
C ALA B 134 30.32 -36.85 -28.39
N GLY B 135 30.76 -38.07 -28.12
CA GLY B 135 30.83 -39.08 -29.15
C GLY B 135 32.16 -39.05 -29.87
N SER B 136 33.08 -38.23 -29.36
CA SER B 136 34.44 -38.25 -29.86
C SER B 136 35.32 -38.95 -28.84
N ALA B 137 36.52 -39.33 -29.24
CA ALA B 137 37.52 -39.75 -28.28
C ALA B 137 38.65 -38.74 -28.36
N TYR B 138 39.39 -38.58 -27.28
CA TYR B 138 40.37 -37.51 -27.19
C TYR B 138 41.48 -37.89 -26.24
N ARG B 139 42.65 -37.30 -26.41
CA ARG B 139 43.73 -37.54 -25.45
C ARG B 139 44.65 -36.35 -25.32
N PHE B 140 45.34 -36.29 -24.20
CA PHE B 140 46.18 -35.14 -23.89
C PHE B 140 47.65 -35.54 -23.96
N GLU B 141 48.48 -34.61 -24.43
CA GLU B 141 49.91 -34.79 -24.51
C GLU B 141 50.61 -33.59 -23.90
N ALA B 142 51.47 -33.83 -22.92
CA ALA B 142 52.19 -32.76 -22.25
C ALA B 142 53.69 -33.06 -22.09
N SER B 143 54.52 -32.25 -22.74
CA SER B 143 55.96 -32.32 -22.57
C SER B 143 56.34 -31.80 -21.18
N ARG B 144 55.75 -30.69 -20.79
CA ARG B 144 55.98 -30.13 -19.46
C ARG B 144 54.81 -30.44 -18.54
N PRO B 145 55.10 -30.59 -17.23
CA PRO B 145 54.02 -30.84 -16.26
C PRO B 145 52.98 -29.71 -16.31
N GLY B 146 51.71 -30.07 -16.52
CA GLY B 146 50.65 -29.09 -16.58
C GLY B 146 49.44 -29.48 -15.73
N VAL B 147 48.40 -28.64 -15.75
CA VAL B 147 47.18 -28.86 -14.97
C VAL B 147 45.93 -28.62 -15.79
N ILE B 148 45.03 -29.59 -15.81
CA ILE B 148 43.78 -29.45 -16.57
C ILE B 148 42.56 -29.53 -15.66
N LEU B 149 41.60 -28.62 -15.83
CA LEU B 149 40.31 -28.72 -15.17
C LEU B 149 39.32 -29.26 -16.19
N GLN B 150 38.60 -30.30 -15.82
CA GLN B 150 37.64 -30.91 -16.72
C GLN B 150 36.24 -30.83 -16.12
N GLN B 151 35.29 -30.34 -16.91
CA GLN B 151 33.90 -30.24 -16.46
C GLN B 151 33.18 -31.37 -17.11
N THR B 152 32.67 -32.30 -16.31
CA THR B 152 31.99 -33.48 -16.83
C THR B 152 31.13 -34.07 -15.73
N ILE B 153 30.76 -35.34 -15.86
CA ILE B 153 29.91 -36.00 -14.88
C ILE B 153 30.66 -37.13 -14.18
N LYS B 154 30.33 -37.42 -12.93
CA LYS B 154 30.99 -38.51 -12.22
C LYS B 154 30.83 -39.86 -12.93
N GLY B 155 31.97 -40.45 -13.29
CA GLY B 155 31.99 -41.76 -13.91
C GLY B 155 33.07 -42.65 -13.31
N PRO B 156 33.33 -43.80 -13.98
CA PRO B 156 34.17 -44.89 -13.46
C PRO B 156 35.63 -44.47 -13.25
N LEU B 157 36.08 -43.46 -13.99
CA LEU B 157 37.43 -42.93 -13.86
C LEU B 157 37.58 -41.90 -12.73
N SER B 158 36.47 -41.34 -12.27
CA SER B 158 36.52 -40.26 -11.30
C SER B 158 37.09 -40.71 -9.95
N VAL B 159 38.09 -39.99 -9.44
CA VAL B 159 38.69 -40.37 -8.16
C VAL B 159 38.33 -39.41 -7.03
N GLU B 160 37.84 -39.94 -5.93
CA GLU B 160 37.56 -39.14 -4.75
C GLU B 160 38.61 -39.35 -3.65
N LYS B 161 39.20 -38.26 -3.18
CA LYS B 161 40.09 -38.31 -2.01
C LYS B 161 40.00 -37.05 -1.13
N TRP B 162 38.77 -36.73 -0.72
CA TRP B 162 38.49 -35.47 -0.03
C TRP B 162 39.29 -35.26 1.26
N ALA B 163 39.37 -36.28 2.10
CA ALA B 163 40.12 -36.14 3.34
C ALA B 163 41.58 -35.79 3.06
N GLU B 164 42.07 -36.19 1.89
CA GLU B 164 43.45 -35.86 1.50
C GLU B 164 43.60 -34.44 0.96
N ILE B 165 42.60 -33.94 0.24
CA ILE B 165 42.77 -32.66 -0.47
C ILE B 165 42.13 -31.45 0.18
N CYS B 166 41.22 -31.68 1.14
CA CYS B 166 40.48 -30.58 1.75
C CYS B 166 40.95 -30.24 3.15
N LEU B 167 40.70 -29.00 3.56
CA LEU B 167 40.97 -28.56 4.93
C LEU B 167 40.06 -29.30 5.88
N LYS B 168 40.61 -29.72 7.01
CA LYS B 168 39.81 -30.45 8.00
C LYS B 168 39.62 -29.60 9.25
N SER C 6 -49.79 -4.75 15.59
CA SER C 6 -50.46 -6.03 15.84
C SER C 6 -49.62 -6.92 16.77
N ASN C 7 -48.52 -7.45 16.24
CA ASN C 7 -47.54 -8.17 17.05
C ASN C 7 -46.30 -7.32 17.25
N VAL C 8 -46.03 -6.96 18.50
CA VAL C 8 -44.88 -6.10 18.81
C VAL C 8 -43.90 -6.89 19.68
N ALA C 9 -44.12 -8.20 19.74
CA ALA C 9 -43.36 -9.08 20.61
C ALA C 9 -41.90 -9.14 20.16
N VAL C 10 -40.99 -9.42 21.08
CA VAL C 10 -39.58 -9.58 20.73
C VAL C 10 -39.08 -10.95 21.18
N ASN C 11 -38.73 -11.80 20.21
CA ASN C 11 -38.28 -13.15 20.49
C ASN C 11 -36.85 -13.40 20.00
N THR C 12 -35.86 -13.16 20.87
CA THR C 12 -34.47 -13.48 20.60
C THR C 12 -34.25 -14.98 20.79
N VAL C 13 -33.87 -15.66 19.72
CA VAL C 13 -33.89 -17.11 19.72
C VAL C 13 -32.53 -17.70 20.09
N PHE C 14 -32.47 -18.43 21.19
CA PHE C 14 -31.26 -19.19 21.54
C PHE C 14 -31.51 -20.71 21.43
N ALA C 15 -30.52 -21.42 20.92
CA ALA C 15 -30.57 -22.87 20.86
C ALA C 15 -30.10 -23.48 22.18
N SER C 16 -30.29 -24.80 22.32
CA SER C 16 -29.86 -25.53 23.51
C SER C 16 -29.54 -26.97 23.11
N LEU C 17 -29.07 -27.78 24.06
CA LEU C 17 -28.85 -29.19 23.76
C LEU C 17 -30.16 -29.88 23.40
N ASP C 18 -31.27 -29.36 23.93
CA ASP C 18 -32.58 -29.98 23.76
C ASP C 18 -33.43 -29.33 22.65
N ASN C 19 -32.89 -28.29 22.02
CA ASN C 19 -33.65 -27.59 21.00
C ASN C 19 -32.75 -26.78 20.07
N PHE C 20 -32.15 -27.45 19.08
CA PHE C 20 -31.36 -26.75 18.08
C PHE C 20 -31.80 -27.08 16.64
N ARG C 21 -31.42 -26.21 15.72
CA ARG C 21 -31.67 -26.39 14.29
C ARG C 21 -30.47 -25.92 13.48
N LYS C 22 -29.63 -26.85 13.05
CA LYS C 22 -28.50 -26.51 12.17
C LYS C 22 -28.93 -25.76 10.91
N GLY C 23 -28.11 -24.80 10.49
CA GLY C 23 -28.35 -24.05 9.26
C GLY C 23 -27.86 -24.82 8.06
N THR C 24 -27.72 -24.15 6.92
CA THR C 24 -27.42 -24.86 5.68
C THR C 24 -26.37 -24.16 4.81
N VAL C 25 -25.62 -24.96 4.04
CA VAL C 25 -24.71 -24.40 3.04
C VAL C 25 -25.19 -24.74 1.65
N GLU C 26 -25.58 -23.71 0.90
CA GLU C 26 -25.99 -23.86 -0.49
C GLU C 26 -24.81 -23.53 -1.40
N ILE C 27 -24.38 -24.51 -2.18
CA ILE C 27 -23.26 -24.30 -3.07
C ILE C 27 -23.69 -23.77 -4.43
N ILE C 28 -22.95 -22.80 -4.95
CA ILE C 28 -23.08 -22.42 -6.34
C ILE C 28 -21.88 -23.02 -7.08
N SER C 29 -20.69 -22.76 -6.54
CA SER C 29 -19.49 -23.47 -6.95
C SER C 29 -18.68 -23.73 -5.70
N GLY C 30 -17.78 -24.71 -5.77
CA GLY C 30 -16.88 -25.00 -4.67
C GLY C 30 -17.31 -26.24 -3.91
N GLU C 31 -16.83 -26.36 -2.67
CA GLU C 31 -17.14 -27.52 -1.83
C GLU C 31 -17.54 -27.08 -0.44
N ALA C 32 -18.72 -27.50 0.00
CA ALA C 32 -19.18 -27.17 1.35
C ALA C 32 -18.15 -27.55 2.40
N ARG C 33 -17.37 -28.58 2.12
CA ARG C 33 -16.43 -29.10 3.09
C ARG C 33 -15.42 -28.04 3.54
N HIS C 34 -15.19 -27.05 2.69
CA HIS C 34 -14.19 -26.05 2.99
C HIS C 34 -14.64 -25.08 4.09
N TYR C 35 -15.95 -25.02 4.32
CA TYR C 35 -16.53 -24.15 5.34
C TYR C 35 -16.59 -24.80 6.72
N ALA C 36 -16.08 -26.03 6.80
CA ALA C 36 -16.05 -26.77 8.05
C ALA C 36 -17.26 -26.44 8.90
N PHE C 37 -18.43 -26.61 8.32
CA PHE C 37 -19.66 -26.15 8.93
C PHE C 37 -20.24 -27.19 9.90
N SER C 38 -20.49 -26.76 11.14
CA SER C 38 -21.05 -27.62 12.18
C SER C 38 -21.92 -26.78 13.08
N ASN C 39 -22.57 -27.42 14.06
CA ASN C 39 -23.34 -26.71 15.09
C ASN C 39 -22.95 -27.19 16.50
N ILE C 40 -22.65 -26.25 17.41
CA ILE C 40 -22.02 -26.62 18.70
C ILE C 40 -22.94 -27.49 19.57
N PHE C 41 -24.24 -27.32 19.44
CA PHE C 41 -25.19 -28.10 20.19
C PHE C 41 -25.27 -29.52 19.65
N GLU C 42 -25.28 -29.66 18.33
CA GLU C 42 -25.25 -30.99 17.74
C GLU C 42 -23.97 -31.68 18.16
N VAL C 43 -22.87 -30.91 18.18
CA VAL C 43 -21.58 -31.45 18.59
C VAL C 43 -21.55 -31.89 20.05
N ALA C 44 -22.12 -31.08 20.94
CA ALA C 44 -22.14 -31.41 22.35
C ALA C 44 -23.05 -32.59 22.62
N GLN C 45 -24.13 -32.68 21.85
CA GLN C 45 -25.13 -33.71 22.03
C GLN C 45 -24.51 -35.09 21.75
N ASN C 46 -23.44 -35.10 20.96
CA ASN C 46 -22.85 -36.35 20.49
C ASN C 46 -21.41 -36.59 20.94
N SER C 47 -20.98 -35.89 21.99
CA SER C 47 -19.63 -36.07 22.51
C SER C 47 -19.63 -36.48 23.97
N LYS C 48 -18.46 -36.90 24.44
CA LYS C 48 -18.28 -37.27 25.85
C LYS C 48 -18.18 -36.02 26.74
N PRO C 49 -18.62 -36.12 28.00
CA PRO C 49 -18.53 -35.01 28.97
C PRO C 49 -17.13 -34.41 29.06
N TYR C 50 -17.06 -33.10 28.85
CA TYR C 50 -15.82 -32.32 28.97
C TYR C 50 -14.74 -32.74 27.99
N GLU C 51 -15.15 -33.47 26.96
CA GLU C 51 -14.28 -33.72 25.82
C GLU C 51 -14.07 -32.39 25.08
N LYS C 52 -12.82 -32.06 24.79
CA LYS C 52 -12.54 -30.78 24.17
C LYS C 52 -12.52 -30.92 22.64
N VAL C 53 -13.70 -30.82 22.05
CA VAL C 53 -13.86 -31.02 20.63
C VAL C 53 -13.63 -29.73 19.88
N VAL C 54 -12.56 -29.72 19.08
CA VAL C 54 -12.26 -28.57 18.24
C VAL C 54 -13.38 -28.38 17.23
N VAL C 55 -13.98 -27.19 17.22
CA VAL C 55 -14.98 -26.83 16.21
C VAL C 55 -14.50 -25.62 15.39
N GLY C 56 -13.39 -25.04 15.82
CA GLY C 56 -12.76 -23.96 15.09
C GLY C 56 -11.25 -24.05 15.21
N LEU C 57 -10.57 -24.03 14.07
CA LEU C 57 -9.12 -24.08 14.07
C LEU C 57 -8.57 -22.91 13.25
N ASN C 58 -7.66 -22.14 13.84
CA ASN C 58 -6.99 -21.10 13.09
C ASN C 58 -5.50 -21.03 13.40
N LEU C 59 -4.71 -21.80 12.64
CA LEU C 59 -3.27 -21.86 12.80
C LEU C 59 -2.86 -22.04 14.26
N GLY C 60 -3.32 -23.12 14.87
CA GLY C 60 -2.97 -23.42 16.24
C GLY C 60 -4.03 -22.97 17.23
N TYR C 61 -4.62 -21.82 17.00
CA TYR C 61 -5.64 -21.34 17.93
C TYR C 61 -6.91 -22.15 17.71
N VAL C 62 -7.66 -22.39 18.79
CA VAL C 62 -8.85 -23.23 18.68
C VAL C 62 -10.00 -22.69 19.50
N VAL C 63 -11.22 -22.96 19.04
CA VAL C 63 -12.41 -22.78 19.82
C VAL C 63 -12.92 -24.19 20.05
N GLU C 64 -13.16 -24.54 21.32
CA GLU C 64 -13.58 -25.89 21.67
C GLU C 64 -15.00 -25.88 22.21
N THR C 65 -15.74 -26.92 21.86
CA THR C 65 -17.05 -27.15 22.43
C THR C 65 -16.96 -28.31 23.40
N LEU C 66 -17.42 -28.07 24.62
CA LEU C 66 -17.40 -29.09 25.67
C LEU C 66 -18.82 -29.41 26.08
N ARG C 67 -19.14 -30.70 26.10
CA ARG C 67 -20.36 -31.15 26.74
C ARG C 67 -20.11 -31.07 28.23
N ALA C 68 -20.83 -30.18 28.91
CA ALA C 68 -20.65 -30.01 30.35
C ALA C 68 -21.61 -30.89 31.12
N GLU C 69 -21.09 -31.98 31.67
CA GLU C 69 -21.90 -32.97 32.36
C GLU C 69 -21.08 -33.45 33.55
N GLY C 70 -21.65 -33.36 34.74
CA GLY C 70 -20.96 -33.77 35.94
C GLY C 70 -19.79 -32.83 36.22
N GLN C 71 -18.68 -33.41 36.63
CA GLN C 71 -17.53 -32.63 37.07
C GLN C 71 -16.33 -32.95 36.19
N SER C 72 -15.58 -31.93 35.79
CA SER C 72 -14.42 -32.13 34.91
C SER C 72 -13.16 -32.44 35.71
N PRO C 73 -12.13 -32.94 35.03
CA PRO C 73 -10.80 -32.97 35.64
C PRO C 73 -10.30 -31.56 35.97
N TRP C 74 -9.21 -31.44 36.75
CA TRP C 74 -8.56 -30.14 36.95
C TRP C 74 -7.80 -29.75 35.67
N PHE C 75 -8.04 -28.50 35.23
CA PHE C 75 -7.43 -27.96 34.01
C PHE C 75 -6.46 -26.83 34.31
N THR C 76 -5.42 -26.68 33.48
CA THR C 76 -4.49 -25.57 33.65
C THR C 76 -3.73 -25.24 32.36
N ALA C 77 -3.22 -24.00 32.27
CA ALA C 77 -2.45 -23.56 31.10
C ALA C 77 -1.36 -22.54 31.44
N ALA C 78 -0.43 -22.34 30.50
CA ALA C 78 0.61 -21.35 30.64
C ALA C 78 0.15 -19.99 30.10
N HIS C 79 -1.03 -19.95 29.49
CA HIS C 79 -1.58 -18.71 28.97
C HIS C 79 -3.03 -18.57 29.40
N ASP C 80 -3.60 -17.39 29.19
CA ASP C 80 -5.00 -17.10 29.47
C ASP C 80 -5.92 -17.95 28.60
N GLU C 81 -7.11 -18.24 29.10
CA GLU C 81 -8.17 -18.88 28.33
C GLU C 81 -9.54 -18.31 28.73
N PHE C 82 -10.57 -18.66 27.97
CA PHE C 82 -11.87 -18.08 28.21
C PHE C 82 -12.94 -19.13 27.97
N ALA C 83 -14.00 -19.06 28.76
CA ALA C 83 -15.09 -20.00 28.67
C ALA C 83 -16.38 -19.23 28.64
N ILE C 84 -17.28 -19.64 27.75
CA ILE C 84 -18.60 -19.03 27.63
C ILE C 84 -19.61 -20.17 27.73
N VAL C 85 -20.58 -20.02 28.62
CA VAL C 85 -21.62 -21.03 28.75
C VAL C 85 -22.77 -20.69 27.83
N MET C 86 -22.98 -21.52 26.80
CA MET C 86 -24.03 -21.28 25.80
C MET C 86 -25.35 -21.93 26.19
N ASP C 87 -25.28 -22.91 27.09
CA ASP C 87 -26.46 -23.60 27.61
C ASP C 87 -26.16 -24.20 28.98
N GLY C 88 -27.11 -24.05 29.90
CA GLY C 88 -27.02 -24.70 31.20
C GLY C 88 -26.54 -23.88 32.37
N GLU C 89 -25.93 -24.55 33.34
CA GLU C 89 -25.42 -23.95 34.56
C GLU C 89 -24.07 -24.58 34.87
N VAL C 90 -23.04 -23.76 34.98
CA VAL C 90 -21.71 -24.30 35.20
C VAL C 90 -21.01 -23.59 36.34
N ARG C 91 -20.49 -24.38 37.28
CA ARG C 91 -19.72 -23.82 38.36
C ARG C 91 -18.25 -24.01 38.03
N VAL C 92 -17.48 -22.93 38.14
CA VAL C 92 -16.05 -23.01 37.89
C VAL C 92 -15.28 -22.72 39.19
N GLU C 93 -14.57 -23.72 39.70
CA GLU C 93 -13.68 -23.53 40.83
C GLU C 93 -12.31 -23.12 40.32
N PHE C 94 -11.67 -22.20 41.03
CA PHE C 94 -10.33 -21.77 40.67
C PHE C 94 -9.34 -22.04 41.79
N LEU C 95 -8.10 -22.29 41.41
CA LEU C 95 -7.08 -22.63 42.36
C LEU C 95 -5.77 -21.96 41.94
N LYS C 96 -5.25 -21.07 42.78
CA LYS C 96 -3.96 -20.43 42.54
C LYS C 96 -2.83 -21.44 42.76
N LEU C 97 -2.15 -21.84 41.69
CA LEU C 97 -1.17 -22.91 41.80
C LEU C 97 0.15 -22.45 42.42
N ASP C 98 0.59 -23.17 43.45
CA ASP C 98 1.91 -22.91 44.04
C ASP C 98 2.97 -23.04 42.94
N ALA C 99 2.78 -24.01 42.06
CA ALA C 99 3.69 -24.20 40.94
C ALA C 99 2.94 -24.09 39.61
N PRO C 100 3.02 -22.92 38.97
CA PRO C 100 2.27 -22.67 37.73
C PRO C 100 3.05 -23.13 36.52
N SER C 101 2.35 -23.32 35.40
CA SER C 101 3.00 -23.61 34.13
C SER C 101 3.51 -22.32 33.48
N LYS C 102 4.76 -22.32 33.06
CA LYS C 102 5.37 -21.12 32.51
C LYS C 102 5.86 -21.35 31.09
N HIS C 103 5.77 -22.59 30.63
CA HIS C 103 6.17 -22.92 29.27
C HIS C 103 5.06 -23.72 28.60
N GLY C 104 4.98 -23.65 27.27
CA GLY C 104 4.02 -24.45 26.54
C GLY C 104 2.71 -23.76 26.22
N GLU C 105 1.82 -24.50 25.55
CA GLU C 105 0.54 -23.99 25.10
C GLU C 105 -0.51 -25.08 25.06
N GLY C 106 -1.76 -24.67 25.14
CA GLY C 106 -2.86 -25.61 25.13
C GLY C 106 -3.31 -25.78 26.57
N THR C 107 -4.49 -26.36 26.75
CA THR C 107 -4.91 -26.66 28.10
C THR C 107 -4.37 -28.04 28.49
N HIS C 108 -3.94 -28.16 29.75
CA HIS C 108 -3.34 -29.40 30.24
C HIS C 108 -4.06 -29.90 31.49
N LEU C 109 -3.87 -31.17 31.80
CA LEU C 109 -4.41 -31.76 33.01
C LEU C 109 -3.57 -31.31 34.18
N ALA C 110 -4.22 -30.86 35.25
CA ALA C 110 -3.51 -30.32 36.39
C ALA C 110 -3.18 -31.42 37.40
N GLY C 111 -3.93 -32.52 37.34
CA GLY C 111 -3.77 -33.63 38.27
C GLY C 111 -4.98 -33.80 39.18
N GLU C 112 -5.03 -34.90 39.90
CA GLU C 112 -6.17 -35.19 40.76
C GLU C 112 -6.26 -34.25 41.97
N LEU C 113 -5.09 -33.91 42.52
CA LEU C 113 -5.00 -33.02 43.67
C LEU C 113 -3.94 -31.96 43.41
N PRO C 114 -4.34 -30.82 42.82
CA PRO C 114 -3.39 -29.76 42.52
C PRO C 114 -2.95 -29.06 43.81
N VAL C 115 -1.74 -28.49 43.80
CA VAL C 115 -1.20 -27.84 44.98
C VAL C 115 -1.22 -26.33 44.80
N GLY C 116 -2.03 -25.66 45.62
CA GLY C 116 -2.16 -24.22 45.55
C GLY C 116 -3.31 -23.79 46.43
N LYS C 117 -3.67 -22.52 46.37
CA LYS C 117 -4.71 -21.97 47.25
C LYS C 117 -6.03 -21.75 46.51
N PRO C 118 -7.12 -22.26 47.09
CA PRO C 118 -8.46 -22.04 46.52
C PRO C 118 -8.72 -20.56 46.29
N MET C 119 -9.15 -20.18 45.08
CA MET C 119 -9.35 -18.78 44.79
C MET C 119 -10.81 -18.40 44.91
N GLY C 120 -11.69 -19.40 44.97
CA GLY C 120 -13.12 -19.17 44.94
C GLY C 120 -13.79 -19.82 43.74
N TYR C 121 -15.00 -19.41 43.42
CA TYR C 121 -15.72 -20.03 42.30
C TYR C 121 -16.62 -18.99 41.64
N VAL C 122 -16.95 -19.25 40.37
CA VAL C 122 -17.96 -18.45 39.69
C VAL C 122 -19.13 -19.32 39.23
N LEU C 123 -20.30 -18.69 39.15
CA LEU C 123 -21.49 -19.35 38.67
C LEU C 123 -21.95 -18.75 37.33
N LEU C 124 -21.75 -19.51 36.25
CA LEU C 124 -22.07 -19.07 34.90
C LEU C 124 -23.32 -19.74 34.36
N LYS C 125 -24.32 -18.93 34.04
CA LYS C 125 -25.49 -19.41 33.32
C LYS C 125 -25.31 -19.16 31.82
N ARG C 126 -26.40 -19.22 31.08
CA ARG C 126 -26.33 -19.00 29.63
C ARG C 126 -25.95 -17.57 29.26
N GLY C 127 -24.92 -17.44 28.44
CA GLY C 127 -24.51 -16.15 27.94
C GLY C 127 -23.48 -15.49 28.83
N HIS C 128 -23.01 -16.22 29.84
CA HIS C 128 -22.04 -15.70 30.81
C HIS C 128 -20.64 -16.12 30.45
N GLN C 129 -19.67 -15.23 30.63
CA GLN C 129 -18.31 -15.49 30.23
C GLN C 129 -17.42 -15.27 31.43
N CYS C 130 -16.36 -16.06 31.57
CA CYS C 130 -15.40 -15.83 32.62
C CYS C 130 -13.97 -15.99 32.11
N LEU C 131 -13.05 -15.26 32.74
CA LEU C 131 -11.62 -15.43 32.50
C LEU C 131 -11.08 -16.71 33.17
N LEU C 132 -10.27 -17.46 32.43
CA LEU C 132 -9.54 -18.59 32.98
C LEU C 132 -8.10 -18.15 33.02
N PRO C 133 -7.68 -17.56 34.14
CA PRO C 133 -6.38 -16.91 34.26
C PRO C 133 -5.23 -17.89 34.11
N ALA C 134 -4.25 -17.52 33.29
CA ALA C 134 -3.01 -18.28 33.19
C ALA C 134 -2.43 -18.54 34.57
N GLY C 135 -2.12 -19.80 34.86
CA GLY C 135 -1.48 -20.17 36.11
C GLY C 135 -2.46 -20.61 37.17
N SER C 136 -3.74 -20.58 36.84
CA SER C 136 -4.73 -21.12 37.76
C SER C 136 -4.94 -22.56 37.39
N ALA C 137 -5.61 -23.29 38.27
CA ALA C 137 -6.15 -24.57 37.90
C ALA C 137 -7.64 -24.36 38.08
N TYR C 138 -8.43 -24.92 37.17
CA TYR C 138 -9.85 -24.68 37.20
C TYR C 138 -10.58 -25.97 36.89
N ARG C 139 -11.82 -26.04 37.35
CA ARG C 139 -12.62 -27.24 37.27
C ARG C 139 -14.06 -26.83 36.98
N PHE C 140 -14.72 -27.60 36.10
CA PHE C 140 -16.10 -27.34 35.73
C PHE C 140 -17.05 -28.27 36.48
N GLU C 141 -18.13 -27.69 37.00
CA GLU C 141 -19.22 -28.45 37.60
C GLU C 141 -20.51 -28.06 36.92
N ALA C 142 -21.15 -29.02 36.28
CA ALA C 142 -22.41 -28.76 35.61
C ALA C 142 -23.57 -29.34 36.39
N SER C 143 -24.60 -28.53 36.65
CA SER C 143 -25.81 -29.03 37.27
C SER C 143 -26.48 -30.06 36.39
N ARG C 144 -26.99 -29.60 35.25
N ARG C 144 -26.97 -29.60 35.25
CA ARG C 144 -27.51 -30.49 34.23
CA ARG C 144 -27.50 -30.49 34.23
C ARG C 144 -26.53 -30.46 33.06
C ARG C 144 -26.50 -30.46 33.08
N PRO C 145 -26.71 -31.33 32.07
CA PRO C 145 -25.86 -31.19 30.88
C PRO C 145 -26.02 -29.81 30.21
N GLY C 146 -24.89 -29.26 29.77
CA GLY C 146 -24.87 -27.96 29.13
C GLY C 146 -23.72 -27.85 28.15
N VAL C 147 -23.48 -26.63 27.67
CA VAL C 147 -22.44 -26.43 26.66
C VAL C 147 -21.50 -25.29 27.02
N ILE C 148 -20.21 -25.55 26.84
CA ILE C 148 -19.19 -24.53 27.08
C ILE C 148 -18.41 -24.31 25.80
N LEU C 149 -18.25 -23.04 25.44
CA LEU C 149 -17.36 -22.63 24.38
C LEU C 149 -16.07 -22.18 25.05
N GLN C 150 -14.94 -22.75 24.64
CA GLN C 150 -13.66 -22.38 25.24
C GLN C 150 -12.65 -21.88 24.22
N GLN C 151 -12.16 -20.66 24.45
CA GLN C 151 -11.18 -20.04 23.58
C GLN C 151 -9.78 -20.27 24.12
N THR C 152 -9.05 -21.16 23.45
CA THR C 152 -7.75 -21.63 23.88
C THR C 152 -6.92 -22.08 22.69
N ILE C 153 -5.76 -22.64 22.97
CA ILE C 153 -4.83 -23.07 21.94
C ILE C 153 -4.83 -24.58 21.85
N LYS C 154 -4.62 -25.11 20.65
CA LYS C 154 -4.62 -26.54 20.43
C LYS C 154 -3.62 -27.24 21.36
N GLY C 155 -4.09 -28.25 22.07
CA GLY C 155 -3.21 -28.98 22.97
C GLY C 155 -3.36 -30.50 22.91
N PRO C 156 -2.85 -31.18 23.95
CA PRO C 156 -2.91 -32.63 24.14
C PRO C 156 -4.34 -33.11 24.41
N LEU C 157 -5.18 -32.26 24.98
CA LEU C 157 -6.57 -32.62 25.25
C LEU C 157 -7.52 -32.25 24.11
N SER C 158 -7.03 -31.51 23.11
CA SER C 158 -7.87 -31.09 21.98
C SER C 158 -8.20 -32.27 21.06
N VAL C 159 -9.48 -32.48 20.79
CA VAL C 159 -9.88 -33.59 19.93
C VAL C 159 -10.46 -33.13 18.58
N GLU C 160 -9.80 -33.50 17.50
CA GLU C 160 -10.30 -33.18 16.17
C GLU C 160 -11.08 -34.36 15.58
N LYS C 161 -12.33 -34.10 15.18
CA LYS C 161 -13.12 -35.11 14.50
C LYS C 161 -13.96 -34.45 13.40
N TRP C 162 -13.25 -33.72 12.55
CA TRP C 162 -13.85 -32.87 11.53
C TRP C 162 -14.87 -33.59 10.64
N ALA C 163 -14.48 -34.74 10.09
CA ALA C 163 -15.37 -35.52 9.21
C ALA C 163 -16.68 -35.93 9.88
N GLU C 164 -16.65 -36.08 11.19
CA GLU C 164 -17.85 -36.43 11.93
C GLU C 164 -18.84 -35.30 12.09
N ILE C 165 -18.36 -34.07 12.29
CA ILE C 165 -19.25 -32.96 12.67
C ILE C 165 -19.61 -31.96 11.55
N CYS C 166 -18.75 -31.92 10.54
CA CYS C 166 -18.89 -30.92 9.49
C CYS C 166 -19.66 -31.43 8.28
N LEU C 167 -20.43 -30.55 7.64
CA LEU C 167 -21.10 -30.88 6.40
C LEU C 167 -20.08 -31.30 5.37
N LYS C 168 -20.42 -32.31 4.58
CA LYS C 168 -19.53 -32.80 3.51
C LYS C 168 -19.90 -32.24 2.14
N SER D 6 -27.70 31.46 3.29
CA SER D 6 -28.79 30.58 3.68
C SER D 6 -28.91 29.40 2.73
N ASN D 7 -30.16 29.03 2.42
CA ASN D 7 -30.42 27.94 1.51
C ASN D 7 -30.79 28.46 0.12
N VAL D 8 -30.02 28.07 -0.89
CA VAL D 8 -30.26 28.48 -2.25
C VAL D 8 -31.60 27.96 -2.75
N ALA D 9 -32.46 28.85 -3.26
CA ALA D 9 -33.72 28.43 -3.84
C ALA D 9 -33.59 27.41 -4.97
N VAL D 10 -34.64 26.62 -5.15
CA VAL D 10 -34.72 25.61 -6.18
C VAL D 10 -34.43 26.26 -7.52
N ASN D 11 -33.60 25.58 -8.33
CA ASN D 11 -33.31 26.10 -9.66
C ASN D 11 -33.43 25.01 -10.70
N THR D 12 -34.56 25.00 -11.41
CA THR D 12 -34.76 24.06 -12.48
C THR D 12 -34.07 24.58 -13.74
N VAL D 13 -32.95 23.95 -14.10
CA VAL D 13 -32.11 24.42 -15.19
C VAL D 13 -32.67 24.06 -16.56
N PHE D 14 -33.08 25.07 -17.31
CA PHE D 14 -33.47 24.89 -18.70
C PHE D 14 -32.40 25.52 -19.57
N ALA D 15 -32.17 24.99 -20.77
CA ALA D 15 -31.17 25.59 -21.64
C ALA D 15 -31.85 26.48 -22.68
N SER D 16 -31.06 27.15 -23.50
CA SER D 16 -31.62 27.99 -24.54
C SER D 16 -30.59 28.18 -25.65
N LEU D 17 -31.03 28.77 -26.76
CA LEU D 17 -30.13 29.07 -27.88
C LEU D 17 -28.93 29.91 -27.44
N ASP D 18 -29.16 30.81 -26.50
CA ASP D 18 -28.15 31.76 -26.02
C ASP D 18 -27.19 31.19 -24.99
N ASN D 19 -27.64 30.17 -24.27
CA ASN D 19 -26.90 29.61 -23.15
C ASN D 19 -27.35 28.18 -22.92
N PHE D 20 -26.58 27.24 -23.46
CA PHE D 20 -26.79 25.83 -23.17
C PHE D 20 -25.46 25.22 -22.81
N ARG D 21 -25.52 24.01 -22.28
CA ARG D 21 -24.33 23.27 -21.95
C ARG D 21 -24.59 21.85 -22.34
N LYS D 22 -23.94 21.44 -23.42
CA LYS D 22 -24.11 20.10 -23.97
C LYS D 22 -23.63 19.04 -22.99
N GLY D 23 -24.34 17.92 -22.94
CA GLY D 23 -23.90 16.83 -22.09
C GLY D 23 -22.65 16.20 -22.66
N THR D 24 -22.27 15.04 -22.14
CA THR D 24 -21.07 14.36 -22.60
C THR D 24 -21.25 12.86 -22.69
N VAL D 25 -20.56 12.25 -23.66
CA VAL D 25 -20.57 10.81 -23.82
C VAL D 25 -19.17 10.31 -23.52
N GLU D 26 -19.02 9.54 -22.45
CA GLU D 26 -17.72 9.00 -22.09
C GLU D 26 -17.66 7.55 -22.53
N ILE D 27 -16.91 7.30 -23.60
CA ILE D 27 -16.79 5.95 -24.14
C ILE D 27 -15.76 5.09 -23.40
N ILE D 28 -16.23 3.99 -22.83
CA ILE D 28 -15.35 3.02 -22.20
C ILE D 28 -14.89 2.03 -23.26
N SER D 29 -15.88 1.50 -23.97
CA SER D 29 -15.65 0.58 -25.07
C SER D 29 -16.76 0.75 -26.12
N GLY D 30 -16.36 0.87 -27.39
CA GLY D 30 -17.31 0.99 -28.47
C GLY D 30 -17.13 2.33 -29.18
N GLU D 31 -18.24 2.89 -29.67
CA GLU D 31 -18.19 4.14 -30.41
C GLU D 31 -19.36 5.06 -30.11
N ALA D 32 -19.09 6.37 -30.08
CA ALA D 32 -20.11 7.38 -29.83
C ALA D 32 -21.16 7.35 -30.92
N ARG D 33 -20.73 7.07 -32.14
CA ARG D 33 -21.63 6.99 -33.29
C ARG D 33 -22.94 6.31 -32.94
N HIS D 34 -22.86 5.21 -32.21
CA HIS D 34 -24.03 4.41 -31.88
C HIS D 34 -25.05 5.10 -30.99
N TYR D 35 -24.68 6.23 -30.39
CA TYR D 35 -25.60 6.93 -29.50
C TYR D 35 -26.37 8.07 -30.17
N ALA D 36 -25.95 8.44 -31.37
CA ALA D 36 -26.65 9.45 -32.15
C ALA D 36 -26.93 10.66 -31.24
N PHE D 37 -25.86 11.15 -30.65
CA PHE D 37 -25.97 12.08 -29.56
C PHE D 37 -25.79 13.51 -30.07
N SER D 38 -26.80 14.35 -29.82
CA SER D 38 -26.75 15.75 -30.19
C SER D 38 -27.43 16.62 -29.14
N ASN D 39 -27.42 17.94 -29.37
CA ASN D 39 -28.14 18.85 -28.50
C ASN D 39 -29.04 19.82 -29.31
N ILE D 40 -30.32 19.80 -29.02
CA ILE D 40 -31.24 20.52 -29.89
C ILE D 40 -30.90 21.99 -29.98
N PHE D 41 -30.24 22.53 -28.96
CA PHE D 41 -29.88 23.94 -28.98
C PHE D 41 -28.65 24.19 -29.86
N GLU D 42 -27.68 23.28 -29.83
CA GLU D 42 -26.57 23.39 -30.78
C GLU D 42 -27.08 23.30 -32.22
N VAL D 43 -28.00 22.37 -32.44
CA VAL D 43 -28.56 22.10 -33.75
C VAL D 43 -29.32 23.32 -34.28
N ALA D 44 -30.22 23.88 -33.47
CA ALA D 44 -30.92 25.08 -33.87
C ALA D 44 -29.93 26.22 -34.11
N GLN D 45 -28.85 26.23 -33.36
CA GLN D 45 -27.86 27.30 -33.49
C GLN D 45 -27.23 27.32 -34.89
N ASN D 46 -27.06 26.14 -35.48
CA ASN D 46 -26.34 25.99 -36.73
C ASN D 46 -27.22 25.64 -37.93
N SER D 47 -28.53 25.85 -37.79
CA SER D 47 -29.46 25.52 -38.84
C SER D 47 -30.18 26.76 -39.38
N LYS D 48 -30.67 26.66 -40.61
CA LYS D 48 -31.46 27.73 -41.21
C LYS D 48 -32.81 27.77 -40.52
N PRO D 49 -33.49 28.93 -40.57
CA PRO D 49 -34.82 29.11 -39.98
C PRO D 49 -35.86 28.12 -40.51
N TYR D 50 -36.46 27.38 -39.59
CA TYR D 50 -37.49 26.39 -39.89
C TYR D 50 -37.03 25.18 -40.72
N GLU D 51 -35.72 25.05 -40.90
CA GLU D 51 -35.18 23.86 -41.50
C GLU D 51 -35.51 22.73 -40.54
N LYS D 52 -36.32 21.77 -40.99
CA LYS D 52 -36.79 20.70 -40.13
C LYS D 52 -35.70 19.62 -39.96
N VAL D 53 -34.84 19.80 -38.95
CA VAL D 53 -33.68 18.94 -38.78
C VAL D 53 -34.03 17.71 -37.94
N VAL D 54 -33.84 16.53 -38.52
CA VAL D 54 -34.13 15.27 -37.81
C VAL D 54 -33.06 15.03 -36.75
N VAL D 55 -33.48 14.88 -35.49
CA VAL D 55 -32.56 14.56 -34.41
C VAL D 55 -32.90 13.22 -33.76
N GLY D 56 -34.04 12.65 -34.14
CA GLY D 56 -34.36 11.29 -33.74
C GLY D 56 -35.15 10.58 -34.83
N LEU D 57 -34.83 9.31 -35.08
CA LEU D 57 -35.47 8.57 -36.16
C LEU D 57 -35.74 7.14 -35.73
N ASN D 58 -36.98 6.70 -35.86
CA ASN D 58 -37.38 5.39 -35.39
C ASN D 58 -38.48 4.81 -36.28
N LEU D 59 -38.09 3.91 -37.18
CA LEU D 59 -39.02 3.25 -38.09
C LEU D 59 -39.90 4.27 -38.83
N GLY D 60 -39.26 5.30 -39.36
CA GLY D 60 -39.97 6.28 -40.14
C GLY D 60 -40.53 7.43 -39.32
N TYR D 61 -40.85 7.16 -38.05
CA TYR D 61 -41.24 8.24 -37.15
C TYR D 61 -40.03 9.09 -36.80
N VAL D 62 -40.24 10.40 -36.70
CA VAL D 62 -39.15 11.32 -36.45
C VAL D 62 -39.47 12.33 -35.36
N VAL D 63 -38.40 12.91 -34.82
CA VAL D 63 -38.47 14.09 -34.01
C VAL D 63 -37.63 15.15 -34.69
N GLU D 64 -38.20 16.32 -34.97
CA GLU D 64 -37.43 17.37 -35.63
C GLU D 64 -37.15 18.57 -34.72
N THR D 65 -36.00 19.22 -34.94
CA THR D 65 -35.67 20.47 -34.27
C THR D 65 -35.74 21.61 -35.28
N LEU D 66 -36.57 22.60 -35.01
CA LEU D 66 -36.61 23.78 -35.87
C LEU D 66 -36.10 25.02 -35.14
N ARG D 67 -35.21 25.74 -35.81
CA ARG D 67 -34.86 27.08 -35.41
C ARG D 67 -36.00 28.01 -35.80
N ALA D 68 -36.77 28.47 -34.81
CA ALA D 68 -37.84 29.44 -35.10
C ALA D 68 -37.26 30.85 -35.21
N GLU D 69 -37.46 31.49 -36.36
CA GLU D 69 -36.91 32.82 -36.61
C GLU D 69 -37.65 33.47 -37.77
N GLY D 70 -38.50 34.45 -37.46
CA GLY D 70 -39.29 35.08 -38.48
C GLY D 70 -40.47 34.19 -38.80
N GLN D 71 -40.91 34.23 -40.05
CA GLN D 71 -42.13 33.52 -40.44
C GLN D 71 -41.84 32.24 -41.24
N SER D 72 -42.53 31.16 -40.88
CA SER D 72 -42.34 29.89 -41.57
C SER D 72 -43.30 29.79 -42.73
N PRO D 73 -43.04 28.84 -43.65
CA PRO D 73 -44.07 28.56 -44.65
C PRO D 73 -45.32 27.96 -44.01
N TRP D 74 -46.41 27.94 -44.76
CA TRP D 74 -47.57 27.17 -44.33
C TRP D 74 -47.20 25.70 -44.43
N PHE D 75 -47.59 24.95 -43.41
CA PHE D 75 -47.32 23.51 -43.36
C PHE D 75 -48.64 22.79 -43.22
N THR D 76 -48.64 21.51 -43.61
CA THR D 76 -49.80 20.66 -43.40
C THR D 76 -49.45 19.17 -43.48
N ALA D 77 -50.31 18.33 -42.90
CA ALA D 77 -50.10 16.88 -42.94
C ALA D 77 -51.43 16.14 -42.97
N ALA D 78 -51.39 14.85 -43.24
CA ALA D 78 -52.60 14.05 -43.31
C ALA D 78 -52.87 13.35 -41.99
N HIS D 79 -52.00 13.59 -41.01
CA HIS D 79 -52.17 13.04 -39.65
C HIS D 79 -51.80 14.12 -38.63
N ASP D 80 -52.21 13.92 -37.38
CA ASP D 80 -51.83 14.80 -36.29
C ASP D 80 -50.30 14.98 -36.19
N GLU D 81 -49.87 16.18 -35.82
CA GLU D 81 -48.48 16.44 -35.48
C GLU D 81 -48.43 17.25 -34.18
N PHE D 82 -47.26 17.35 -33.56
CA PHE D 82 -47.17 18.11 -32.32
C PHE D 82 -45.96 19.01 -32.31
N ALA D 83 -46.10 20.15 -31.65
CA ALA D 83 -44.99 21.07 -31.52
C ALA D 83 -44.79 21.36 -30.04
N ILE D 84 -43.53 21.51 -29.65
CA ILE D 84 -43.17 21.89 -28.30
C ILE D 84 -42.15 23.01 -28.40
N VAL D 85 -42.40 24.11 -27.69
CA VAL D 85 -41.41 25.18 -27.68
C VAL D 85 -40.45 24.95 -26.54
N MET D 86 -39.16 24.92 -26.88
CA MET D 86 -38.09 24.67 -25.91
C MET D 86 -37.30 25.95 -25.61
N ASP D 87 -37.49 26.96 -26.43
CA ASP D 87 -36.90 28.27 -26.22
C ASP D 87 -37.61 29.30 -27.06
N GLY D 88 -37.79 30.49 -26.51
CA GLY D 88 -38.35 31.60 -27.25
C GLY D 88 -39.87 31.70 -27.16
N GLU D 89 -40.47 32.42 -28.10
CA GLU D 89 -41.91 32.52 -28.18
C GLU D 89 -42.38 32.39 -29.61
N VAL D 90 -43.34 31.49 -29.82
CA VAL D 90 -43.83 31.21 -31.15
C VAL D 90 -45.34 31.29 -31.26
N ARG D 91 -45.77 32.04 -32.26
CA ARG D 91 -47.18 32.13 -32.59
C ARG D 91 -47.49 31.07 -33.66
N VAL D 92 -48.50 30.24 -33.43
CA VAL D 92 -48.91 29.26 -34.43
C VAL D 92 -50.28 29.61 -35.01
N GLU D 93 -50.28 29.96 -36.29
CA GLU D 93 -51.50 30.35 -36.97
C GLU D 93 -52.15 29.12 -37.62
N PHE D 94 -53.47 29.02 -37.50
CA PHE D 94 -54.18 27.84 -38.00
C PHE D 94 -55.26 28.14 -39.06
N LEU D 95 -55.22 27.35 -40.13
CA LEU D 95 -56.23 27.40 -41.17
C LEU D 95 -56.84 26.02 -41.34
N LYS D 96 -58.16 25.90 -41.27
CA LYS D 96 -58.81 24.64 -41.63
C LYS D 96 -59.04 24.53 -43.14
N LEU D 97 -58.28 23.65 -43.79
CA LEU D 97 -58.27 23.50 -45.24
C LEU D 97 -59.58 22.96 -45.81
N ASP D 98 -59.96 23.47 -46.97
CA ASP D 98 -61.14 22.95 -47.64
C ASP D 98 -60.82 21.58 -48.22
N ALA D 99 -59.65 21.47 -48.87
CA ALA D 99 -59.16 20.21 -49.42
C ALA D 99 -57.94 19.67 -48.63
N PRO D 100 -58.22 19.08 -47.45
CA PRO D 100 -57.19 18.51 -46.56
C PRO D 100 -56.48 17.35 -47.23
N SER D 101 -55.16 17.25 -47.07
CA SER D 101 -54.46 16.03 -47.49
C SER D 101 -55.09 14.82 -46.81
N LYS D 102 -55.35 13.78 -47.59
CA LYS D 102 -56.08 12.62 -47.12
C LYS D 102 -55.19 11.37 -47.05
N HIS D 103 -54.04 11.42 -47.73
CA HIS D 103 -53.16 10.27 -47.88
C HIS D 103 -51.71 10.70 -47.72
N GLY D 104 -50.85 9.75 -47.32
CA GLY D 104 -49.44 10.02 -47.15
C GLY D 104 -49.10 10.41 -45.72
N GLU D 105 -47.87 10.78 -45.48
CA GLU D 105 -47.41 11.06 -44.12
C GLU D 105 -46.32 12.08 -44.18
N GLY D 106 -46.01 12.68 -43.05
CA GLY D 106 -44.98 13.70 -42.98
C GLY D 106 -45.52 15.07 -43.35
N THR D 107 -44.85 16.11 -42.89
CA THR D 107 -45.34 17.44 -43.16
C THR D 107 -45.01 17.89 -44.59
N HIS D 108 -45.98 18.54 -45.23
CA HIS D 108 -45.82 19.04 -46.59
C HIS D 108 -46.09 20.53 -46.67
N LEU D 109 -45.51 21.17 -47.67
CA LEU D 109 -45.79 22.57 -47.95
C LEU D 109 -47.25 22.73 -48.37
N ALA D 110 -47.98 23.62 -47.69
CA ALA D 110 -49.40 23.80 -47.96
C ALA D 110 -49.65 24.78 -49.12
N GLY D 111 -48.58 25.41 -49.60
CA GLY D 111 -48.68 26.46 -50.60
C GLY D 111 -48.90 27.83 -49.97
N GLU D 112 -48.45 28.87 -50.64
CA GLU D 112 -48.45 30.22 -50.06
C GLU D 112 -49.85 30.78 -49.79
N LEU D 113 -50.87 30.25 -50.45
CA LEU D 113 -52.22 30.75 -50.25
C LEU D 113 -53.21 29.66 -49.91
N PRO D 114 -53.00 29.03 -48.73
CA PRO D 114 -53.88 27.97 -48.26
C PRO D 114 -55.33 28.38 -48.47
N VAL D 115 -56.17 27.43 -48.87
CA VAL D 115 -57.58 27.71 -49.02
C VAL D 115 -58.39 27.11 -47.88
N GLY D 116 -58.92 27.95 -47.00
CA GLY D 116 -59.83 27.50 -45.96
C GLY D 116 -60.19 28.56 -44.91
N LYS D 117 -60.95 28.14 -43.90
CA LYS D 117 -61.40 29.01 -42.80
C LYS D 117 -60.38 29.14 -41.69
N PRO D 118 -59.89 30.37 -41.43
CA PRO D 118 -58.92 30.55 -40.35
C PRO D 118 -59.51 30.07 -39.02
N MET D 119 -58.70 29.40 -38.19
CA MET D 119 -59.20 28.84 -36.93
C MET D 119 -58.72 29.64 -35.73
N GLY D 120 -57.92 30.68 -36.00
CA GLY D 120 -57.32 31.47 -34.95
C GLY D 120 -55.87 31.06 -34.72
N TYR D 121 -55.25 31.62 -33.68
CA TYR D 121 -53.85 31.31 -33.43
C TYR D 121 -53.61 30.91 -31.98
N VAL D 122 -52.40 30.44 -31.73
CA VAL D 122 -52.00 30.08 -30.38
C VAL D 122 -50.62 30.64 -30.13
N LEU D 123 -50.40 31.06 -28.88
CA LEU D 123 -49.15 31.67 -28.45
C LEU D 123 -48.36 30.77 -27.53
N LEU D 124 -47.26 30.23 -28.06
CA LEU D 124 -46.44 29.28 -27.30
C LEU D 124 -45.16 29.90 -26.77
N LYS D 125 -44.98 29.80 -25.46
CA LYS D 125 -43.70 30.14 -24.82
C LYS D 125 -42.97 28.87 -24.40
N ARG D 126 -41.73 29.02 -23.92
CA ARG D 126 -40.94 27.87 -23.50
C ARG D 126 -41.72 26.88 -22.65
N GLY D 127 -41.69 25.61 -23.06
CA GLY D 127 -42.30 24.54 -22.30
C GLY D 127 -43.74 24.31 -22.70
N HIS D 128 -44.20 25.06 -23.69
CA HIS D 128 -45.56 24.92 -24.20
C HIS D 128 -45.65 23.99 -25.42
N GLN D 129 -46.72 23.19 -25.43
CA GLN D 129 -46.99 22.23 -26.51
C GLN D 129 -48.35 22.53 -27.13
N CYS D 130 -48.50 22.21 -28.41
CA CYS D 130 -49.81 22.27 -29.04
C CYS D 130 -49.98 21.17 -30.04
N LEU D 131 -51.24 20.76 -30.20
CA LEU D 131 -51.67 19.93 -31.31
C LEU D 131 -51.64 20.71 -32.62
N LEU D 132 -51.05 20.11 -33.64
CA LEU D 132 -51.19 20.59 -35.01
C LEU D 132 -52.09 19.56 -35.68
N PRO D 133 -53.42 19.81 -35.65
CA PRO D 133 -54.41 18.78 -36.00
C PRO D 133 -54.34 18.38 -37.48
N ALA D 134 -54.46 17.09 -37.75
CA ALA D 134 -54.60 16.58 -39.13
C ALA D 134 -55.68 17.35 -39.88
N GLY D 135 -55.32 17.88 -41.03
CA GLY D 135 -56.27 18.57 -41.90
C GLY D 135 -56.16 20.07 -41.85
N SER D 136 -55.31 20.60 -40.97
CA SER D 136 -55.13 22.04 -40.88
C SER D 136 -53.86 22.49 -41.59
N ALA D 137 -53.79 23.77 -41.92
CA ALA D 137 -52.56 24.36 -42.36
C ALA D 137 -52.09 25.18 -41.17
N TYR D 138 -50.79 25.23 -40.93
CA TYR D 138 -50.29 25.95 -39.77
C TYR D 138 -48.98 26.64 -40.11
N ARG D 139 -48.70 27.74 -39.42
CA ARG D 139 -47.56 28.58 -39.73
C ARG D 139 -46.93 29.05 -38.41
N PHE D 140 -45.62 29.25 -38.42
CA PHE D 140 -44.90 29.70 -37.22
C PHE D 140 -44.37 31.11 -37.44
N GLU D 141 -44.54 31.99 -36.44
CA GLU D 141 -43.84 33.27 -36.43
C GLU D 141 -43.12 33.54 -35.08
N ALA D 142 -41.90 34.07 -35.17
CA ALA D 142 -41.13 34.35 -33.97
C ALA D 142 -40.36 35.68 -34.10
N SER D 143 -40.47 36.52 -33.07
CA SER D 143 -39.80 37.83 -33.06
C SER D 143 -38.33 37.67 -32.74
N ARG D 144 -38.06 36.82 -31.76
CA ARG D 144 -36.70 36.49 -31.36
C ARG D 144 -36.40 35.04 -31.73
N PRO D 145 -35.13 34.72 -31.99
CA PRO D 145 -34.74 33.35 -32.28
C PRO D 145 -35.22 32.39 -31.18
N GLY D 146 -35.84 31.30 -31.60
CA GLY D 146 -36.37 30.31 -30.68
C GLY D 146 -36.17 28.90 -31.19
N VAL D 147 -36.73 27.92 -30.49
CA VAL D 147 -36.49 26.51 -30.79
C VAL D 147 -37.78 25.69 -30.70
N ILE D 148 -38.13 25.00 -31.78
CA ILE D 148 -39.28 24.10 -31.76
C ILE D 148 -38.86 22.63 -31.93
N LEU D 149 -39.48 21.76 -31.14
CA LEU D 149 -39.36 20.32 -31.33
C LEU D 149 -40.66 19.83 -31.95
N GLN D 150 -40.57 19.18 -33.10
CA GLN D 150 -41.77 18.71 -33.77
C GLN D 150 -41.82 17.19 -33.79
N GLN D 151 -42.93 16.63 -33.33
CA GLN D 151 -43.14 15.20 -33.36
C GLN D 151 -43.95 14.88 -34.60
N THR D 152 -43.34 14.21 -35.55
CA THR D 152 -43.95 13.93 -36.84
C THR D 152 -43.32 12.71 -37.53
N ILE D 153 -43.61 12.54 -38.81
CA ILE D 153 -43.13 11.40 -39.57
C ILE D 153 -42.18 11.89 -40.67
N LYS D 154 -41.18 11.08 -41.02
CA LYS D 154 -40.22 11.52 -42.03
C LYS D 154 -40.95 11.88 -43.31
N GLY D 155 -40.68 13.07 -43.84
CA GLY D 155 -41.34 13.52 -45.06
C GLY D 155 -40.40 14.30 -45.95
N PRO D 156 -40.95 14.91 -47.02
CA PRO D 156 -40.13 15.61 -48.02
C PRO D 156 -39.38 16.82 -47.46
N LEU D 157 -39.87 17.38 -46.37
CA LEU D 157 -39.20 18.52 -45.73
C LEU D 157 -38.14 18.11 -44.68
N SER D 158 -38.20 16.88 -44.17
CA SER D 158 -37.26 16.44 -43.13
C SER D 158 -35.82 16.35 -43.63
N VAL D 159 -34.91 16.98 -42.88
CA VAL D 159 -33.50 17.03 -43.26
C VAL D 159 -32.58 16.21 -42.34
N GLU D 160 -32.01 15.13 -42.87
CA GLU D 160 -31.03 14.31 -42.14
C GLU D 160 -29.62 14.83 -42.36
N LYS D 161 -28.89 15.06 -41.28
CA LYS D 161 -27.47 15.42 -41.40
C LYS D 161 -26.68 14.90 -40.20
N TRP D 162 -26.93 13.63 -39.90
CA TRP D 162 -26.34 12.93 -38.76
C TRP D 162 -24.86 13.21 -38.52
N ALA D 163 -24.08 13.08 -39.58
CA ALA D 163 -22.64 13.30 -39.50
C ALA D 163 -22.25 14.71 -39.08
N GLU D 164 -23.17 15.66 -39.21
CA GLU D 164 -22.91 17.06 -38.85
C GLU D 164 -23.32 17.39 -37.42
N ILE D 165 -24.36 16.71 -36.92
CA ILE D 165 -24.94 17.10 -35.65
C ILE D 165 -24.60 16.18 -34.48
N CYS D 166 -24.30 14.92 -34.77
CA CYS D 166 -24.00 13.94 -33.72
C CYS D 166 -22.52 13.74 -33.46
N LEU D 167 -22.22 13.31 -32.25
CA LEU D 167 -20.86 12.99 -31.87
C LEU D 167 -20.37 11.81 -32.70
N LYS D 168 -19.12 11.91 -33.14
CA LYS D 168 -18.51 10.82 -33.86
C LYS D 168 -17.12 10.60 -33.30
N ASP E 16 53.42 10.09 21.19
CA ASP E 16 54.17 8.85 21.36
C ASP E 16 54.75 8.30 20.04
N ASP E 17 55.62 7.31 20.14
CA ASP E 17 56.32 6.75 18.99
C ASP E 17 55.43 5.83 18.14
N VAL E 18 55.17 6.25 16.92
CA VAL E 18 54.35 5.48 15.99
C VAL E 18 55.13 4.34 15.30
N GLN E 19 54.58 3.13 15.32
CA GLN E 19 55.11 1.98 14.62
C GLN E 19 54.60 1.92 13.19
N ALA E 20 55.43 2.30 12.23
CA ALA E 20 55.04 2.32 10.83
C ALA E 20 56.06 1.60 9.96
N SER E 21 55.58 0.97 8.90
CA SER E 21 56.42 0.25 7.96
C SER E 21 56.87 1.15 6.81
N PRO E 22 57.83 0.66 6.00
CA PRO E 22 58.16 1.31 4.72
C PRO E 22 56.94 1.30 3.82
N PRO E 23 56.84 2.29 2.92
CA PRO E 23 55.78 2.29 1.91
C PRO E 23 55.78 0.92 1.25
N HIS E 24 54.60 0.38 0.97
CA HIS E 24 54.49 -0.92 0.34
C HIS E 24 54.86 -0.78 -1.14
N ALA E 25 55.61 -1.76 -1.66
CA ALA E 25 56.15 -1.69 -3.03
C ALA E 25 55.10 -1.45 -4.11
N VAL E 26 53.94 -2.08 -3.97
CA VAL E 26 52.89 -1.91 -4.98
C VAL E 26 51.95 -0.74 -4.66
N THR E 27 51.37 -0.75 -3.46
CA THR E 27 50.29 0.17 -3.15
C THR E 27 50.78 1.56 -2.82
N GLY E 28 51.97 1.64 -2.24
CA GLY E 28 52.56 2.93 -1.89
C GLY E 28 52.22 3.37 -0.48
N TYR E 29 51.51 2.53 0.26
CA TYR E 29 51.08 2.88 1.61
C TYR E 29 51.87 2.13 2.67
N ARG E 30 51.95 2.72 3.85
CA ARG E 30 52.57 2.10 5.02
C ARG E 30 51.53 1.35 5.85
N SER E 31 51.89 0.19 6.37
CA SER E 31 51.05 -0.45 7.36
C SER E 31 51.42 0.08 8.73
N PHE E 32 50.53 -0.05 9.70
CA PHE E 32 50.79 0.45 11.06
C PHE E 32 50.51 -0.61 12.11
N GLN E 33 51.25 -0.52 13.21
CA GLN E 33 51.06 -1.41 14.33
C GLN E 33 50.65 -0.59 15.53
N LEU E 34 49.63 -1.07 16.24
CA LEU E 34 49.19 -0.42 17.46
C LEU E 34 48.87 -1.55 18.40
N GLY E 35 49.72 -1.73 19.41
CA GLY E 35 49.62 -2.90 20.27
C GLY E 35 49.48 -4.09 19.36
N ALA E 36 48.43 -4.88 19.56
CA ALA E 36 48.30 -6.12 18.81
C ALA E 36 47.56 -5.96 17.50
N PHE E 37 47.15 -4.72 17.18
CA PHE E 37 46.42 -4.46 15.94
C PHE E 37 47.38 -4.17 14.81
N GLU E 38 47.04 -4.63 13.61
CA GLU E 38 47.75 -4.21 12.42
C GLU E 38 46.80 -3.50 11.48
N LEU E 39 47.16 -2.26 11.14
CA LEU E 39 46.38 -1.48 10.20
C LEU E 39 47.10 -1.27 8.86
N SER E 40 46.51 -1.76 7.77
CA SER E 40 47.04 -1.52 6.44
C SER E 40 45.92 -1.16 5.49
N ARG E 41 46.26 -0.59 4.34
CA ARG E 41 45.27 -0.28 3.32
C ARG E 41 45.80 -0.61 1.94
N ASP E 42 44.90 -0.94 1.03
CA ASP E 42 45.26 -1.14 -0.36
C ASP E 42 44.50 -0.16 -1.24
N GLU E 43 44.24 -0.56 -2.48
CA GLU E 43 43.60 0.34 -3.43
C GLU E 43 42.13 0.61 -3.11
N TYR E 44 41.50 -0.30 -2.38
CA TYR E 44 40.09 -0.17 -2.05
C TYR E 44 39.75 -0.23 -0.56
N PHE E 45 40.53 -0.96 0.23
CA PHE E 45 40.15 -1.22 1.62
C PHE E 45 41.20 -0.88 2.67
N ALA E 46 40.73 -0.34 3.79
CA ALA E 46 41.47 -0.41 5.02
C ALA E 46 41.30 -1.83 5.56
N ARG E 47 42.36 -2.37 6.15
CA ARG E 47 42.29 -3.70 6.70
C ARG E 47 42.85 -3.73 8.10
N ILE E 48 42.10 -4.33 9.02
CA ILE E 48 42.49 -4.40 10.42
C ILE E 48 42.66 -5.84 10.81
N THR E 49 43.79 -6.18 11.40
CA THR E 49 43.98 -7.52 11.93
C THR E 49 44.17 -7.48 13.44
N TRP E 50 43.88 -8.61 14.11
CA TRP E 50 43.97 -8.70 15.55
C TRP E 50 43.94 -10.17 15.97
N PRO E 51 44.57 -10.49 17.10
CA PRO E 51 44.61 -11.86 17.62
C PRO E 51 43.29 -12.26 18.28
N ALA E 52 42.83 -13.48 18.04
CA ALA E 52 41.66 -14.02 18.72
C ALA E 52 41.59 -15.56 18.63
N LYS E 53 41.68 -16.23 19.78
CA LYS E 53 41.69 -17.69 19.82
C LYS E 53 42.80 -18.31 18.95
N GLY E 54 44.01 -17.81 19.10
CA GLY E 54 45.16 -18.42 18.43
C GLY E 54 45.32 -18.07 16.96
N GLU E 55 44.33 -17.43 16.37
CA GLU E 55 44.44 -17.05 14.98
C GLU E 55 44.38 -15.53 14.81
N THR E 56 44.98 -15.06 13.73
CA THR E 56 44.89 -13.68 13.35
C THR E 56 43.57 -13.44 12.63
N ARG E 57 42.78 -12.48 13.12
CA ARG E 57 41.50 -12.20 12.51
C ARG E 57 41.60 -10.93 11.63
N SER E 58 40.80 -10.86 10.58
CA SER E 58 40.85 -9.69 9.70
C SER E 58 39.49 -9.10 9.42
N HIS E 59 39.50 -7.85 8.96
CA HIS E 59 38.27 -7.18 8.58
C HIS E 59 38.54 -6.03 7.60
N LEU E 60 37.75 -5.96 6.55
CA LEU E 60 37.92 -4.93 5.54
C LEU E 60 36.89 -3.83 5.71
N ILE E 61 37.34 -2.59 5.52
CA ILE E 61 36.46 -1.45 5.43
C ILE E 61 36.89 -0.60 4.23
N PRO E 62 35.93 -0.28 3.34
CA PRO E 62 36.21 0.59 2.19
C PRO E 62 36.95 1.85 2.63
N ALA E 63 37.99 2.24 1.90
CA ALA E 63 38.95 3.25 2.34
C ALA E 63 38.33 4.60 2.59
N ASP E 64 37.34 4.98 1.78
CA ASP E 64 36.69 6.27 2.02
C ASP E 64 35.89 6.23 3.33
N ILE E 65 35.10 5.19 3.54
CA ILE E 65 34.36 5.02 4.79
C ILE E 65 35.31 5.06 5.99
N PHE E 66 36.40 4.30 5.90
CA PHE E 66 37.40 4.26 6.96
C PHE E 66 38.00 5.60 7.28
N LEU E 67 38.42 6.32 6.24
CA LEU E 67 39.06 7.63 6.44
C LEU E 67 38.11 8.67 7.03
N ARG E 68 36.87 8.73 6.54
CA ARG E 68 35.92 9.69 7.10
C ARG E 68 35.75 9.41 8.59
N ALA E 69 35.66 8.14 8.94
CA ALA E 69 35.44 7.75 10.33
C ALA E 69 36.61 8.14 11.22
N MET E 70 37.82 7.81 10.78
CA MET E 70 39.00 8.06 11.60
C MET E 70 39.23 9.55 11.69
N MET E 71 38.90 10.25 10.61
CA MET E 71 39.00 11.69 10.59
C MET E 71 38.13 12.29 11.68
N ARG E 72 36.93 11.75 11.89
CA ARG E 72 36.08 12.27 12.94
C ARG E 72 36.69 11.93 14.30
N ASP E 73 37.13 10.69 14.47
CA ASP E 73 37.67 10.25 15.75
C ASP E 73 38.86 11.11 16.18
N VAL E 74 39.66 11.52 15.21
CA VAL E 74 40.85 12.32 15.50
C VAL E 74 40.47 13.75 15.81
N ALA E 75 39.54 14.29 15.03
CA ALA E 75 39.14 15.68 15.17
C ALA E 75 38.37 15.88 16.47
N TRP E 76 37.67 14.84 16.91
CA TRP E 76 36.82 14.92 18.10
C TRP E 76 37.58 14.52 19.37
N GLY E 77 38.83 14.11 19.24
CA GLY E 77 39.59 13.66 20.38
C GLY E 77 38.96 12.42 20.98
N PHE E 78 38.39 11.59 20.11
CA PHE E 78 37.73 10.34 20.49
C PHE E 78 36.37 10.55 21.17
N PHE E 79 35.89 11.79 21.16
CA PHE E 79 34.51 12.06 21.51
C PHE E 79 34.18 11.53 22.90
N TYR E 80 32.99 10.94 23.04
CA TYR E 80 32.53 10.33 24.30
C TYR E 80 31.96 9.00 23.91
N GLY E 81 31.87 8.09 24.87
CA GLY E 81 31.24 6.80 24.59
C GLY E 81 31.89 6.05 23.43
N TRP E 82 31.07 5.39 22.62
CA TRP E 82 31.58 4.50 21.59
C TRP E 82 31.46 5.10 20.19
N VAL E 83 32.61 5.28 19.53
CA VAL E 83 32.62 5.75 18.15
C VAL E 83 32.88 4.54 17.23
N ASN E 84 31.86 4.13 16.49
CA ASN E 84 31.97 2.94 15.68
C ASN E 84 32.20 3.27 14.22
N PHE E 85 33.30 2.72 13.68
CA PHE E 85 33.67 2.91 12.29
C PHE E 85 32.70 2.13 11.47
N ASP E 86 32.31 0.99 12.02
CA ASP E 86 31.33 0.11 11.42
C ASP E 86 30.98 -0.92 12.48
N HIS E 87 30.25 -1.95 12.12
N HIS E 87 30.26 -1.95 12.06
CA HIS E 87 29.74 -2.88 13.13
CA HIS E 87 29.72 -2.99 12.95
C HIS E 87 30.80 -3.80 13.72
C HIS E 87 30.79 -3.80 13.69
N VAL E 88 32.05 -3.62 13.32
CA VAL E 88 33.14 -4.40 13.89
C VAL E 88 34.14 -3.53 14.64
N ILE E 89 34.54 -2.42 14.04
CA ILE E 89 35.66 -1.62 14.53
C ILE E 89 35.25 -0.32 15.20
N GLY E 90 35.84 -0.02 16.35
CA GLY E 90 35.46 1.15 17.10
C GLY E 90 36.35 1.50 18.27
N THR E 91 36.12 2.66 18.85
CA THR E 91 36.85 3.10 20.02
C THR E 91 35.90 3.55 21.12
N ARG E 92 36.35 3.45 22.35
CA ARG E 92 35.55 3.90 23.48
C ARG E 92 36.47 4.83 24.19
N ASN E 93 36.07 6.08 24.34
CA ASN E 93 36.92 7.02 25.02
C ASN E 93 36.73 6.84 26.52
N TYR E 94 37.85 6.65 27.20
CA TYR E 94 37.88 6.54 28.65
C TYR E 94 38.56 7.77 29.28
N TYR E 95 38.63 8.84 28.49
CA TYR E 95 39.15 10.12 28.99
C TYR E 95 40.56 10.16 29.60
N GLY E 96 41.52 9.64 28.85
CA GLY E 96 42.92 9.58 29.27
C GLY E 96 43.49 8.32 28.66
N LYS E 97 42.63 7.33 28.59
CA LYS E 97 42.87 6.06 27.92
C LYS E 97 41.76 5.82 26.88
N VAL E 98 42.09 5.15 25.78
CA VAL E 98 41.08 4.82 24.78
C VAL E 98 41.17 3.35 24.39
N ASP E 99 40.04 2.63 24.49
CA ASP E 99 39.96 1.27 24.00
C ASP E 99 39.85 1.25 22.48
N LEU E 100 40.68 0.44 21.81
CA LEU E 100 40.43 0.08 20.42
C LEU E 100 39.91 -1.34 20.42
N TYR E 101 38.76 -1.56 19.80
CA TYR E 101 38.13 -2.87 19.77
C TYR E 101 37.71 -3.33 18.39
N ALA E 102 37.64 -4.65 18.22
CA ALA E 102 37.17 -5.27 16.98
C ALA E 102 36.17 -6.34 17.34
N GLY E 103 34.89 -6.07 17.10
CA GLY E 103 33.84 -7.05 17.32
C GLY E 103 33.41 -7.14 18.78
N THR E 104 34.09 -6.41 19.64
CA THR E 104 33.82 -6.56 21.06
C THR E 104 32.38 -6.18 21.39
N PHE E 105 31.87 -5.18 20.70
CA PHE E 105 30.50 -4.75 20.96
C PHE E 105 29.58 -5.19 19.85
N ASN E 106 29.80 -6.43 19.42
CA ASN E 106 29.05 -7.04 18.35
C ASN E 106 28.57 -8.42 18.80
N GLY E 107 27.33 -8.48 19.24
CA GLY E 107 26.75 -9.71 19.76
C GLY E 107 27.31 -10.98 19.16
N THR E 108 27.35 -11.03 17.83
CA THR E 108 27.69 -12.28 17.16
C THR E 108 29.19 -12.60 17.24
N LEU E 109 30.02 -11.61 17.01
CA LEU E 109 31.46 -11.81 17.11
C LEU E 109 31.85 -12.11 18.56
N LYS E 110 31.23 -11.38 19.48
CA LYS E 110 31.50 -11.52 20.91
C LYS E 110 31.13 -12.93 21.40
N ALA E 111 29.92 -13.38 21.09
CA ALA E 111 29.49 -14.72 21.45
C ALA E 111 30.40 -15.81 20.87
N ALA E 112 31.01 -15.56 19.72
CA ALA E 112 31.92 -16.55 19.12
C ALA E 112 33.36 -16.37 19.62
N GLY E 113 33.57 -15.39 20.49
CA GLY E 113 34.88 -15.12 21.04
C GLY E 113 35.97 -14.86 20.01
N VAL E 114 35.64 -14.13 18.95
CA VAL E 114 36.64 -13.74 17.94
C VAL E 114 36.96 -12.25 18.01
N ASN E 115 36.44 -11.59 19.04
CA ASN E 115 36.68 -10.18 19.23
C ASN E 115 38.01 -9.94 19.95
N TYR E 116 38.52 -8.72 19.84
CA TYR E 116 39.66 -8.30 20.64
C TYR E 116 39.56 -6.81 21.00
N THR E 117 39.95 -6.47 22.22
CA THR E 117 40.02 -5.07 22.65
C THR E 117 41.38 -4.81 23.28
N GLU E 118 41.94 -3.62 23.08
CA GLU E 118 43.18 -3.25 23.74
C GLU E 118 43.15 -1.78 24.13
N ASN E 119 43.70 -1.46 25.30
CA ASN E 119 43.64 -0.10 25.85
C ASN E 119 44.90 0.70 25.52
N PHE E 120 44.76 2.00 25.33
CA PHE E 120 45.89 2.82 24.90
C PHE E 120 45.90 4.20 25.57
N GLU E 121 47.09 4.70 25.86
CA GLU E 121 47.24 6.06 26.34
C GLU E 121 46.85 6.98 25.19
N THR E 122 45.91 7.89 25.43
CA THR E 122 45.38 8.71 24.35
C THR E 122 46.44 9.24 23.36
N PRO E 123 47.54 9.81 23.86
CA PRO E 123 48.48 10.41 22.92
C PRO E 123 49.09 9.41 21.92
N LEU E 124 49.29 8.16 22.32
CA LEU E 124 49.84 7.15 21.42
C LEU E 124 48.87 6.80 20.28
N ILE E 125 47.65 6.42 20.63
CA ILE E 125 46.65 6.08 19.62
C ILE E 125 46.33 7.29 18.75
N MET E 126 46.35 8.48 19.34
CA MET E 126 46.11 9.70 18.59
C MET E 126 47.22 9.95 17.58
N ALA E 127 48.46 9.71 17.98
CA ALA E 127 49.61 9.91 17.12
C ALA E 127 49.56 8.91 15.97
N THR E 128 49.29 7.66 16.31
CA THR E 128 49.13 6.63 15.29
C THR E 128 48.03 7.00 14.31
N PHE E 129 46.87 7.41 14.82
CA PHE E 129 45.75 7.78 13.94
C PHE E 129 46.07 8.96 13.01
N LYS E 130 46.68 10.01 13.54
CA LYS E 130 47.05 11.16 12.70
C LYS E 130 47.99 10.72 11.60
N ALA E 131 48.89 9.79 11.96
CA ALA E 131 49.87 9.29 11.02
C ALA E 131 49.20 8.45 9.93
N ILE E 132 48.15 7.72 10.31
CA ILE E 132 47.40 6.94 9.33
C ILE E 132 46.67 7.85 8.33
N LEU E 133 45.95 8.86 8.83
CA LEU E 133 45.28 9.80 7.96
C LEU E 133 46.28 10.43 6.98
N ARG E 134 47.39 10.89 7.52
CA ARG E 134 48.42 11.53 6.71
C ARG E 134 48.81 10.62 5.56
N ASP E 135 49.11 9.36 5.90
CA ASP E 135 49.62 8.44 4.89
C ASP E 135 48.54 7.94 3.90
N TRP E 136 47.33 7.66 4.39
CA TRP E 136 46.31 7.04 3.54
C TRP E 136 45.41 8.03 2.80
N THR E 137 45.54 9.31 3.13
CA THR E 137 44.76 10.32 2.45
C THR E 137 45.53 10.98 1.30
N ASN E 138 45.11 10.66 0.08
CA ASN E 138 45.73 11.19 -1.11
C ASN E 138 45.26 12.59 -1.36
N ALA E 139 45.95 13.29 -2.26
CA ALA E 139 45.72 14.71 -2.49
C ALA E 139 44.36 14.97 -3.11
N THR E 140 43.68 13.88 -3.45
CA THR E 140 42.49 13.94 -4.26
C THR E 140 41.24 13.71 -3.38
N PHE E 141 41.46 13.49 -2.09
CA PHE E 141 40.39 13.10 -1.17
C PHE E 141 40.40 13.87 0.15
N ASP E 142 39.29 14.51 0.47
CA ASP E 142 39.13 15.25 1.72
C ASP E 142 38.12 14.54 2.60
N PRO E 143 38.61 13.83 3.64
CA PRO E 143 37.82 13.01 4.58
C PRO E 143 36.79 13.81 5.38
N PHE E 144 36.86 15.13 5.34
CA PHE E 144 35.96 15.99 6.10
C PHE E 144 34.78 16.51 5.27
N ALA E 145 34.72 16.13 4.01
CA ALA E 145 33.71 16.65 3.09
C ALA E 145 32.74 15.57 2.64
N ALA E 146 31.58 16.00 2.16
CA ALA E 146 30.61 15.09 1.57
C ALA E 146 31.11 14.60 0.22
N PRO E 147 30.58 13.46 -0.22
CA PRO E 147 31.08 12.82 -1.44
C PRO E 147 30.98 13.72 -2.67
N GLU E 148 29.85 14.44 -2.80
N GLU E 148 29.86 14.44 -2.80
CA GLU E 148 29.64 15.35 -3.92
CA GLU E 148 29.66 15.35 -3.92
C GLU E 148 30.69 16.47 -3.96
C GLU E 148 30.69 16.48 -3.97
N GLU E 149 31.44 16.63 -2.87
CA GLU E 149 32.38 17.74 -2.74
C GLU E 149 33.83 17.36 -2.94
N THR E 150 34.11 16.07 -3.06
CA THR E 150 35.51 15.68 -3.08
C THR E 150 35.74 14.59 -4.11
N GLY E 151 36.99 14.21 -4.27
CA GLY E 151 37.33 13.11 -5.19
C GLY E 151 37.33 11.75 -4.52
N SER E 152 38.18 10.86 -5.03
CA SER E 152 38.21 9.47 -4.60
C SER E 152 39.29 9.20 -3.55
N ALA E 153 39.00 8.31 -2.60
CA ALA E 153 40.03 7.84 -1.69
C ALA E 153 40.70 6.58 -2.25
N PHE E 154 40.25 6.15 -3.42
CA PHE E 154 40.67 4.87 -3.97
C PHE E 154 41.94 4.96 -4.82
N GLY E 155 42.69 3.86 -4.85
CA GLY E 155 43.84 3.74 -5.73
C GLY E 155 45.13 3.65 -4.94
N ARG E 156 46.25 3.87 -5.62
CA ARG E 156 47.53 3.80 -4.95
C ARG E 156 47.92 5.14 -4.34
N LYS E 157 48.87 5.12 -3.41
CA LYS E 157 49.27 6.34 -2.74
C LYS E 157 49.52 7.43 -3.77
N ASN E 158 49.08 8.64 -3.47
CA ASN E 158 49.13 9.69 -4.48
C ASN E 158 49.07 11.10 -3.89
N GLY E 159 50.17 11.53 -3.30
CA GLY E 159 50.23 12.82 -2.66
C GLY E 159 49.65 12.82 -1.26
N GLU E 160 49.54 14.01 -0.70
CA GLU E 160 49.03 14.18 0.64
C GLU E 160 47.93 15.23 0.56
N ASN E 161 47.17 15.35 1.64
CA ASN E 161 46.18 16.42 1.75
C ASN E 161 46.21 17.00 3.16
N LEU E 162 47.39 17.47 3.58
CA LEU E 162 47.60 18.00 4.92
C LEU E 162 46.61 19.11 5.26
N GLU E 163 46.29 19.93 4.27
CA GLU E 163 45.40 21.06 4.49
C GLU E 163 44.01 20.61 4.91
N CYS E 164 43.60 19.42 4.50
CA CYS E 164 42.28 18.95 4.85
C CYS E 164 42.24 18.17 6.15
N ILE E 165 43.33 17.47 6.45
CA ILE E 165 43.35 16.67 7.67
C ILE E 165 43.94 17.40 8.88
N GLU E 166 44.71 18.46 8.65
CA GLU E 166 45.23 19.24 9.78
C GLU E 166 44.61 20.63 9.80
N ARG E 167 43.30 20.70 10.00
CA ARG E 167 42.68 22.00 10.08
C ARG E 167 42.96 22.61 11.47
N PHE E 168 43.70 23.70 11.47
CA PHE E 168 44.00 24.41 12.71
C PHE E 168 42.82 25.29 13.05
N ARG E 169 42.37 25.22 14.30
CA ARG E 169 41.23 26.02 14.73
C ARG E 169 41.54 26.75 16.03
N ILE E 170 41.36 28.06 16.05
CA ILE E 170 41.37 28.76 17.33
C ILE E 170 40.16 28.33 18.14
N ALA E 171 40.39 27.91 19.38
CA ALA E 171 39.30 27.51 20.26
C ALA E 171 38.42 28.70 20.61
N THR E 172 37.11 28.47 20.68
CA THR E 172 36.20 29.52 21.12
C THR E 172 36.24 29.67 22.64
N LYS E 173 36.68 30.83 23.12
CA LYS E 173 36.60 31.13 24.55
C LYS E 173 35.21 31.60 25.01
N ARG E 174 34.58 32.47 24.23
CA ARG E 174 33.29 33.02 24.60
C ARG E 174 32.29 32.95 23.45
N MET E 175 32.67 33.59 22.35
CA MET E 175 31.84 33.65 21.18
C MET E 175 32.76 34.00 20.02
N PRO E 176 32.49 33.49 18.82
CA PRO E 176 33.28 33.93 17.66
C PRO E 176 33.12 35.44 17.43
N GLY E 177 34.13 36.05 16.81
CA GLY E 177 34.02 37.45 16.44
C GLY E 177 34.53 38.43 17.48
N LEU E 178 34.58 38.01 18.73
CA LEU E 178 35.21 38.82 19.76
C LEU E 178 36.70 38.96 19.45
N GLN E 179 37.29 40.06 19.89
CA GLN E 179 38.67 40.37 19.59
C GLN E 179 39.68 39.25 19.97
N ASP E 180 39.59 38.73 21.19
CA ASP E 180 40.60 37.76 21.62
C ASP E 180 40.14 36.32 21.38
N ASP E 181 39.17 36.15 20.49
CA ASP E 181 38.45 34.89 20.36
C ASP E 181 38.54 34.31 18.95
N SER E 182 37.84 33.19 18.73
CA SER E 182 37.84 32.52 17.43
C SER E 182 37.19 33.41 16.38
N PRO E 183 37.73 33.38 15.15
CA PRO E 183 37.37 34.37 14.14
C PRO E 183 36.04 34.04 13.48
N LEU E 184 35.44 35.04 12.83
CA LEU E 184 34.30 34.78 11.94
C LEU E 184 34.85 34.20 10.64
N ARG E 185 34.00 34.05 9.63
CA ARG E 185 34.42 33.34 8.42
C ARG E 185 34.25 34.17 7.14
N ASN E 186 34.46 35.49 7.24
CA ASN E 186 34.21 36.34 6.09
C ASN E 186 35.20 36.07 4.94
N ASP E 187 36.30 35.41 5.24
CA ASP E 187 37.27 35.04 4.19
C ASP E 187 37.03 33.64 3.63
N LEU E 188 35.85 33.07 3.86
CA LEU E 188 35.53 31.75 3.29
C LEU E 188 34.34 31.76 2.33
N PRO E 189 34.41 30.95 1.29
CA PRO E 189 33.30 30.93 0.33
C PRO E 189 32.08 30.25 0.93
N VAL E 190 30.91 30.75 0.56
CA VAL E 190 29.65 30.12 0.90
C VAL E 190 29.59 28.75 0.23
N ASN E 191 29.26 27.72 1.00
CA ASN E 191 29.10 26.37 0.46
C ASN E 191 27.96 26.34 -0.56
N ARG E 192 28.11 25.55 -1.62
CA ARG E 192 27.14 25.55 -2.72
C ARG E 192 25.73 25.14 -2.30
N GLN E 193 25.60 24.43 -1.20
CA GLN E 193 24.26 24.04 -0.74
C GLN E 193 23.68 25.00 0.29
N PHE E 194 24.36 26.11 0.50
CA PHE E 194 23.81 27.19 1.32
C PHE E 194 23.81 28.49 0.52
N ALA E 195 23.96 28.39 -0.81
CA ALA E 195 24.10 29.59 -1.64
C ALA E 195 22.92 30.56 -1.56
N ASP E 196 21.81 30.11 -0.99
CA ASP E 196 20.61 30.96 -0.91
C ASP E 196 20.47 31.62 0.45
N VAL E 197 21.40 31.34 1.36
CA VAL E 197 21.32 31.88 2.72
C VAL E 197 21.78 33.35 2.81
N SER E 198 20.96 34.20 3.42
CA SER E 198 21.33 35.60 3.61
C SER E 198 22.77 35.71 4.11
N GLN E 199 23.51 36.71 3.64
CA GLN E 199 24.86 36.96 4.13
C GLN E 199 24.95 38.25 4.95
N ASP E 200 23.81 38.74 5.42
CA ASP E 200 23.79 40.00 6.15
C ASP E 200 24.14 39.81 7.60
N GLU E 201 24.98 40.70 8.11
CA GLU E 201 25.35 40.74 9.51
C GLU E 201 24.32 41.57 10.27
N PRO E 202 24.10 41.25 11.56
CA PRO E 202 23.22 42.08 12.39
C PRO E 202 23.82 43.47 12.53
N GLU E 203 23.01 44.47 12.84
CA GLU E 203 23.54 45.81 13.05
C GLU E 203 23.83 46.02 14.52
N VAL E 204 25.06 46.41 14.80
CA VAL E 204 25.46 46.79 16.15
C VAL E 204 25.61 48.31 16.29
N HIS E 205 24.82 48.90 17.19
CA HIS E 205 24.87 50.34 17.43
C HIS E 205 25.40 50.68 18.83
N ALA E 206 26.68 51.00 18.90
CA ALA E 206 27.31 51.29 20.16
C ALA E 206 27.04 52.72 20.56
N ALA E 207 26.50 52.90 21.77
CA ALA E 207 26.41 54.22 22.37
C ALA E 207 27.83 54.77 22.54
N GLU E 208 27.96 56.10 22.53
CA GLU E 208 29.25 56.75 22.67
C GLU E 208 30.05 56.25 23.87
N GLY E 209 31.32 55.96 23.64
CA GLY E 209 32.18 55.42 24.69
C GLY E 209 31.96 53.94 24.95
N PHE E 210 31.36 53.24 23.98
CA PHE E 210 31.09 51.83 24.17
C PHE E 210 31.42 50.99 22.93
N GLU E 211 32.14 51.58 21.99
CA GLU E 211 32.58 50.86 20.80
C GLU E 211 33.16 49.49 21.18
N GLY E 212 32.69 48.44 20.52
CA GLY E 212 33.23 47.11 20.72
C GLY E 212 32.93 46.49 22.07
N GLU E 213 31.91 46.99 22.74
CA GLU E 213 31.43 46.40 23.99
C GLU E 213 30.20 45.54 23.73
N LEU E 214 29.66 45.63 22.52
CA LEU E 214 28.51 44.84 22.16
C LEU E 214 28.87 43.93 21.00
N HIS E 215 28.31 42.73 21.00
CA HIS E 215 28.72 41.71 20.06
C HIS E 215 27.57 40.89 19.51
N ALA E 216 27.58 40.73 18.20
CA ALA E 216 26.54 39.97 17.51
C ALA E 216 27.05 39.63 16.12
N PHE E 217 26.83 38.40 15.68
CA PHE E 217 27.19 38.01 14.32
C PHE E 217 26.09 37.15 13.71
N SER E 218 26.19 36.88 12.42
CA SER E 218 25.19 36.01 11.81
C SER E 218 25.65 34.57 11.87
N LEU E 219 24.96 33.79 12.70
CA LEU E 219 25.25 32.38 12.83
C LEU E 219 24.93 31.59 11.54
N PHE E 220 23.83 31.91 10.86
CA PHE E 220 23.49 31.18 9.64
C PHE E 220 24.54 31.40 8.55
N LYS E 221 25.04 32.64 8.48
CA LYS E 221 26.12 33.01 7.57
C LYS E 221 27.40 32.26 7.93
N TYR E 222 27.69 32.23 9.21
CA TYR E 222 28.86 31.56 9.71
C TYR E 222 28.77 30.07 9.35
N LEU E 223 27.61 29.47 9.60
CA LEU E 223 27.41 28.06 9.23
C LEU E 223 27.48 27.88 7.71
N SER E 224 26.90 28.82 6.97
CA SER E 224 26.84 28.68 5.51
C SER E 224 28.24 28.58 4.93
N ARG E 225 29.22 29.03 5.70
CA ARG E 225 30.59 29.06 5.22
C ARG E 225 31.43 27.95 5.83
N SER E 226 30.78 26.99 6.47
CA SER E 226 31.47 25.82 7.00
C SER E 226 32.03 24.93 5.90
N ASP E 227 33.29 24.55 6.02
CA ASP E 227 33.98 23.78 4.98
C ASP E 227 34.12 22.30 5.34
N VAL E 228 33.45 21.88 6.41
CA VAL E 228 33.52 20.48 6.86
C VAL E 228 32.13 20.00 7.24
N THR E 229 31.93 18.70 7.24
CA THR E 229 30.65 18.12 7.65
C THR E 229 30.75 17.27 8.92
N TRP E 230 29.63 17.12 9.61
CA TRP E 230 29.57 16.35 10.84
C TRP E 230 30.73 16.71 11.78
N ASN E 231 30.77 18.00 12.15
CA ASN E 231 31.80 18.48 13.05
C ASN E 231 31.34 19.58 14.00
N PRO E 232 30.70 19.19 15.10
CA PRO E 232 30.24 20.14 16.10
C PRO E 232 31.38 21.08 16.51
N SER E 233 31.17 22.38 16.39
CA SER E 233 32.18 23.38 16.70
C SER E 233 31.55 24.48 17.57
N VAL E 234 32.25 24.90 18.63
CA VAL E 234 31.66 25.78 19.63
C VAL E 234 31.42 27.20 19.13
N THR E 235 30.19 27.71 19.26
CA THR E 235 29.87 29.08 18.87
C THR E 235 29.37 29.96 20.01
N SER E 236 29.16 29.38 21.19
CA SER E 236 28.88 30.19 22.37
C SER E 236 29.10 29.38 23.64
N VAL E 237 29.69 30.02 24.63
CA VAL E 237 30.04 29.38 25.89
C VAL E 237 29.30 30.02 27.06
N CYS E 238 28.47 29.24 27.73
CA CYS E 238 27.84 29.67 28.97
C CYS E 238 28.24 28.70 30.10
N LYS E 239 29.41 28.93 30.67
CA LYS E 239 30.01 27.99 31.61
C LYS E 239 30.16 26.60 30.98
N ALA E 240 29.59 25.56 31.59
CA ALA E 240 29.73 24.21 31.05
C ALA E 240 28.87 23.97 29.81
N SER E 241 27.88 24.83 29.59
CA SER E 241 26.97 24.73 28.44
C SER E 241 27.64 25.26 27.18
N LEU E 242 27.76 24.40 26.16
CA LEU E 242 28.35 24.80 24.89
C LEU E 242 27.38 24.61 23.71
N PHE E 243 27.21 25.67 22.94
CA PHE E 243 26.52 25.54 21.66
C PHE E 243 27.54 25.12 20.58
N CYS E 244 27.33 23.96 19.98
CA CYS E 244 28.30 23.43 19.00
C CYS E 244 27.64 23.09 17.68
N PRO E 245 27.26 24.12 16.90
CA PRO E 245 26.56 23.90 15.62
C PRO E 245 27.48 23.22 14.63
N THR E 246 26.91 22.61 13.60
CA THR E 246 27.68 21.94 12.57
C THR E 246 26.78 21.74 11.35
N THR E 247 27.37 21.65 10.16
CA THR E 247 26.63 21.46 8.93
C THR E 247 26.76 20.02 8.49
N GLU E 248 25.63 19.35 8.30
CA GLU E 248 25.59 17.92 8.06
C GLU E 248 25.12 17.59 6.65
N GLU E 249 25.89 16.76 5.98
CA GLU E 249 25.56 16.29 4.64
C GLU E 249 25.81 14.79 4.54
N PHE E 250 25.02 14.10 3.73
CA PHE E 250 25.15 12.66 3.59
C PHE E 250 24.92 11.91 4.90
N ILE E 251 25.85 11.04 5.25
CA ILE E 251 25.73 10.20 6.43
C ILE E 251 26.78 10.46 7.50
N LEU E 252 26.35 10.58 8.76
CA LEU E 252 27.31 10.63 9.87
C LEU E 252 28.36 9.51 9.68
N PRO E 253 29.64 9.87 9.59
CA PRO E 253 30.67 8.89 9.24
C PRO E 253 30.88 7.74 10.25
N VAL E 254 30.17 7.76 11.37
CA VAL E 254 30.24 6.70 12.35
C VAL E 254 28.85 6.48 12.88
N PHE E 255 28.60 5.35 13.51
CA PHE E 255 27.45 5.32 14.42
C PHE E 255 27.91 5.43 15.87
N HIS E 256 27.22 6.28 16.61
CA HIS E 256 27.67 6.66 17.93
C HIS E 256 26.89 5.95 19.03
N GLY E 257 27.61 5.34 19.96
CA GLY E 257 27.00 4.80 21.17
C GLY E 257 27.17 5.78 22.32
N ASN E 258 26.06 6.28 22.84
CA ASN E 258 26.07 7.36 23.83
C ASN E 258 26.55 6.97 25.24
N ASP E 259 27.04 7.93 26.02
CA ASP E 259 27.24 7.69 27.46
C ASP E 259 26.79 8.87 28.33
N ARG E 260 26.08 9.81 27.70
CA ARG E 260 25.44 10.92 28.37
C ARG E 260 24.25 11.29 27.49
N VAL E 261 23.31 12.06 28.00
CA VAL E 261 22.22 12.55 27.17
C VAL E 261 22.77 13.63 26.24
N GLU E 262 22.35 13.62 24.97
CA GLU E 262 22.70 14.69 24.04
C GLU E 262 21.46 15.44 23.62
N TRP E 263 21.62 16.72 23.28
CA TRP E 263 20.51 17.52 22.75
C TRP E 263 20.79 18.02 21.33
N PHE E 264 19.83 17.77 20.44
CA PHE E 264 19.90 18.23 19.06
C PHE E 264 18.78 19.27 18.81
N ILE E 265 19.13 20.46 18.31
CA ILE E 265 18.14 21.41 17.81
C ILE E 265 18.34 21.62 16.31
N GLN E 266 17.41 21.12 15.50
CA GLN E 266 17.57 21.18 14.06
C GLN E 266 17.23 22.61 13.54
N MET E 267 18.21 23.28 12.94
CA MET E 267 18.01 24.68 12.60
C MET E 267 17.54 24.92 11.16
N SER E 268 18.02 24.09 10.23
CA SER E 268 17.58 24.16 8.84
C SER E 268 17.36 22.78 8.26
N ASP E 269 16.45 22.68 7.29
CA ASP E 269 16.23 21.46 6.54
C ASP E 269 15.82 20.29 7.43
N GLU E 270 16.38 19.11 7.20
CA GLU E 270 16.01 17.94 8.01
C GLU E 270 17.10 16.89 8.05
N ILE E 271 17.13 16.14 9.15
CA ILE E 271 18.02 15.01 9.35
C ILE E 271 17.22 13.80 9.87
N VAL E 272 17.59 12.61 9.41
CA VAL E 272 16.96 11.40 9.94
C VAL E 272 17.91 10.58 10.83
N TRP E 273 17.44 10.25 12.02
CA TRP E 273 18.23 9.45 12.95
C TRP E 273 17.69 8.04 13.16
N ASP E 274 18.51 7.03 12.86
CA ASP E 274 18.26 5.65 13.28
C ASP E 274 18.65 5.54 14.74
N VAL E 275 17.73 5.13 15.60
CA VAL E 275 18.07 5.01 17.00
C VAL E 275 17.86 3.61 17.50
N GLY E 276 18.92 3.02 18.05
CA GLY E 276 18.85 1.66 18.54
C GLY E 276 19.49 1.42 19.89
N ASP E 277 19.44 0.16 20.29
CA ASP E 277 20.00 -0.30 21.56
C ASP E 277 21.53 -0.30 21.55
N LYS E 278 22.11 0.32 22.57
CA LYS E 278 23.56 0.44 22.67
C LYS E 278 24.20 -0.93 22.58
N ASP E 279 23.61 -1.91 23.26
CA ASP E 279 24.17 -3.26 23.21
C ASP E 279 23.46 -4.19 22.23
N ASP E 280 22.12 -4.25 22.31
CA ASP E 280 21.34 -5.14 21.45
C ASP E 280 21.40 -4.83 19.96
N GLY E 281 21.34 -3.54 19.64
CA GLY E 281 21.30 -3.08 18.27
C GLY E 281 19.84 -3.04 17.84
N ASN E 282 18.98 -3.50 18.75
CA ASN E 282 17.54 -3.54 18.53
C ASN E 282 16.99 -2.14 18.27
N PRO E 283 16.16 -2.00 17.26
CA PRO E 283 15.60 -0.70 16.90
C PRO E 283 14.75 -0.13 18.05
N ARG E 284 14.93 1.15 18.34
CA ARG E 284 14.10 1.82 19.34
C ARG E 284 13.22 2.87 18.65
N ALA E 285 13.79 3.61 17.72
CA ALA E 285 13.06 4.69 17.09
C ALA E 285 13.71 5.16 15.80
N ARG E 286 12.91 5.77 14.95
CA ARG E 286 13.40 6.45 13.76
C ARG E 286 12.94 7.91 13.83
N ILE E 287 13.87 8.80 14.09
CA ILE E 287 13.52 10.20 14.33
C ILE E 287 13.86 11.12 13.15
N THR E 288 12.84 11.82 12.64
CA THR E 288 13.02 12.79 11.58
C THR E 288 12.99 14.17 12.18
N MET E 289 14.09 14.90 12.08
CA MET E 289 14.14 16.22 12.70
C MET E 289 14.06 17.32 11.65
N ARG E 290 13.02 18.12 11.75
CA ARG E 290 12.78 19.22 10.83
C ARG E 290 13.13 20.55 11.47
N ALA E 291 13.18 21.58 10.65
CA ALA E 291 13.59 22.90 11.12
C ALA E 291 12.81 23.30 12.37
N GLY E 292 13.55 23.65 13.43
CA GLY E 292 12.94 23.99 14.70
C GLY E 292 12.77 22.85 15.70
N ASP E 293 12.96 21.61 15.28
CA ASP E 293 12.84 20.49 16.21
C ASP E 293 13.95 20.43 17.30
N VAL E 294 13.52 19.99 18.48
CA VAL E 294 14.39 19.80 19.64
C VAL E 294 14.26 18.37 20.14
N CYS E 295 15.39 17.69 20.29
CA CYS E 295 15.36 16.28 20.66
C CYS E 295 16.49 15.96 21.62
N ALA E 296 16.17 15.17 22.64
CA ALA E 296 17.14 14.60 23.56
C ALA E 296 17.48 13.19 23.10
N MET E 297 18.75 12.93 22.83
CA MET E 297 19.21 11.58 22.56
C MET E 297 19.71 10.94 23.87
N PRO E 298 19.02 9.90 24.34
CA PRO E 298 19.29 9.31 25.66
C PRO E 298 20.67 8.68 25.77
N ALA E 299 21.08 8.45 27.02
CA ALA E 299 22.43 7.97 27.29
C ALA E 299 22.59 6.47 27.02
N ASP E 300 21.48 5.78 26.70
CA ASP E 300 21.53 4.32 26.57
C ASP E 300 21.23 3.82 25.16
N ILE E 301 21.39 4.68 24.17
CA ILE E 301 21.14 4.26 22.79
C ILE E 301 22.38 4.52 21.96
N ARG E 302 22.34 4.00 20.74
CA ARG E 302 23.32 4.38 19.71
C ARG E 302 22.52 4.87 18.51
N HIS E 303 23.14 5.65 17.65
CA HIS E 303 22.40 6.28 16.58
C HIS E 303 23.30 6.74 15.45
N GLN E 304 22.72 7.08 14.30
CA GLN E 304 23.47 7.54 13.14
C GLN E 304 22.51 8.42 12.36
N GLY E 305 23.02 9.48 11.76
CA GLY E 305 22.16 10.44 11.08
C GLY E 305 22.27 10.43 9.56
N TYR E 306 21.21 10.88 8.90
CA TYR E 306 21.17 10.97 7.45
C TYR E 306 20.66 12.33 7.05
N SER E 307 21.42 13.04 6.23
CA SER E 307 21.02 14.39 5.87
C SER E 307 21.25 14.58 4.39
N THR E 308 20.16 14.51 3.62
CA THR E 308 20.30 14.55 2.17
C THR E 308 20.86 15.88 1.70
N LYS E 309 20.31 16.98 2.20
CA LYS E 309 20.87 18.28 1.91
C LYS E 309 21.70 18.77 3.09
N ARG E 310 22.86 19.37 2.81
CA ARG E 310 23.63 20.05 3.84
C ARG E 310 22.68 20.90 4.69
N SER E 311 22.61 20.57 5.98
CA SER E 311 21.69 21.22 6.91
C SER E 311 22.37 21.77 8.16
N MET E 312 21.73 22.74 8.80
CA MET E 312 22.32 23.37 9.96
C MET E 312 21.78 22.70 11.20
N LEU E 313 22.68 22.06 11.96
CA LEU E 313 22.28 21.37 13.18
C LEU E 313 22.98 21.97 14.38
N MET E 314 22.22 22.25 15.43
CA MET E 314 22.84 22.70 16.66
C MET E 314 22.99 21.53 17.62
N VAL E 315 24.23 21.19 17.97
CA VAL E 315 24.51 20.20 19.02
C VAL E 315 24.82 20.93 20.32
N TRP E 316 24.01 20.67 21.34
CA TRP E 316 24.17 21.38 22.60
C TRP E 316 24.89 20.48 23.61
N GLU E 317 26.13 20.82 23.93
CA GLU E 317 26.95 19.95 24.77
C GLU E 317 27.06 20.47 26.19
N ASN E 318 27.41 19.57 27.08
CA ASN E 318 27.61 19.87 28.49
C ASN E 318 28.98 19.38 28.93
N ALA E 319 29.91 20.31 29.12
CA ALA E 319 31.30 19.97 29.36
C ALA E 319 31.67 19.76 30.84
N THR E 320 30.66 19.42 31.65
CA THR E 320 30.88 19.13 33.07
C THR E 320 31.65 17.80 33.28
N PRO E 321 32.79 17.87 33.98
CA PRO E 321 33.74 16.75 34.10
C PRO E 321 33.21 15.45 34.71
N ASN E 322 32.30 15.52 35.69
CA ASN E 322 31.90 14.29 36.39
C ASN E 322 30.65 13.61 35.83
N LEU E 323 30.30 13.93 34.59
CA LEU E 323 29.13 13.32 33.94
C LEU E 323 29.11 11.79 34.00
N PRO E 324 30.22 11.13 33.63
CA PRO E 324 30.20 9.66 33.72
C PRO E 324 29.82 9.19 35.12
N HIS E 325 30.40 9.81 36.15
CA HIS E 325 30.00 9.50 37.52
C HIS E 325 28.49 9.66 37.74
N LEU E 326 27.94 10.81 37.33
CA LEU E 326 26.51 11.06 37.52
C LEU E 326 25.63 9.99 36.90
N TYR E 327 25.98 9.53 35.69
CA TYR E 327 25.18 8.51 35.00
C TYR E 327 25.34 7.13 35.63
N GLU E 328 26.58 6.76 35.95
CA GLU E 328 26.86 5.51 36.65
C GLU E 328 26.21 5.43 38.04
N SER E 329 26.25 6.53 38.79
CA SER E 329 25.66 6.62 40.14
C SER E 329 24.16 6.49 40.17
N GLY E 330 23.50 6.88 39.10
CA GLY E 330 22.06 6.93 39.09
C GLY E 330 21.53 8.32 39.40
N GLU E 331 22.44 9.29 39.51
CA GLU E 331 22.05 10.67 39.76
C GLU E 331 21.40 11.25 38.51
N LEU E 332 21.86 10.80 37.35
CA LEU E 332 21.22 11.16 36.10
C LEU E 332 20.69 9.92 35.41
N LYS E 333 19.40 9.92 35.09
CA LYS E 333 18.80 8.81 34.36
C LYS E 333 19.23 8.82 32.88
N PRO E 334 19.08 7.67 32.20
CA PRO E 334 19.41 7.54 30.77
C PRO E 334 18.69 8.58 29.91
N TYR E 335 17.49 8.99 30.32
CA TYR E 335 16.74 10.04 29.61
C TYR E 335 16.43 11.18 30.56
N PRO E 336 16.54 12.41 30.08
CA PRO E 336 16.63 13.63 30.90
C PRO E 336 15.36 14.00 31.69
N ILE E 337 14.17 13.74 31.17
CA ILE E 337 12.97 14.30 31.77
C ILE E 337 11.83 13.32 32.02
N GLU E 338 11.35 13.28 33.26
CA GLU E 338 10.15 12.50 33.64
C GLU E 338 8.88 13.34 33.55
N PHE E 339 7.94 12.93 32.69
CA PHE E 339 6.70 13.67 32.49
C PHE E 339 5.66 12.81 31.80
N ASP F 16 4.53 -5.72 -17.80
CA ASP F 16 3.44 -5.32 -16.92
C ASP F 16 3.35 -3.80 -16.79
N ASP F 17 2.31 -3.34 -16.10
CA ASP F 17 2.04 -1.92 -15.94
C ASP F 17 2.60 -1.34 -14.65
N VAL F 18 3.74 -0.67 -14.77
CA VAL F 18 4.40 -0.05 -13.64
C VAL F 18 3.62 1.13 -13.08
N GLN F 19 3.65 1.27 -11.76
CA GLN F 19 3.00 2.38 -11.08
C GLN F 19 4.03 3.45 -10.75
N ALA F 20 4.13 4.46 -11.61
CA ALA F 20 5.11 5.53 -11.40
C ALA F 20 4.46 6.90 -11.19
N SER F 21 5.12 7.75 -10.40
CA SER F 21 4.71 9.14 -10.25
C SER F 21 5.28 9.98 -11.38
N PRO F 22 4.87 11.25 -11.45
CA PRO F 22 5.56 12.19 -12.34
C PRO F 22 6.94 12.48 -11.75
N PRO F 23 7.85 13.09 -12.52
CA PRO F 23 9.13 13.45 -11.93
C PRO F 23 8.96 14.45 -10.79
N HIS F 24 9.69 14.24 -9.70
CA HIS F 24 9.67 15.15 -8.58
C HIS F 24 10.15 16.56 -8.96
N ALA F 25 9.43 17.58 -8.49
CA ALA F 25 9.75 18.95 -8.87
C ALA F 25 11.21 19.36 -8.60
N VAL F 26 11.79 18.86 -7.52
CA VAL F 26 13.18 19.21 -7.18
C VAL F 26 14.20 18.14 -7.59
N THR F 27 14.02 16.90 -7.15
CA THR F 27 15.04 15.88 -7.43
C THR F 27 15.11 15.52 -8.90
N GLY F 28 13.97 15.58 -9.58
CA GLY F 28 13.89 15.16 -10.97
C GLY F 28 13.61 13.66 -11.15
N TYR F 29 13.45 12.94 -10.03
CA TYR F 29 13.22 11.50 -10.09
C TYR F 29 11.76 11.09 -9.96
N ARG F 30 11.38 9.99 -10.61
CA ARG F 30 10.07 9.42 -10.35
C ARG F 30 10.10 8.50 -9.12
N SER F 31 8.98 8.41 -8.40
CA SER F 31 8.84 7.38 -7.37
C SER F 31 7.92 6.26 -7.88
N PHE F 32 7.94 5.12 -7.18
CA PHE F 32 7.32 3.91 -7.68
C PHE F 32 6.60 3.15 -6.58
N GLN F 33 5.53 2.50 -6.97
CA GLN F 33 4.71 1.77 -6.03
C GLN F 33 4.70 0.35 -6.50
N LEU F 34 5.07 -0.56 -5.60
CA LEU F 34 5.03 -1.97 -5.88
C LEU F 34 4.34 -2.63 -4.69
N GLY F 35 3.05 -2.87 -4.84
CA GLY F 35 2.25 -3.36 -3.74
C GLY F 35 2.27 -2.33 -2.63
N ALA F 36 2.60 -2.77 -1.41
CA ALA F 36 2.64 -1.84 -0.29
C ALA F 36 4.01 -1.20 -0.16
N PHE F 37 4.91 -1.54 -1.06
CA PHE F 37 6.25 -0.93 -1.07
C PHE F 37 6.26 0.35 -1.89
N GLU F 38 6.80 1.41 -1.32
CA GLU F 38 7.08 2.60 -2.12
C GLU F 38 8.60 2.77 -2.27
N LEU F 39 9.04 3.02 -3.50
CA LEU F 39 10.46 3.21 -3.74
C LEU F 39 10.75 4.58 -4.38
N SER F 40 11.50 5.41 -3.67
CA SER F 40 11.87 6.73 -4.16
C SER F 40 13.36 6.98 -3.97
N ARG F 41 13.86 8.02 -4.62
CA ARG F 41 15.25 8.40 -4.40
C ARG F 41 15.40 9.91 -4.37
N ASP F 42 16.41 10.39 -3.67
CA ASP F 42 16.72 11.80 -3.70
C ASP F 42 18.17 11.93 -4.15
N GLU F 43 18.80 13.06 -3.83
CA GLU F 43 20.15 13.30 -4.33
C GLU F 43 21.19 12.29 -3.80
N TYR F 44 20.95 11.68 -2.65
CA TYR F 44 21.92 10.77 -2.02
C TYR F 44 21.41 9.36 -1.75
N PHE F 45 20.14 9.24 -1.35
CA PHE F 45 19.61 7.96 -0.88
C PHE F 45 18.40 7.47 -1.67
N ALA F 46 18.33 6.16 -1.85
CA ALA F 46 17.10 5.51 -2.24
C ALA F 46 16.34 5.25 -0.96
N ARG F 47 15.01 5.35 -1.02
CA ARG F 47 14.21 5.20 0.17
C ARG F 47 13.12 4.19 -0.09
N ILE F 48 12.96 3.29 0.86
CA ILE F 48 11.98 2.23 0.74
C ILE F 48 11.11 2.26 1.98
N THR F 49 9.80 2.33 1.78
CA THR F 49 8.86 2.27 2.89
C THR F 49 7.93 1.07 2.71
N TRP F 50 7.34 0.65 3.83
CA TRP F 50 6.51 -0.54 3.86
C TRP F 50 5.71 -0.55 5.15
N PRO F 51 4.70 -1.41 5.23
CA PRO F 51 3.89 -1.43 6.45
C PRO F 51 4.31 -2.55 7.39
N ALA F 52 4.39 -2.25 8.68
CA ALA F 52 4.71 -3.25 9.67
C ALA F 52 4.36 -2.74 11.05
N LYS F 53 3.73 -3.60 11.84
CA LYS F 53 3.40 -3.24 13.20
C LYS F 53 2.52 -2.00 13.21
N GLY F 54 1.52 -1.96 12.32
CA GLY F 54 0.54 -0.90 12.26
C GLY F 54 0.98 0.49 11.79
N GLU F 55 2.18 0.60 11.23
CA GLU F 55 2.69 1.90 10.81
C GLU F 55 3.54 1.74 9.58
N THR F 56 3.83 2.86 8.94
CA THR F 56 4.76 2.87 7.83
C THR F 56 6.20 2.84 8.37
N ARG F 57 7.04 1.99 7.78
CA ARG F 57 8.43 1.88 8.17
C ARG F 57 9.27 2.26 6.96
N SER F 58 10.51 2.68 7.20
CA SER F 58 11.32 3.32 6.17
C SER F 58 12.76 2.90 6.29
N HIS F 59 13.49 2.98 5.19
CA HIS F 59 14.90 2.61 5.21
C HIS F 59 15.64 3.29 4.05
N LEU F 60 16.75 3.93 4.40
CA LEU F 60 17.57 4.66 3.44
C LEU F 60 18.76 3.82 3.04
N ILE F 61 19.03 3.78 1.74
CA ILE F 61 20.20 3.15 1.17
C ILE F 61 20.82 4.11 0.18
N PRO F 62 22.13 4.39 0.34
CA PRO F 62 22.88 5.25 -0.58
C PRO F 62 22.61 4.83 -2.02
N ALA F 63 22.32 5.80 -2.87
CA ALA F 63 21.84 5.52 -4.22
C ALA F 63 22.81 4.67 -5.05
N ASP F 64 24.10 4.81 -4.79
CA ASP F 64 25.07 4.02 -5.56
C ASP F 64 24.99 2.53 -5.21
N ILE F 65 25.01 2.24 -3.91
CA ILE F 65 24.85 0.88 -3.41
C ILE F 65 23.54 0.26 -3.91
N PHE F 66 22.44 0.98 -3.73
CA PHE F 66 21.15 0.52 -4.19
C PHE F 66 21.12 0.17 -5.69
N LEU F 67 21.55 1.11 -6.52
CA LEU F 67 21.55 0.89 -7.96
C LEU F 67 22.43 -0.31 -8.39
N ARG F 68 23.61 -0.45 -7.82
CA ARG F 68 24.45 -1.61 -8.16
C ARG F 68 23.75 -2.93 -7.84
N ALA F 69 23.00 -2.97 -6.75
CA ALA F 69 22.38 -4.19 -6.32
C ALA F 69 21.15 -4.47 -7.20
N MET F 70 20.37 -3.42 -7.42
CA MET F 70 19.23 -3.52 -8.30
C MET F 70 19.68 -3.98 -9.70
N MET F 71 20.80 -3.44 -10.17
CA MET F 71 21.33 -3.82 -11.49
C MET F 71 21.57 -5.34 -11.60
N ARG F 72 22.17 -5.93 -10.56
CA ARG F 72 22.45 -7.36 -10.56
C ARG F 72 21.14 -8.14 -10.56
N ASP F 73 20.24 -7.79 -9.64
CA ASP F 73 18.99 -8.51 -9.52
C ASP F 73 18.23 -8.53 -10.84
N VAL F 74 18.34 -7.45 -11.61
CA VAL F 74 17.62 -7.36 -12.88
C VAL F 74 18.37 -8.11 -13.99
N ALA F 75 19.70 -8.01 -14.01
CA ALA F 75 20.46 -8.74 -15.02
C ALA F 75 20.35 -10.25 -14.83
N TRP F 76 20.25 -10.69 -13.59
CA TRP F 76 20.23 -12.11 -13.26
C TRP F 76 18.79 -12.62 -13.22
N GLY F 77 17.85 -11.78 -13.62
CA GLY F 77 16.46 -12.18 -13.59
C GLY F 77 16.07 -12.72 -12.22
N PHE F 78 16.61 -12.08 -11.20
CA PHE F 78 16.35 -12.41 -9.81
C PHE F 78 17.18 -13.59 -9.28
N PHE F 79 18.04 -14.12 -10.14
CA PHE F 79 19.02 -15.14 -9.74
C PHE F 79 18.42 -16.39 -9.12
N TYR F 80 19.13 -16.90 -8.11
CA TYR F 80 18.68 -18.01 -7.30
C TYR F 80 18.48 -17.50 -5.89
N GLY F 81 17.53 -18.08 -5.17
CA GLY F 81 17.37 -17.80 -3.76
C GLY F 81 17.29 -16.32 -3.40
N TRP F 82 18.07 -15.96 -2.38
CA TRP F 82 18.01 -14.62 -1.80
C TRP F 82 19.02 -13.69 -2.47
N VAL F 83 18.56 -12.51 -2.84
CA VAL F 83 19.44 -11.45 -3.30
C VAL F 83 19.21 -10.27 -2.35
N ASN F 84 20.18 -10.01 -1.46
CA ASN F 84 20.03 -8.94 -0.45
C ASN F 84 20.78 -7.66 -0.85
N PHE F 85 20.04 -6.57 -1.05
CA PHE F 85 20.66 -5.27 -1.37
C PHE F 85 21.54 -4.86 -0.21
N ASP F 86 20.99 -4.98 0.99
CA ASP F 86 21.73 -4.74 2.20
C ASP F 86 21.09 -5.57 3.33
N HIS F 87 21.37 -5.21 4.59
N HIS F 87 21.36 -5.16 4.57
CA HIS F 87 20.88 -6.04 5.70
CA HIS F 87 20.91 -5.91 5.75
C HIS F 87 19.37 -5.89 5.93
C HIS F 87 19.39 -5.86 5.94
N VAL F 88 18.71 -5.05 5.13
CA VAL F 88 17.25 -4.90 5.23
C VAL F 88 16.45 -5.38 4.00
N ILE F 89 16.77 -4.81 2.83
CA ILE F 89 16.00 -5.04 1.62
C ILE F 89 16.56 -6.18 0.79
N GLY F 90 15.66 -7.01 0.26
CA GLY F 90 16.08 -8.10 -0.60
C GLY F 90 14.92 -8.70 -1.35
N THR F 91 15.23 -9.64 -2.23
CA THR F 91 14.23 -10.40 -2.95
C THR F 91 14.56 -11.88 -2.87
N ARG F 92 13.55 -12.71 -3.05
CA ARG F 92 13.71 -14.14 -3.06
C ARG F 92 13.00 -14.69 -4.28
N ASN F 93 13.73 -15.39 -5.13
CA ASN F 93 13.14 -15.90 -6.37
C ASN F 93 12.45 -17.24 -6.16
N TYR F 94 11.23 -17.33 -6.67
CA TYR F 94 10.45 -18.55 -6.70
C TYR F 94 10.36 -19.10 -8.12
N TYR F 95 11.20 -18.58 -9.02
CA TYR F 95 11.20 -19.07 -10.40
C TYR F 95 9.84 -19.01 -11.12
N GLY F 96 9.22 -17.84 -11.08
CA GLY F 96 7.90 -17.59 -11.63
C GLY F 96 7.24 -16.53 -10.80
N LYS F 97 7.53 -16.58 -9.50
CA LYS F 97 7.11 -15.57 -8.51
C LYS F 97 8.31 -15.08 -7.70
N VAL F 98 8.22 -13.84 -7.22
CA VAL F 98 9.32 -13.24 -6.47
C VAL F 98 8.82 -12.54 -5.20
N ASP F 99 9.48 -12.81 -4.08
CA ASP F 99 9.20 -12.07 -2.85
C ASP F 99 10.07 -10.85 -2.80
N LEU F 100 9.48 -9.73 -2.38
CA LEU F 100 10.26 -8.56 -2.02
C LEU F 100 10.10 -8.35 -0.51
N TYR F 101 11.21 -8.14 0.20
CA TYR F 101 11.09 -8.04 1.65
C TYR F 101 11.90 -6.92 2.25
N ALA F 102 11.53 -6.60 3.49
CA ALA F 102 12.24 -5.64 4.29
C ALA F 102 12.36 -6.26 5.66
N GLY F 103 13.58 -6.59 6.05
CA GLY F 103 13.84 -7.05 7.40
C GLY F 103 13.55 -8.49 7.67
N THR F 104 12.83 -9.15 6.76
CA THR F 104 12.42 -10.54 6.95
C THR F 104 13.60 -11.53 7.15
N PHE F 105 14.74 -11.24 6.56
CA PHE F 105 15.91 -12.07 6.77
C PHE F 105 16.99 -11.34 7.58
N ASN F 106 16.51 -10.52 8.50
CA ASN F 106 17.35 -9.87 9.49
C ASN F 106 16.77 -10.27 10.84
N GLY F 107 17.54 -11.00 11.65
CA GLY F 107 17.02 -11.66 12.85
C GLY F 107 16.43 -10.69 13.85
N THR F 108 17.10 -9.55 13.94
CA THR F 108 16.77 -8.49 14.89
C THR F 108 15.51 -7.75 14.47
N LEU F 109 15.46 -7.34 13.22
CA LEU F 109 14.28 -6.64 12.73
C LEU F 109 13.05 -7.55 12.80
N LYS F 110 13.21 -8.80 12.38
CA LYS F 110 12.11 -9.78 12.50
C LYS F 110 11.70 -9.97 13.96
N ALA F 111 12.67 -10.14 14.85
CA ALA F 111 12.36 -10.23 16.29
C ALA F 111 11.55 -9.02 16.72
N ALA F 112 11.84 -7.87 16.11
CA ALA F 112 11.17 -6.62 16.48
C ALA F 112 9.79 -6.47 15.82
N GLY F 113 9.49 -7.34 14.88
CA GLY F 113 8.19 -7.30 14.23
C GLY F 113 7.98 -6.11 13.32
N VAL F 114 9.04 -5.51 12.80
CA VAL F 114 8.91 -4.43 11.83
C VAL F 114 9.17 -4.90 10.39
N ASN F 115 9.26 -6.20 10.17
CA ASN F 115 9.53 -6.71 8.85
C ASN F 115 8.25 -6.88 8.04
N TYR F 116 8.42 -6.97 6.72
CA TYR F 116 7.30 -7.19 5.82
C TYR F 116 7.80 -7.89 4.57
N THR F 117 7.02 -8.83 4.07
CA THR F 117 7.30 -9.54 2.83
C THR F 117 6.06 -9.47 1.93
N GLU F 118 6.26 -9.17 0.66
CA GLU F 118 5.16 -9.27 -0.30
C GLU F 118 5.58 -10.05 -1.55
N ASN F 119 4.63 -10.81 -2.09
CA ASN F 119 4.86 -11.73 -3.22
C ASN F 119 4.42 -11.11 -4.55
N PHE F 120 5.26 -11.20 -5.57
CA PHE F 120 4.88 -10.65 -6.88
C PHE F 120 5.05 -11.60 -8.03
N GLU F 121 4.22 -11.44 -9.05
CA GLU F 121 4.48 -12.08 -10.33
C GLU F 121 5.76 -11.48 -10.91
N THR F 122 6.65 -12.33 -11.39
CA THR F 122 7.94 -11.88 -11.91
C THR F 122 7.87 -10.74 -12.93
N PRO F 123 6.92 -10.79 -13.88
CA PRO F 123 6.89 -9.73 -14.89
C PRO F 123 6.65 -8.33 -14.31
N LEU F 124 5.77 -8.24 -13.32
CA LEU F 124 5.46 -6.97 -12.70
C LEU F 124 6.63 -6.37 -11.89
N ILE F 125 7.37 -7.21 -11.18
CA ILE F 125 8.44 -6.68 -10.38
C ILE F 125 9.61 -6.35 -11.29
N MET F 126 9.84 -7.20 -12.31
CA MET F 126 10.91 -6.98 -13.27
C MET F 126 10.71 -5.68 -14.06
N ALA F 127 9.47 -5.41 -14.45
CA ALA F 127 9.15 -4.17 -15.17
C ALA F 127 9.38 -2.96 -14.27
N THR F 128 8.98 -3.09 -13.00
CA THR F 128 9.16 -2.00 -12.05
C THR F 128 10.64 -1.76 -11.75
N PHE F 129 11.40 -2.82 -11.58
CA PHE F 129 12.83 -2.67 -11.29
C PHE F 129 13.57 -2.08 -12.49
N LYS F 130 13.22 -2.51 -13.69
CA LYS F 130 13.80 -1.93 -14.89
C LYS F 130 13.47 -0.43 -15.02
N ALA F 131 12.25 -0.04 -14.65
CA ALA F 131 11.88 1.37 -14.71
C ALA F 131 12.67 2.20 -13.69
N ILE F 132 12.77 1.69 -12.46
CA ILE F 132 13.58 2.31 -11.42
C ILE F 132 15.04 2.48 -11.87
N LEU F 133 15.65 1.41 -12.37
CA LEU F 133 17.02 1.49 -12.88
C LEU F 133 17.17 2.57 -13.94
N ARG F 134 16.28 2.56 -14.92
CA ARG F 134 16.32 3.54 -16.00
C ARG F 134 16.08 4.97 -15.50
N ASP F 135 15.10 5.14 -14.61
CA ASP F 135 14.82 6.46 -14.07
C ASP F 135 15.92 6.97 -13.12
N TRP F 136 16.53 6.06 -12.36
CA TRP F 136 17.48 6.45 -11.31
C TRP F 136 18.95 6.50 -11.70
N THR F 137 19.29 5.95 -12.86
CA THR F 137 20.69 5.93 -13.28
C THR F 137 21.01 7.14 -14.17
N ASN F 138 21.90 8.00 -13.70
CA ASN F 138 22.26 9.15 -14.52
C ASN F 138 23.34 8.79 -15.55
N ALA F 139 23.53 9.64 -16.55
CA ALA F 139 24.41 9.34 -17.66
C ALA F 139 25.82 9.14 -17.15
N THR F 140 26.00 9.55 -15.91
CA THR F 140 27.31 9.66 -15.27
C THR F 140 27.66 8.35 -14.54
N PHE F 141 26.66 7.51 -14.34
CA PHE F 141 26.83 6.35 -13.48
C PHE F 141 26.57 4.98 -14.13
N ASP F 142 27.60 4.15 -14.12
CA ASP F 142 27.50 2.77 -14.62
C ASP F 142 27.35 1.78 -13.46
N PRO F 143 26.12 1.31 -13.20
CA PRO F 143 25.86 0.45 -12.05
C PRO F 143 26.54 -0.91 -12.17
N PHE F 144 27.14 -1.21 -13.32
CA PHE F 144 27.80 -2.52 -13.51
C PHE F 144 29.30 -2.48 -13.24
N ALA F 145 29.86 -1.28 -13.27
CA ALA F 145 31.30 -1.11 -13.16
C ALA F 145 31.80 -1.00 -11.72
N ALA F 146 33.12 -1.07 -11.58
CA ALA F 146 33.78 -0.73 -10.34
C ALA F 146 33.75 0.78 -10.10
N PRO F 147 33.93 1.22 -8.84
CA PRO F 147 33.83 2.64 -8.51
C PRO F 147 34.89 3.48 -9.22
N GLU F 148 36.04 2.88 -9.49
CA GLU F 148 37.12 3.55 -10.23
C GLU F 148 36.84 3.66 -11.73
N GLU F 149 35.84 2.94 -12.22
CA GLU F 149 35.55 2.90 -13.65
C GLU F 149 34.41 3.83 -14.05
N THR F 150 33.83 4.52 -13.08
CA THR F 150 32.66 5.33 -13.39
C THR F 150 32.52 6.53 -12.46
N GLY F 151 31.50 7.34 -12.73
CA GLY F 151 31.29 8.56 -11.97
C GLY F 151 30.30 8.39 -10.84
N SER F 152 29.59 9.47 -10.53
CA SER F 152 28.77 9.52 -9.33
C SER F 152 27.32 9.15 -9.62
N ALA F 153 26.68 8.46 -8.68
CA ALA F 153 25.27 8.17 -8.82
C ALA F 153 24.46 9.24 -8.11
N PHE F 154 25.15 10.21 -7.52
CA PHE F 154 24.52 11.19 -6.65
C PHE F 154 24.09 12.44 -7.41
N GLY F 155 23.32 13.31 -6.75
CA GLY F 155 22.79 14.51 -7.39
C GLY F 155 21.40 14.31 -8.00
N ARG F 156 20.91 15.32 -8.70
CA ARG F 156 19.56 15.28 -9.27
C ARG F 156 19.51 14.54 -10.61
N LYS F 157 18.31 14.15 -11.05
CA LYS F 157 18.15 13.47 -12.33
C LYS F 157 18.97 14.18 -13.40
N ASN F 158 19.68 13.41 -14.20
CA ASN F 158 20.56 13.99 -15.20
C ASN F 158 20.89 13.00 -16.30
N GLY F 159 19.96 12.89 -17.25
CA GLY F 159 20.10 12.00 -18.38
C GLY F 159 19.76 10.55 -18.07
N GLU F 160 20.29 9.66 -18.91
CA GLU F 160 20.03 8.23 -18.81
C GLU F 160 21.33 7.51 -19.13
N ASN F 161 21.37 6.22 -18.87
CA ASN F 161 22.53 5.42 -19.29
C ASN F 161 22.04 4.08 -19.81
N LEU F 162 21.22 4.13 -20.85
CA LEU F 162 20.62 2.93 -21.39
C LEU F 162 21.69 1.95 -21.82
N GLU F 163 22.75 2.48 -22.43
CA GLU F 163 23.80 1.63 -22.95
C GLU F 163 24.38 0.76 -21.85
N CYS F 164 24.35 1.25 -20.61
CA CYS F 164 24.91 0.52 -19.47
C CYS F 164 23.92 -0.37 -18.70
N ILE F 165 22.65 0.00 -18.66
CA ILE F 165 21.70 -0.78 -17.88
C ILE F 165 20.95 -1.77 -18.76
N GLU F 166 21.05 -1.58 -20.07
CA GLU F 166 20.36 -2.44 -21.03
C GLU F 166 21.36 -3.17 -21.89
N ARG F 167 22.46 -3.62 -21.28
CA ARG F 167 23.40 -4.48 -21.98
C ARG F 167 22.59 -5.67 -22.49
N PHE F 168 23.03 -6.27 -23.61
CA PHE F 168 22.52 -7.57 -23.99
C PHE F 168 23.55 -8.35 -24.78
N ARG F 169 23.76 -9.60 -24.39
CA ARG F 169 24.53 -10.54 -25.19
C ARG F 169 23.80 -11.89 -25.25
N ILE F 170 24.04 -12.60 -26.33
CA ILE F 170 23.37 -13.87 -26.61
C ILE F 170 23.61 -14.89 -25.49
N ALA F 171 22.56 -15.61 -25.11
CA ALA F 171 22.69 -16.65 -24.11
C ALA F 171 23.53 -17.80 -24.67
N THR F 172 24.46 -18.29 -23.86
CA THR F 172 25.26 -19.43 -24.26
C THR F 172 24.42 -20.69 -24.32
N LYS F 173 24.57 -21.44 -25.41
CA LYS F 173 23.82 -22.68 -25.58
C LYS F 173 24.70 -23.88 -25.27
N ARG F 174 25.95 -23.78 -25.68
CA ARG F 174 26.90 -24.88 -25.54
C ARG F 174 28.25 -24.31 -25.12
N MET F 175 28.76 -23.36 -25.91
CA MET F 175 30.03 -22.68 -25.60
C MET F 175 30.18 -21.43 -26.47
N PRO F 176 30.79 -20.37 -25.94
CA PRO F 176 31.04 -19.18 -26.77
C PRO F 176 31.97 -19.47 -27.95
N GLY F 177 31.73 -18.79 -29.07
CA GLY F 177 32.55 -18.94 -30.25
C GLY F 177 32.02 -19.94 -31.26
N LEU F 178 31.03 -20.73 -30.85
CA LEU F 178 30.42 -21.73 -31.73
C LEU F 178 29.45 -21.12 -32.73
N GLN F 179 29.11 -21.90 -33.73
CA GLN F 179 28.14 -21.48 -34.74
C GLN F 179 26.78 -21.19 -34.08
N ASP F 180 26.28 -19.97 -34.27
CA ASP F 180 24.93 -19.63 -33.80
C ASP F 180 24.81 -19.56 -32.27
N ASP F 181 25.95 -19.56 -31.59
CA ASP F 181 25.98 -19.54 -30.13
C ASP F 181 26.34 -18.13 -29.63
N SER F 182 26.78 -18.05 -28.38
CA SER F 182 27.22 -16.78 -27.83
C SER F 182 28.56 -16.42 -28.45
N PRO F 183 28.78 -15.14 -28.70
CA PRO F 183 29.99 -14.63 -29.37
C PRO F 183 31.24 -14.63 -28.48
N LEU F 184 32.40 -14.42 -29.09
CA LEU F 184 33.58 -14.08 -28.30
C LEU F 184 33.62 -12.56 -28.12
N ARG F 185 34.74 -12.03 -27.65
CA ARG F 185 34.82 -10.60 -27.31
C ARG F 185 35.98 -9.90 -27.98
N ASN F 186 36.37 -10.37 -29.16
CA ASN F 186 37.46 -9.77 -29.91
C ASN F 186 37.17 -8.31 -30.27
N ASP F 187 35.90 -7.94 -30.16
CA ASP F 187 35.44 -6.58 -30.42
C ASP F 187 35.41 -5.71 -29.15
N LEU F 188 36.00 -6.18 -28.06
CA LEU F 188 35.98 -5.44 -26.80
C LEU F 188 37.38 -5.12 -26.27
N PRO F 189 37.54 -3.94 -25.66
CA PRO F 189 38.87 -3.59 -25.17
C PRO F 189 39.25 -4.38 -23.93
N VAL F 190 40.55 -4.59 -23.77
CA VAL F 190 41.11 -5.21 -22.59
C VAL F 190 40.96 -4.25 -21.42
N ASN F 191 40.36 -4.72 -20.32
CA ASN F 191 40.20 -3.91 -19.14
C ASN F 191 41.55 -3.52 -18.54
N ARG F 192 41.67 -2.27 -18.10
CA ARG F 192 42.95 -1.77 -17.60
C ARG F 192 43.62 -2.69 -16.60
N GLN F 193 42.84 -3.35 -15.74
CA GLN F 193 43.43 -4.17 -14.69
C GLN F 193 43.71 -5.60 -15.13
N PHE F 194 43.58 -5.86 -16.43
CA PHE F 194 44.01 -7.14 -17.01
C PHE F 194 44.92 -6.88 -18.18
N ALA F 195 45.46 -5.67 -18.25
CA ALA F 195 46.33 -5.27 -19.36
C ALA F 195 47.54 -6.18 -19.61
N ASP F 196 47.90 -6.99 -18.61
CA ASP F 196 49.05 -7.88 -18.74
C ASP F 196 48.65 -9.33 -19.05
N VAL F 197 47.38 -9.55 -19.36
CA VAL F 197 46.90 -10.90 -19.65
C VAL F 197 47.08 -11.22 -21.14
N SER F 198 47.81 -12.29 -21.42
CA SER F 198 47.98 -12.78 -22.78
C SER F 198 46.71 -12.71 -23.62
N GLN F 199 46.83 -12.25 -24.86
CA GLN F 199 45.69 -12.22 -25.76
C GLN F 199 45.83 -13.29 -26.84
N ASP F 200 46.70 -14.27 -26.60
CA ASP F 200 46.95 -15.35 -27.55
C ASP F 200 45.81 -16.36 -27.55
N GLU F 201 45.26 -16.64 -28.72
CA GLU F 201 44.27 -17.69 -28.83
C GLU F 201 44.98 -19.04 -28.83
N PRO F 202 44.22 -20.13 -28.65
CA PRO F 202 44.75 -21.49 -28.85
C PRO F 202 44.85 -21.83 -30.33
N GLU F 203 45.77 -22.72 -30.70
CA GLU F 203 45.85 -23.17 -32.09
C GLU F 203 44.93 -24.35 -32.36
N VAL F 204 44.04 -24.18 -33.34
CA VAL F 204 43.16 -25.26 -33.75
C VAL F 204 43.57 -25.81 -35.11
N HIS F 205 44.21 -26.98 -35.11
CA HIS F 205 44.63 -27.65 -36.34
C HIS F 205 43.65 -28.76 -36.72
N ALA F 206 42.64 -28.39 -37.49
CA ALA F 206 41.64 -29.34 -37.96
C ALA F 206 42.16 -30.18 -39.14
N ALA F 207 41.76 -31.44 -39.17
CA ALA F 207 42.15 -32.32 -40.26
C ALA F 207 41.16 -32.20 -41.42
N GLU F 208 41.68 -31.89 -42.60
CA GLU F 208 40.83 -31.62 -43.77
C GLU F 208 39.59 -32.51 -43.81
N GLY F 209 38.43 -31.86 -43.97
CA GLY F 209 37.15 -32.55 -43.94
C GLY F 209 36.48 -32.40 -42.58
N PHE F 210 37.10 -31.60 -41.71
CA PHE F 210 36.63 -31.47 -40.35
C PHE F 210 36.73 -30.04 -39.85
N GLU F 211 36.87 -29.09 -40.77
CA GLU F 211 37.00 -27.69 -40.39
C GLU F 211 35.77 -27.28 -39.57
N GLY F 212 36.00 -26.45 -38.56
CA GLY F 212 34.92 -25.96 -37.72
C GLY F 212 34.18 -27.03 -36.96
N GLU F 213 34.84 -28.17 -36.73
CA GLU F 213 34.27 -29.23 -35.89
C GLU F 213 35.01 -29.28 -34.55
N LEU F 214 36.13 -28.56 -34.49
CA LEU F 214 36.87 -28.42 -33.26
C LEU F 214 36.73 -26.97 -32.76
N HIS F 215 36.63 -26.80 -31.46
CA HIS F 215 36.31 -25.51 -30.86
C HIS F 215 37.12 -25.22 -29.59
N ALA F 216 37.76 -24.07 -29.56
CA ALA F 216 38.62 -23.73 -28.45
C ALA F 216 38.89 -22.25 -28.49
N PHE F 217 38.93 -21.63 -27.31
CA PHE F 217 39.22 -20.20 -27.22
C PHE F 217 40.00 -19.92 -25.95
N SER F 218 40.40 -18.66 -25.77
CA SER F 218 41.11 -18.24 -24.58
C SER F 218 40.12 -17.65 -23.57
N LEU F 219 39.72 -18.46 -22.60
CA LEU F 219 38.87 -18.00 -21.53
C LEU F 219 39.49 -16.79 -20.80
N PHE F 220 40.79 -16.84 -20.55
CA PHE F 220 41.43 -15.69 -19.89
C PHE F 220 41.34 -14.43 -20.75
N LYS F 221 41.55 -14.57 -22.06
CA LYS F 221 41.38 -13.44 -22.97
C LYS F 221 39.96 -12.91 -22.88
N TYR F 222 39.02 -13.84 -22.87
CA TYR F 222 37.60 -13.55 -22.81
C TYR F 222 37.22 -12.71 -21.57
N LEU F 223 37.57 -13.21 -20.39
CA LEU F 223 37.31 -12.49 -19.15
C LEU F 223 38.06 -11.16 -19.09
N SER F 224 39.29 -11.16 -19.57
CA SER F 224 40.11 -9.95 -19.59
C SER F 224 39.36 -8.81 -20.24
N ARG F 225 38.42 -9.12 -21.13
CA ARG F 225 37.70 -8.08 -21.83
C ARG F 225 36.28 -7.86 -21.30
N SER F 226 35.91 -8.62 -20.26
CA SER F 226 34.63 -8.40 -19.59
C SER F 226 34.51 -6.92 -19.21
N ASP F 227 33.34 -6.34 -19.52
CA ASP F 227 33.04 -4.93 -19.32
C ASP F 227 32.08 -4.67 -18.16
N VAL F 228 31.92 -5.66 -17.30
CA VAL F 228 31.15 -5.49 -16.07
C VAL F 228 31.81 -6.28 -14.96
N THR F 229 31.32 -6.10 -13.75
CA THR F 229 31.87 -6.77 -12.59
C THR F 229 30.77 -7.59 -11.92
N TRP F 230 31.18 -8.65 -11.24
CA TRP F 230 30.26 -9.47 -10.47
C TRP F 230 29.03 -9.81 -11.30
N ASN F 231 29.24 -10.59 -12.35
CA ASN F 231 28.15 -10.97 -13.22
C ASN F 231 28.46 -12.31 -13.88
N PRO F 232 28.25 -13.42 -13.14
CA PRO F 232 28.52 -14.77 -13.63
C PRO F 232 27.87 -14.97 -14.97
N SER F 233 28.60 -15.51 -15.93
CA SER F 233 28.06 -15.64 -17.26
C SER F 233 28.54 -16.95 -17.89
N VAL F 234 27.61 -17.70 -18.49
CA VAL F 234 27.88 -19.07 -18.93
C VAL F 234 28.92 -19.18 -20.06
N THR F 235 29.94 -20.01 -19.84
CA THR F 235 30.95 -20.25 -20.86
C THR F 235 31.10 -21.73 -21.20
N SER F 236 30.30 -22.57 -20.58
CA SER F 236 30.24 -23.98 -20.99
C SER F 236 29.11 -24.69 -20.29
N VAL F 237 28.36 -25.44 -21.09
CA VAL F 237 27.13 -26.10 -20.65
C VAL F 237 27.28 -27.61 -20.77
N CYS F 238 27.25 -28.31 -19.63
CA CYS F 238 27.29 -29.79 -19.59
C CYS F 238 26.04 -30.29 -18.91
N LYS F 239 25.00 -30.54 -19.70
CA LYS F 239 23.70 -30.82 -19.14
C LYS F 239 23.32 -29.66 -18.21
N ALA F 240 22.93 -29.92 -16.97
CA ALA F 240 22.57 -28.82 -16.08
C ALA F 240 23.76 -28.22 -15.37
N SER F 241 24.96 -28.78 -15.57
CA SER F 241 26.18 -28.18 -15.01
C SER F 241 26.64 -26.97 -15.80
N LEU F 242 26.71 -25.80 -15.16
CA LEU F 242 27.06 -24.59 -15.89
C LEU F 242 28.34 -23.93 -15.36
N PHE F 243 29.25 -23.58 -16.25
CA PHE F 243 30.43 -22.81 -15.85
C PHE F 243 30.16 -21.32 -16.09
N CYS F 244 30.17 -20.54 -15.02
CA CYS F 244 29.76 -19.15 -15.09
C CYS F 244 30.79 -18.19 -14.52
N PRO F 245 31.91 -17.99 -15.24
CA PRO F 245 32.94 -17.07 -14.75
C PRO F 245 32.53 -15.61 -14.89
N THR F 246 33.35 -14.72 -14.34
CA THR F 246 33.03 -13.30 -14.22
C THR F 246 34.24 -12.59 -13.60
N THR F 247 34.36 -11.30 -13.84
CA THR F 247 35.47 -10.55 -13.28
C THR F 247 34.98 -9.74 -12.08
N GLU F 248 35.67 -9.85 -10.95
CA GLU F 248 35.26 -9.21 -9.70
C GLU F 248 36.19 -8.07 -9.28
N GLU F 249 35.58 -6.95 -8.90
CA GLU F 249 36.32 -5.80 -8.42
C GLU F 249 35.52 -5.17 -7.27
N PHE F 250 36.22 -4.57 -6.33
CA PHE F 250 35.56 -3.97 -5.18
C PHE F 250 34.75 -5.00 -4.40
N ILE F 251 33.49 -4.67 -4.14
CA ILE F 251 32.61 -5.55 -3.37
C ILE F 251 31.41 -6.04 -4.16
N LEU F 252 31.14 -7.34 -4.08
CA LEU F 252 29.92 -7.90 -4.65
C LEU F 252 28.75 -7.03 -4.16
N PRO F 253 28.03 -6.40 -5.09
CA PRO F 253 26.97 -5.42 -4.74
C PRO F 253 25.77 -6.00 -3.96
N VAL F 254 25.78 -7.30 -3.70
CA VAL F 254 24.76 -7.87 -2.84
C VAL F 254 25.33 -8.92 -1.90
N PHE F 255 24.52 -9.29 -0.91
CA PHE F 255 24.73 -10.48 -0.11
C PHE F 255 23.88 -11.61 -0.67
N HIS F 256 24.49 -12.58 -1.34
CA HIS F 256 23.68 -13.68 -1.84
C HIS F 256 23.42 -14.80 -0.82
N GLY F 257 22.15 -15.18 -0.70
CA GLY F 257 21.72 -16.26 0.17
C GLY F 257 21.35 -17.46 -0.69
N ASN F 258 22.05 -18.56 -0.48
CA ASN F 258 21.95 -19.69 -1.40
C ASN F 258 20.62 -20.47 -1.27
N ASP F 259 20.14 -21.01 -2.39
CA ASP F 259 19.04 -21.98 -2.33
C ASP F 259 19.50 -23.37 -2.77
N ARG F 260 20.81 -23.52 -2.96
CA ARG F 260 21.41 -24.79 -3.38
C ARG F 260 22.90 -24.67 -3.13
N VAL F 261 23.66 -25.71 -3.41
CA VAL F 261 25.10 -25.62 -3.24
C VAL F 261 25.73 -24.99 -4.48
N GLU F 262 26.73 -24.13 -4.29
CA GLU F 262 27.54 -23.70 -5.42
C GLU F 262 29.02 -23.84 -5.08
N TRP F 263 29.87 -23.72 -6.11
CA TRP F 263 31.31 -23.81 -5.93
C TRP F 263 32.00 -22.67 -6.63
N PHE F 264 33.02 -22.11 -5.99
CA PHE F 264 33.83 -21.09 -6.60
C PHE F 264 35.18 -21.70 -6.90
N ILE F 265 35.72 -21.42 -8.08
CA ILE F 265 37.13 -21.68 -8.34
C ILE F 265 37.83 -20.38 -8.69
N GLN F 266 38.74 -19.95 -7.81
CA GLN F 266 39.46 -18.69 -8.03
C GLN F 266 40.51 -18.94 -9.13
N MET F 267 40.48 -18.14 -10.20
CA MET F 267 41.39 -18.36 -11.33
C MET F 267 42.51 -17.32 -11.39
N SER F 268 42.27 -16.14 -10.85
CA SER F 268 43.34 -15.16 -10.76
C SER F 268 43.27 -14.40 -9.44
N ASP F 269 44.41 -13.90 -8.97
CA ASP F 269 44.44 -12.97 -7.84
C ASP F 269 43.73 -13.50 -6.58
N GLU F 270 43.01 -12.63 -5.89
CA GLU F 270 42.28 -13.09 -4.71
C GLU F 270 40.95 -12.39 -4.42
N ILE F 271 40.12 -13.10 -3.67
CA ILE F 271 38.86 -12.58 -3.20
C ILE F 271 38.66 -13.09 -1.77
N VAL F 272 38.13 -12.23 -0.90
CA VAL F 272 37.79 -12.65 0.46
C VAL F 272 36.28 -12.64 0.64
N TRP F 273 35.76 -13.71 1.22
CA TRP F 273 34.33 -13.89 1.35
C TRP F 273 33.92 -13.83 2.82
N ASP F 274 32.98 -12.96 3.13
CA ASP F 274 32.26 -13.07 4.39
C ASP F 274 31.13 -14.09 4.25
N VAL F 275 31.13 -15.10 5.10
CA VAL F 275 30.07 -16.09 5.06
C VAL F 275 29.17 -15.95 6.27
N GLY F 276 27.88 -15.77 6.02
CA GLY F 276 26.93 -15.65 7.09
C GLY F 276 25.79 -16.65 6.98
N ASP F 277 24.96 -16.70 8.01
CA ASP F 277 23.75 -17.51 8.00
C ASP F 277 22.82 -16.98 6.92
N LYS F 278 22.09 -17.88 6.27
CA LYS F 278 21.17 -17.46 5.23
C LYS F 278 19.96 -16.71 5.80
N ASP F 279 19.48 -17.18 6.95
CA ASP F 279 18.25 -16.62 7.54
C ASP F 279 18.52 -15.51 8.57
N ASP F 280 19.65 -15.61 9.27
CA ASP F 280 20.08 -14.61 10.26
C ASP F 280 20.77 -13.40 9.63
N GLY F 281 21.77 -13.69 8.80
CA GLY F 281 22.74 -12.71 8.36
C GLY F 281 23.98 -12.75 9.26
N ASN F 282 23.97 -13.65 10.23
CA ASN F 282 25.05 -13.76 11.20
C ASN F 282 26.33 -14.39 10.67
N PRO F 283 27.45 -13.72 10.92
CA PRO F 283 28.77 -14.19 10.47
C PRO F 283 29.03 -15.64 10.84
N ARG F 284 29.73 -16.35 9.96
CA ARG F 284 30.03 -17.76 10.17
C ARG F 284 31.49 -18.09 9.87
N ALA F 285 32.04 -17.48 8.83
CA ALA F 285 33.42 -17.72 8.45
C ALA F 285 33.95 -16.67 7.49
N ARG F 286 35.27 -16.55 7.41
CA ARG F 286 35.94 -15.62 6.52
C ARG F 286 36.86 -16.45 5.64
N ILE F 287 36.56 -16.53 4.35
CA ILE F 287 37.32 -17.39 3.46
C ILE F 287 38.15 -16.56 2.47
N THR F 288 39.47 -16.75 2.51
CA THR F 288 40.34 -16.08 1.55
C THR F 288 40.68 -17.08 0.46
N MET F 289 40.28 -16.76 -0.77
CA MET F 289 40.57 -17.64 -1.90
C MET F 289 41.66 -17.08 -2.80
N ARG F 290 42.75 -17.83 -2.90
CA ARG F 290 43.87 -17.45 -3.76
C ARG F 290 43.81 -18.18 -5.08
N ALA F 291 44.73 -17.87 -5.98
CA ALA F 291 44.70 -18.43 -7.33
C ALA F 291 44.75 -19.97 -7.31
N GLY F 292 43.69 -20.58 -7.85
CA GLY F 292 43.59 -22.02 -7.92
C GLY F 292 42.79 -22.64 -6.79
N ASP F 293 42.27 -21.81 -5.89
CA ASP F 293 41.48 -22.33 -4.77
C ASP F 293 40.09 -22.80 -5.21
N VAL F 294 39.55 -23.78 -4.50
CA VAL F 294 38.25 -24.39 -4.81
C VAL F 294 37.42 -24.47 -3.55
N CYS F 295 36.25 -23.87 -3.57
CA CYS F 295 35.47 -23.78 -2.35
C CYS F 295 34.01 -24.06 -2.63
N ALA F 296 33.40 -24.84 -1.75
CA ALA F 296 31.97 -25.06 -1.83
C ALA F 296 31.29 -24.07 -0.91
N MET F 297 30.23 -23.43 -1.40
CA MET F 297 29.39 -22.53 -0.61
C MET F 297 28.06 -23.22 -0.32
N PRO F 298 27.86 -23.65 0.94
CA PRO F 298 26.71 -24.47 1.30
C PRO F 298 25.38 -23.74 1.13
N ALA F 299 24.33 -24.52 0.99
CA ALA F 299 23.00 -24.02 0.75
C ALA F 299 22.40 -23.23 1.93
N ASP F 300 23.07 -23.22 3.07
CA ASP F 300 22.48 -22.59 4.24
C ASP F 300 23.23 -21.34 4.68
N ILE F 301 24.09 -20.83 3.82
CA ILE F 301 24.78 -19.61 4.18
C ILE F 301 24.46 -18.49 3.21
N ARG F 302 24.86 -17.28 3.58
CA ARG F 302 24.89 -16.17 2.63
C ARG F 302 26.32 -15.64 2.61
N HIS F 303 26.65 -14.82 1.63
CA HIS F 303 28.02 -14.39 1.53
C HIS F 303 28.16 -13.18 0.64
N GLN F 304 29.29 -12.50 0.80
CA GLN F 304 29.60 -11.35 0.00
C GLN F 304 31.13 -11.32 -0.13
N GLY F 305 31.62 -11.01 -1.33
CA GLY F 305 33.06 -11.01 -1.58
C GLY F 305 33.72 -9.65 -1.71
N TYR F 306 35.04 -9.66 -1.52
CA TYR F 306 35.85 -8.46 -1.64
C TYR F 306 37.04 -8.82 -2.51
N SER F 307 37.27 -8.01 -3.53
CA SER F 307 38.36 -8.27 -4.46
C SER F 307 39.05 -6.96 -4.75
N THR F 308 40.24 -6.76 -4.21
CA THR F 308 40.95 -5.49 -4.39
C THR F 308 41.33 -5.22 -5.84
N LYS F 309 41.90 -6.20 -6.50
CA LYS F 309 42.20 -6.06 -7.91
C LYS F 309 41.13 -6.82 -8.67
N ARG F 310 40.73 -6.30 -9.83
CA ARG F 310 39.82 -7.04 -10.70
C ARG F 310 40.35 -8.49 -10.88
N SER F 311 39.59 -9.44 -10.40
CA SER F 311 40.05 -10.81 -10.39
C SER F 311 39.14 -11.67 -11.25
N MET F 312 39.65 -12.85 -11.61
CA MET F 312 38.92 -13.78 -12.44
C MET F 312 38.38 -14.90 -11.59
N LEU F 313 37.06 -15.05 -11.59
CA LEU F 313 36.41 -16.07 -10.76
C LEU F 313 35.54 -17.01 -11.57
N MET F 314 35.69 -18.29 -11.31
CA MET F 314 34.80 -19.29 -11.90
C MET F 314 33.69 -19.62 -10.90
N VAL F 315 32.46 -19.37 -11.30
CA VAL F 315 31.32 -19.73 -10.48
C VAL F 315 30.65 -20.93 -11.11
N TRP F 316 30.57 -22.02 -10.37
CA TRP F 316 30.06 -23.27 -10.92
C TRP F 316 28.65 -23.54 -10.40
N GLU F 317 27.66 -23.49 -11.30
CA GLU F 317 26.26 -23.73 -10.93
C GLU F 317 25.72 -25.10 -11.35
N ASN F 318 24.81 -25.63 -10.55
CA ASN F 318 23.95 -26.74 -10.92
C ASN F 318 22.54 -26.19 -11.18
N ALA F 319 22.13 -26.18 -12.44
CA ALA F 319 20.87 -25.57 -12.85
C ALA F 319 19.72 -26.57 -12.95
N THR F 320 19.88 -27.72 -12.29
CA THR F 320 18.81 -28.70 -12.25
C THR F 320 17.60 -28.08 -11.56
N PRO F 321 16.41 -28.24 -12.15
CA PRO F 321 15.21 -27.68 -11.54
C PRO F 321 14.77 -28.43 -10.29
N ASN F 322 14.21 -27.67 -9.34
CA ASN F 322 13.59 -28.22 -8.14
C ASN F 322 14.54 -28.63 -7.03
N LEU F 323 15.83 -28.44 -7.28
CA LEU F 323 16.85 -28.63 -6.26
C LEU F 323 16.46 -28.04 -4.89
N PRO F 324 15.98 -26.77 -4.86
CA PRO F 324 15.64 -26.09 -3.61
C PRO F 324 14.72 -26.90 -2.69
N HIS F 325 13.66 -27.50 -3.24
CA HIS F 325 12.75 -28.32 -2.44
C HIS F 325 13.54 -29.40 -1.68
N LEU F 326 14.55 -29.98 -2.33
CA LEU F 326 15.30 -31.05 -1.71
C LEU F 326 16.07 -30.51 -0.52
N TYR F 327 16.57 -29.29 -0.64
CA TYR F 327 17.26 -28.63 0.46
C TYR F 327 16.30 -28.14 1.54
N GLU F 328 15.16 -27.59 1.12
CA GLU F 328 14.17 -27.06 2.05
C GLU F 328 13.65 -28.18 2.94
N SER F 329 13.53 -29.38 2.37
CA SER F 329 12.85 -30.46 3.06
C SER F 329 13.80 -31.15 4.01
N GLY F 330 15.10 -30.96 3.79
CA GLY F 330 16.12 -31.67 4.53
C GLY F 330 16.60 -32.95 3.86
N GLU F 331 16.01 -33.30 2.73
CA GLU F 331 16.44 -34.48 2.00
C GLU F 331 17.92 -34.41 1.64
N LEU F 332 18.39 -33.21 1.34
CA LEU F 332 19.82 -33.01 1.07
C LEU F 332 20.46 -32.13 2.14
N LYS F 333 21.65 -32.53 2.61
CA LYS F 333 22.41 -31.65 3.50
C LYS F 333 22.87 -30.40 2.78
N PRO F 334 23.02 -29.30 3.53
CA PRO F 334 23.38 -27.99 2.99
C PRO F 334 24.77 -27.99 2.35
N TYR F 335 25.62 -28.90 2.80
CA TYR F 335 26.97 -29.00 2.28
C TYR F 335 27.12 -30.26 1.41
N PRO F 336 27.90 -30.17 0.34
CA PRO F 336 27.83 -31.18 -0.72
C PRO F 336 28.53 -32.48 -0.40
N ILE F 337 29.55 -32.43 0.46
CA ILE F 337 30.40 -33.60 0.56
C ILE F 337 30.83 -33.91 1.99
N GLU F 338 30.62 -35.16 2.39
CA GLU F 338 31.02 -35.65 3.71
C GLU F 338 32.33 -36.42 3.61
N PHE F 339 33.29 -36.10 4.46
CA PHE F 339 34.60 -36.77 4.40
C PHE F 339 35.34 -36.79 5.73
N ASP G 16 -2.22 13.04 8.74
CA ASP G 16 -1.54 14.18 8.11
C ASP G 16 -2.57 15.24 7.67
N ASP G 17 -2.15 16.21 6.85
CA ASP G 17 -3.02 17.31 6.47
C ASP G 17 -4.00 16.95 5.35
N VAL G 18 -5.29 17.14 5.63
CA VAL G 18 -6.35 16.75 4.71
C VAL G 18 -6.66 17.84 3.69
N GLN G 19 -6.67 17.47 2.40
CA GLN G 19 -7.13 18.38 1.35
C GLN G 19 -8.66 18.44 1.31
N ALA G 20 -9.22 19.48 1.91
CA ALA G 20 -10.65 19.70 1.93
C ALA G 20 -10.99 21.07 1.34
N SER G 21 -12.08 21.13 0.57
CA SER G 21 -12.55 22.40 0.02
C SER G 21 -13.39 23.10 1.08
N PRO G 22 -13.69 24.39 0.85
CA PRO G 22 -14.74 25.01 1.67
C PRO G 22 -16.07 24.37 1.24
N PRO G 23 -17.12 24.57 2.04
CA PRO G 23 -18.44 24.02 1.68
C PRO G 23 -18.90 24.52 0.32
N HIS G 24 -19.49 23.63 -0.47
CA HIS G 24 -20.09 23.97 -1.77
C HIS G 24 -21.23 24.97 -1.61
N ALA G 25 -21.31 25.90 -2.55
CA ALA G 25 -22.34 26.94 -2.57
C ALA G 25 -23.79 26.43 -2.42
N VAL G 26 -24.11 25.32 -3.09
CA VAL G 26 -25.47 24.78 -3.07
C VAL G 26 -25.69 23.65 -2.06
N THR G 27 -24.86 22.62 -2.11
CA THR G 27 -25.07 21.45 -1.26
C THR G 27 -24.73 21.75 0.20
N GLY G 28 -23.71 22.58 0.41
CA GLY G 28 -23.23 22.83 1.77
C GLY G 28 -22.15 21.85 2.21
N TYR G 29 -21.84 20.88 1.36
CA TYR G 29 -20.85 19.87 1.67
C TYR G 29 -19.49 20.26 1.12
N ARG G 30 -18.45 19.84 1.81
CA ARG G 30 -17.09 20.03 1.35
C ARG G 30 -16.74 18.86 0.44
N SER G 31 -15.85 19.09 -0.51
CA SER G 31 -15.23 17.98 -1.22
C SER G 31 -13.80 17.76 -0.69
N PHE G 32 -13.17 16.69 -1.15
CA PHE G 32 -11.89 16.25 -0.60
C PHE G 32 -11.05 15.63 -1.68
N GLN G 33 -9.75 15.79 -1.53
CA GLN G 33 -8.79 15.22 -2.45
C GLN G 33 -7.86 14.26 -1.70
N LEU G 34 -7.59 13.10 -2.29
CA LEU G 34 -6.73 12.11 -1.67
C LEU G 34 -5.97 11.42 -2.78
N GLY G 35 -4.68 11.73 -2.89
CA GLY G 35 -3.93 11.36 -4.08
C GLY G 35 -4.66 11.88 -5.32
N ALA G 36 -4.80 11.02 -6.32
CA ALA G 36 -5.52 11.39 -7.53
C ALA G 36 -7.04 11.14 -7.43
N PHE G 37 -7.53 10.91 -6.22
CA PHE G 37 -8.96 10.67 -5.99
C PHE G 37 -9.65 11.95 -5.57
N GLU G 38 -10.80 12.22 -6.15
CA GLU G 38 -11.61 13.32 -5.70
C GLU G 38 -12.91 12.74 -5.16
N LEU G 39 -13.29 13.15 -3.97
CA LEU G 39 -14.52 12.67 -3.37
C LEU G 39 -15.46 13.86 -3.05
N SER G 40 -16.67 13.81 -3.56
CA SER G 40 -17.68 14.82 -3.21
C SER G 40 -19.03 14.17 -3.01
N ARG G 41 -19.95 14.89 -2.42
CA ARG G 41 -21.30 14.38 -2.32
C ARG G 41 -22.31 15.48 -2.61
N ASP G 42 -23.52 15.05 -2.95
CA ASP G 42 -24.61 15.98 -3.16
C ASP G 42 -25.79 15.47 -2.38
N GLU G 43 -26.99 15.87 -2.76
CA GLU G 43 -28.17 15.59 -1.96
C GLU G 43 -28.39 14.09 -1.87
N TYR G 44 -27.99 13.33 -2.90
CA TYR G 44 -28.29 11.89 -2.94
C TYR G 44 -27.08 10.96 -2.99
N PHE G 45 -25.99 11.45 -3.59
CA PHE G 45 -24.91 10.57 -3.97
C PHE G 45 -23.55 11.07 -3.51
N ALA G 46 -22.70 10.12 -3.15
CA ALA G 46 -21.27 10.34 -3.07
C ALA G 46 -20.71 10.15 -4.47
N ARG G 47 -19.78 10.99 -4.87
CA ARG G 47 -19.17 10.86 -6.17
C ARG G 47 -17.67 10.71 -6.03
N ILE G 48 -17.11 9.71 -6.69
CA ILE G 48 -15.69 9.44 -6.60
C ILE G 48 -15.10 9.51 -7.99
N THR G 49 -14.08 10.33 -8.18
CA THR G 49 -13.45 10.39 -9.48
C THR G 49 -11.98 9.97 -9.39
N TRP G 50 -11.42 9.49 -10.51
CA TRP G 50 -10.07 8.97 -10.55
C TRP G 50 -9.58 8.81 -11.98
N PRO G 51 -8.25 8.79 -12.17
CA PRO G 51 -7.68 8.66 -13.52
C PRO G 51 -7.48 7.22 -13.99
N ALA G 52 -7.84 7.00 -15.25
CA ALA G 52 -7.55 5.76 -15.95
C ALA G 52 -7.62 6.04 -17.44
N LYS G 53 -6.77 5.36 -18.22
CA LYS G 53 -6.74 5.52 -19.68
C LYS G 53 -6.69 6.98 -20.11
N GLY G 54 -5.83 7.76 -19.49
CA GLY G 54 -5.75 9.18 -19.81
C GLY G 54 -7.05 9.94 -19.63
N GLU G 55 -8.04 9.33 -18.96
CA GLU G 55 -9.28 10.02 -18.64
C GLU G 55 -9.63 10.01 -17.16
N THR G 56 -10.35 11.04 -16.72
CA THR G 56 -11.01 11.00 -15.42
C THR G 56 -12.27 10.11 -15.42
N ARG G 57 -12.26 9.07 -14.58
CA ARG G 57 -13.41 8.19 -14.43
C ARG G 57 -14.27 8.60 -13.24
N SER G 58 -15.53 8.15 -13.24
CA SER G 58 -16.50 8.65 -12.26
C SER G 58 -17.42 7.57 -11.77
N HIS G 59 -17.81 7.65 -10.51
CA HIS G 59 -18.72 6.66 -9.95
C HIS G 59 -19.55 7.27 -8.85
N LEU G 60 -20.79 6.80 -8.76
CA LEU G 60 -21.76 7.34 -7.81
C LEU G 60 -22.24 6.24 -6.88
N ILE G 61 -22.39 6.59 -5.60
CA ILE G 61 -22.89 5.65 -4.61
C ILE G 61 -23.86 6.41 -3.74
N PRO G 62 -25.05 5.84 -3.54
CA PRO G 62 -25.99 6.51 -2.65
C PRO G 62 -25.32 6.88 -1.33
N ALA G 63 -25.49 8.14 -0.91
CA ALA G 63 -24.89 8.66 0.30
C ALA G 63 -25.14 7.79 1.54
N ASP G 64 -26.30 7.15 1.63
CA ASP G 64 -26.53 6.36 2.85
C ASP G 64 -25.67 5.10 2.86
N ILE G 65 -25.55 4.47 1.71
CA ILE G 65 -24.74 3.27 1.59
C ILE G 65 -23.31 3.65 1.84
N PHE G 66 -22.90 4.74 1.20
CA PHE G 66 -21.52 5.23 1.30
C PHE G 66 -21.07 5.56 2.73
N LEU G 67 -21.89 6.28 3.48
CA LEU G 67 -21.53 6.68 4.84
C LEU G 67 -21.51 5.52 5.81
N ARG G 68 -22.36 4.53 5.59
CA ARG G 68 -22.40 3.37 6.48
C ARG G 68 -21.13 2.58 6.31
N ALA G 69 -20.68 2.49 5.07
CA ALA G 69 -19.49 1.75 4.71
C ALA G 69 -18.27 2.45 5.29
N MET G 70 -18.20 3.75 5.04
CA MET G 70 -17.07 4.57 5.47
C MET G 70 -16.95 4.57 7.00
N MET G 71 -18.08 4.66 7.69
CA MET G 71 -18.13 4.57 9.15
C MET G 71 -17.46 3.28 9.62
N ARG G 72 -17.73 2.17 8.95
CA ARG G 72 -17.13 0.89 9.33
C ARG G 72 -15.62 0.92 9.14
N ASP G 73 -15.17 1.39 7.98
CA ASP G 73 -13.74 1.43 7.66
C ASP G 73 -12.99 2.26 8.71
N VAL G 74 -13.52 3.44 8.99
CA VAL G 74 -12.96 4.28 10.03
C VAL G 74 -13.00 3.60 11.42
N ALA G 75 -14.15 3.08 11.82
CA ALA G 75 -14.26 2.46 13.13
C ALA G 75 -13.33 1.26 13.25
N TRP G 76 -13.13 0.54 12.14
CA TRP G 76 -12.33 -0.69 12.17
C TRP G 76 -10.86 -0.45 11.90
N GLY G 77 -10.46 0.82 11.73
CA GLY G 77 -9.09 1.11 11.36
C GLY G 77 -8.67 0.39 10.07
N PHE G 78 -9.66 0.21 9.19
CA PHE G 78 -9.48 -0.44 7.90
C PHE G 78 -9.53 -1.97 7.95
N PHE G 79 -9.81 -2.49 9.15
CA PHE G 79 -10.09 -3.91 9.35
C PHE G 79 -8.99 -4.86 8.89
N TYR G 80 -9.41 -5.89 8.18
CA TYR G 80 -8.51 -6.89 7.64
C TYR G 80 -8.77 -7.01 6.15
N GLY G 81 -7.71 -7.04 5.36
CA GLY G 81 -7.86 -7.19 3.93
C GLY G 81 -8.75 -6.18 3.24
N TRP G 82 -9.66 -6.68 2.39
CA TRP G 82 -10.49 -5.83 1.52
C TRP G 82 -11.80 -5.43 2.15
N VAL G 83 -12.06 -4.12 2.14
CA VAL G 83 -13.34 -3.61 2.57
C VAL G 83 -14.00 -2.89 1.40
N ASN G 84 -14.94 -3.58 0.75
CA ASN G 84 -15.66 -3.00 -0.36
C ASN G 84 -16.89 -2.15 0.04
N PHE G 85 -16.85 -0.85 -0.25
CA PHE G 85 -18.03 0.00 -0.07
C PHE G 85 -19.14 -0.48 -0.98
N ASP G 86 -18.78 -0.74 -2.25
CA ASP G 86 -19.70 -1.34 -3.21
C ASP G 86 -18.87 -2.13 -4.21
N HIS G 87 -19.44 -2.46 -5.37
N HIS G 87 -19.43 -2.43 -5.38
CA HIS G 87 -18.74 -3.32 -6.33
CA HIS G 87 -18.77 -3.28 -6.37
C HIS G 87 -17.64 -2.58 -7.10
C HIS G 87 -17.63 -2.57 -7.11
N VAL G 88 -17.37 -1.33 -6.73
CA VAL G 88 -16.33 -0.55 -7.39
C VAL G 88 -15.26 -0.03 -6.42
N ILE G 89 -15.72 0.65 -5.37
CA ILE G 89 -14.87 1.38 -4.44
C ILE G 89 -14.53 0.54 -3.20
N GLY G 90 -13.25 0.47 -2.87
CA GLY G 90 -12.83 -0.33 -1.73
C GLY G 90 -11.47 0.08 -1.18
N THR G 91 -11.18 -0.36 0.04
CA THR G 91 -9.84 -0.20 0.59
C THR G 91 -9.26 -1.56 0.88
N ARG G 92 -7.93 -1.65 0.82
CA ARG G 92 -7.25 -2.86 1.26
C ARG G 92 -6.24 -2.51 2.33
N ASN G 93 -6.36 -3.14 3.49
CA ASN G 93 -5.50 -2.82 4.61
C ASN G 93 -4.20 -3.64 4.59
N TYR G 94 -3.10 -2.93 4.78
CA TYR G 94 -1.76 -3.49 4.87
C TYR G 94 -1.21 -3.26 6.28
N TYR G 95 -2.07 -2.85 7.20
CA TYR G 95 -1.62 -2.59 8.57
C TYR G 95 -0.47 -1.58 8.77
N GLY G 96 -0.63 -0.40 8.16
CA GLY G 96 0.34 0.68 8.24
C GLY G 96 0.31 1.48 6.97
N LYS G 97 -0.37 0.89 6.00
CA LYS G 97 -0.64 1.43 4.68
C LYS G 97 -1.96 0.85 4.18
N VAL G 98 -2.65 1.62 3.34
CA VAL G 98 -3.95 1.21 2.82
C VAL G 98 -4.03 1.52 1.33
N ASP G 99 -4.52 0.57 0.54
CA ASP G 99 -4.88 0.86 -0.85
C ASP G 99 -6.30 1.43 -0.92
N LEU G 100 -6.48 2.56 -1.61
CA LEU G 100 -7.83 2.92 -2.04
C LEU G 100 -7.93 2.51 -3.50
N TYR G 101 -8.98 1.78 -3.87
CA TYR G 101 -9.12 1.35 -5.26
C TYR G 101 -10.50 1.62 -5.86
N ALA G 102 -10.52 1.81 -7.17
CA ALA G 102 -11.76 1.95 -7.93
C ALA G 102 -11.75 0.98 -9.11
N GLY G 103 -12.51 -0.10 -8.97
CA GLY G 103 -12.66 -1.06 -10.05
C GLY G 103 -11.60 -2.15 -10.10
N THR G 104 -10.52 -1.98 -9.35
CA THR G 104 -9.39 -2.89 -9.44
C THR G 104 -9.75 -4.35 -9.13
N PHE G 105 -10.76 -4.56 -8.29
CA PHE G 105 -11.18 -5.92 -7.97
C PHE G 105 -12.59 -6.19 -8.47
N ASN G 106 -12.97 -5.42 -9.48
CA ASN G 106 -14.12 -5.73 -10.30
C ASN G 106 -13.58 -6.29 -11.61
N GLY G 107 -13.90 -7.55 -11.90
CA GLY G 107 -13.39 -8.22 -13.08
C GLY G 107 -13.61 -7.43 -14.36
N THR G 108 -14.83 -6.94 -14.54
CA THR G 108 -15.25 -6.25 -15.76
C THR G 108 -14.58 -4.88 -15.93
N LEU G 109 -14.57 -4.10 -14.85
CA LEU G 109 -13.90 -2.79 -14.88
C LEU G 109 -12.40 -2.96 -15.04
N LYS G 110 -11.88 -4.05 -14.49
CA LYS G 110 -10.47 -4.37 -14.62
C LYS G 110 -10.12 -4.70 -16.07
N ALA G 111 -10.96 -5.51 -16.70
CA ALA G 111 -10.70 -5.92 -18.08
C ALA G 111 -10.74 -4.75 -19.04
N ALA G 112 -11.47 -3.71 -18.66
CA ALA G 112 -11.65 -2.54 -19.52
C ALA G 112 -10.53 -1.56 -19.28
N GLY G 113 -9.68 -1.86 -18.31
CA GLY G 113 -8.58 -0.98 -17.97
C GLY G 113 -9.01 0.37 -17.43
N VAL G 114 -10.14 0.43 -16.74
CA VAL G 114 -10.59 1.69 -16.15
C VAL G 114 -10.37 1.74 -14.64
N ASN G 115 -9.91 0.63 -14.06
CA ASN G 115 -9.66 0.63 -12.62
C ASN G 115 -8.46 1.51 -12.28
N TYR G 116 -8.42 1.98 -11.05
CA TYR G 116 -7.24 2.67 -10.53
C TYR G 116 -7.00 2.37 -9.05
N THR G 117 -5.74 2.14 -8.69
CA THR G 117 -5.38 1.86 -7.31
C THR G 117 -4.29 2.82 -6.83
N GLU G 118 -4.45 3.33 -5.62
CA GLU G 118 -3.43 4.15 -5.01
C GLU G 118 -3.26 3.80 -3.52
N ASN G 119 -2.01 3.74 -3.10
CA ASN G 119 -1.63 3.37 -1.75
C ASN G 119 -1.37 4.61 -0.90
N PHE G 120 -1.81 4.59 0.35
CA PHE G 120 -1.55 5.68 1.26
C PHE G 120 -1.04 5.22 2.63
N GLU G 121 -0.35 6.11 3.32
CA GLU G 121 0.01 5.85 4.70
C GLU G 121 -1.27 5.96 5.51
N THR G 122 -1.46 5.00 6.40
CA THR G 122 -2.70 4.94 7.17
C THR G 122 -3.19 6.29 7.73
N PRO G 123 -2.32 7.04 8.44
CA PRO G 123 -2.83 8.26 9.08
C PRO G 123 -3.45 9.26 8.13
N LEU G 124 -2.92 9.40 6.92
CA LEU G 124 -3.46 10.37 5.98
C LEU G 124 -4.86 9.98 5.53
N ILE G 125 -5.03 8.73 5.12
CA ILE G 125 -6.34 8.27 4.65
C ILE G 125 -7.33 8.16 5.81
N MET G 126 -6.87 7.79 7.00
CA MET G 126 -7.77 7.79 8.15
C MET G 126 -8.29 9.18 8.46
N ALA G 127 -7.41 10.16 8.42
CA ALA G 127 -7.80 11.52 8.77
C ALA G 127 -8.71 12.07 7.67
N THR G 128 -8.41 11.71 6.43
CA THR G 128 -9.25 12.11 5.32
C THR G 128 -10.65 11.50 5.48
N PHE G 129 -10.72 10.19 5.68
CA PHE G 129 -12.03 9.54 5.88
C PHE G 129 -12.78 10.09 7.09
N LYS G 130 -12.06 10.36 8.19
CA LYS G 130 -12.72 10.91 9.37
C LYS G 130 -13.34 12.25 9.05
N ALA G 131 -12.63 13.03 8.25
CA ALA G 131 -13.06 14.38 7.95
C ALA G 131 -14.24 14.31 6.98
N ILE G 132 -14.18 13.36 6.06
CA ILE G 132 -15.29 13.08 5.18
C ILE G 132 -16.53 12.64 5.97
N LEU G 133 -16.34 11.73 6.93
CA LEU G 133 -17.46 11.32 7.77
C LEU G 133 -18.07 12.52 8.47
N ARG G 134 -17.21 13.34 9.04
CA ARG G 134 -17.65 14.50 9.80
C ARG G 134 -18.48 15.47 8.96
N ASP G 135 -17.98 15.80 7.78
CA ASP G 135 -18.67 16.75 6.93
C ASP G 135 -20.00 16.21 6.37
N TRP G 136 -20.02 14.96 5.90
CA TRP G 136 -21.15 14.45 5.14
C TRP G 136 -22.29 13.87 5.95
N THR G 137 -22.05 13.64 7.24
CA THR G 137 -23.06 13.09 8.12
C THR G 137 -23.87 14.22 8.79
N ASN G 138 -25.14 14.33 8.43
CA ASN G 138 -26.01 15.33 9.02
C ASN G 138 -26.50 14.88 10.40
N ALA G 139 -27.11 15.80 11.15
CA ALA G 139 -27.54 15.53 12.52
C ALA G 139 -28.60 14.44 12.62
N THR G 140 -29.29 14.17 11.52
CA THR G 140 -30.40 13.21 11.49
C THR G 140 -29.94 11.80 11.18
N PHE G 141 -28.65 11.62 10.95
CA PHE G 141 -28.15 10.33 10.46
C PHE G 141 -27.03 9.71 11.31
N ASP G 142 -27.33 8.52 11.85
CA ASP G 142 -26.34 7.72 12.55
C ASP G 142 -25.89 6.55 11.65
N PRO G 143 -24.72 6.71 11.00
CA PRO G 143 -24.20 5.75 10.03
C PRO G 143 -23.87 4.40 10.68
N PHE G 144 -23.94 4.33 11.99
CA PHE G 144 -23.54 3.12 12.70
C PHE G 144 -24.76 2.31 13.09
N ALA G 145 -25.95 2.82 12.82
CA ALA G 145 -27.17 2.22 13.35
C ALA G 145 -28.02 1.54 12.30
N ALA G 146 -28.93 0.68 12.74
CA ALA G 146 -29.86 0.04 11.80
C ALA G 146 -30.80 1.10 11.21
N PRO G 147 -31.25 0.91 9.97
CA PRO G 147 -32.10 1.89 9.27
C PRO G 147 -33.35 2.26 10.07
N GLU G 148 -33.94 1.30 10.77
CA GLU G 148 -35.09 1.60 11.60
C GLU G 148 -34.74 2.54 12.76
N GLU G 149 -33.47 2.52 13.18
CA GLU G 149 -33.04 3.28 14.35
C GLU G 149 -32.64 4.72 14.07
N THR G 150 -32.80 5.19 12.83
CA THR G 150 -32.23 6.50 12.47
C THR G 150 -32.91 7.17 11.29
N GLY G 151 -32.47 8.38 10.95
CA GLY G 151 -33.13 9.15 9.91
C GLY G 151 -32.42 9.03 8.58
N SER G 152 -32.59 10.03 7.73
CA SER G 152 -32.04 10.04 6.37
C SER G 152 -30.65 10.68 6.28
N ALA G 153 -29.81 10.14 5.41
CA ALA G 153 -28.55 10.77 5.08
C ALA G 153 -28.67 11.74 3.89
N PHE G 154 -29.87 11.85 3.30
CA PHE G 154 -30.08 12.60 2.07
C PHE G 154 -30.38 14.07 2.28
N GLY G 155 -30.34 14.85 1.20
CA GLY G 155 -30.57 16.29 1.28
C GLY G 155 -29.27 17.05 1.52
N ARG G 156 -29.37 18.37 1.70
CA ARG G 156 -28.18 19.22 1.85
C ARG G 156 -27.57 19.19 3.25
N LYS G 157 -26.35 19.73 3.38
CA LYS G 157 -25.71 19.83 4.69
C LYS G 157 -26.67 20.41 5.71
N ASN G 158 -26.76 19.73 6.84
CA ASN G 158 -27.65 20.14 7.91
C ASN G 158 -27.12 19.65 9.26
N GLY G 159 -26.16 20.39 9.83
CA GLY G 159 -25.62 20.06 11.13
C GLY G 159 -24.59 18.95 11.07
N GLU G 160 -24.30 18.37 12.22
CA GLU G 160 -23.40 17.21 12.29
C GLU G 160 -23.82 16.23 13.38
N ASN G 161 -23.04 15.16 13.53
CA ASN G 161 -23.39 14.10 14.46
C ASN G 161 -22.16 13.46 15.10
N LEU G 162 -21.34 14.27 15.76
CA LEU G 162 -20.12 13.83 16.42
C LEU G 162 -20.30 12.68 17.41
N GLU G 163 -21.40 12.71 18.15
CA GLU G 163 -21.65 11.70 19.16
C GLU G 163 -21.84 10.31 18.55
N CYS G 164 -22.13 10.28 17.25
CA CYS G 164 -22.35 8.99 16.60
C CYS G 164 -21.13 8.52 15.84
N ILE G 165 -20.49 9.44 15.13
CA ILE G 165 -19.35 9.08 14.32
C ILE G 165 -18.05 9.06 15.10
N GLU G 166 -18.07 9.59 16.32
CA GLU G 166 -16.87 9.67 17.16
C GLU G 166 -17.03 8.93 18.50
N ARG G 167 -17.81 7.86 18.48
CA ARG G 167 -17.98 6.98 19.63
C ARG G 167 -16.63 6.50 20.13
N PHE G 168 -16.23 6.96 21.31
CA PHE G 168 -14.97 6.52 21.87
C PHE G 168 -15.22 5.47 22.96
N ARG G 169 -14.52 4.34 22.85
CA ARG G 169 -14.54 3.33 23.90
C ARG G 169 -13.17 2.69 24.03
N ILE G 170 -12.71 2.55 25.28
CA ILE G 170 -11.40 1.94 25.57
C ILE G 170 -11.26 0.58 24.89
N ALA G 171 -10.12 0.34 24.24
CA ALA G 171 -9.91 -0.93 23.57
C ALA G 171 -9.62 -2.04 24.60
N THR G 172 -10.27 -3.19 24.41
CA THR G 172 -10.05 -4.34 25.28
C THR G 172 -8.62 -4.85 25.22
N LYS G 173 -8.00 -5.02 26.39
CA LYS G 173 -6.65 -5.57 26.47
C LYS G 173 -6.64 -7.06 26.83
N ARG G 174 -7.59 -7.47 27.66
CA ARG G 174 -7.64 -8.83 28.18
C ARG G 174 -9.08 -9.35 28.18
N MET G 175 -9.94 -8.63 28.90
CA MET G 175 -11.37 -8.89 28.95
C MET G 175 -12.06 -7.67 29.58
N PRO G 176 -13.18 -7.26 29.00
CA PRO G 176 -14.00 -6.19 29.60
C PRO G 176 -14.24 -6.43 31.09
N GLY G 177 -14.37 -5.35 31.85
CA GLY G 177 -14.75 -5.44 33.24
C GLY G 177 -13.54 -5.46 34.14
N LEU G 178 -12.40 -5.83 33.58
CA LEU G 178 -11.16 -5.80 34.36
C LEU G 178 -10.74 -4.36 34.63
N GLN G 179 -9.95 -4.20 35.68
CA GLN G 179 -9.42 -2.89 36.06
C GLN G 179 -8.48 -2.36 34.98
N ASP G 180 -8.66 -1.09 34.63
CA ASP G 180 -7.89 -0.45 33.57
C ASP G 180 -8.14 -1.08 32.21
N ASP G 181 -9.15 -1.93 32.10
CA ASP G 181 -9.44 -2.57 30.82
C ASP G 181 -10.69 -1.94 30.20
N SER G 182 -11.16 -2.52 29.10
CA SER G 182 -12.42 -2.08 28.52
C SER G 182 -13.54 -2.16 29.57
N PRO G 183 -14.55 -1.28 29.48
CA PRO G 183 -15.60 -1.27 30.50
C PRO G 183 -16.82 -2.09 30.09
N LEU G 184 -17.60 -2.53 31.09
CA LEU G 184 -18.87 -3.17 30.82
C LEU G 184 -19.86 -2.13 30.32
N ARG G 185 -21.14 -2.47 30.22
CA ARG G 185 -22.12 -1.54 29.66
C ARG G 185 -23.36 -1.36 30.55
N ASN G 186 -23.15 -1.36 31.86
CA ASN G 186 -24.27 -1.23 32.79
C ASN G 186 -24.98 0.13 32.69
N ASP G 187 -24.35 1.07 31.96
CA ASP G 187 -24.87 2.43 31.80
C ASP G 187 -25.55 2.66 30.46
N LEU G 188 -25.51 1.65 29.58
CA LEU G 188 -26.20 1.75 28.29
C LEU G 188 -27.56 1.04 28.34
N PRO G 189 -28.56 1.60 27.66
CA PRO G 189 -29.90 1.02 27.60
C PRO G 189 -29.91 -0.23 26.73
N VAL G 190 -30.78 -1.17 27.05
CA VAL G 190 -30.91 -2.39 26.26
C VAL G 190 -31.58 -2.02 24.95
N ASN G 191 -31.09 -2.62 23.87
CA ASN G 191 -31.63 -2.29 22.56
C ASN G 191 -33.02 -2.88 22.38
N ARG G 192 -33.91 -2.15 21.72
CA ARG G 192 -35.31 -2.59 21.62
C ARG G 192 -35.49 -3.99 21.05
N GLN G 193 -34.53 -4.48 20.27
CA GLN G 193 -34.66 -5.83 19.70
C GLN G 193 -33.92 -6.91 20.49
N PHE G 194 -33.65 -6.62 21.76
CA PHE G 194 -33.06 -7.60 22.66
C PHE G 194 -33.74 -7.45 24.02
N ALA G 195 -34.85 -6.73 24.02
CA ALA G 195 -35.59 -6.45 25.26
C ALA G 195 -35.85 -7.69 26.13
N ASP G 196 -35.85 -8.87 25.52
CA ASP G 196 -36.13 -10.12 26.25
C ASP G 196 -34.87 -10.87 26.68
N VAL G 197 -33.70 -10.32 26.36
CA VAL G 197 -32.47 -10.95 26.80
C VAL G 197 -32.27 -10.73 28.30
N SER G 198 -31.91 -11.78 29.02
CA SER G 198 -31.69 -11.71 30.46
C SER G 198 -30.57 -10.73 30.82
N GLN G 199 -30.82 -9.91 31.82
CA GLN G 199 -29.85 -8.95 32.28
C GLN G 199 -29.19 -9.40 33.58
N ASP G 200 -29.18 -10.72 33.82
CA ASP G 200 -28.59 -11.25 35.04
C ASP G 200 -27.10 -11.48 34.88
N GLU G 201 -26.34 -11.07 35.90
CA GLU G 201 -24.90 -11.27 35.92
C GLU G 201 -24.55 -12.63 36.49
N PRO G 202 -23.42 -13.20 36.06
CA PRO G 202 -22.89 -14.39 36.72
C PRO G 202 -22.45 -14.02 38.13
N GLU G 203 -22.55 -14.96 39.07
CA GLU G 203 -22.13 -14.72 40.45
C GLU G 203 -20.67 -15.06 40.65
N VAL G 204 -19.93 -14.11 41.22
CA VAL G 204 -18.56 -14.39 41.62
C VAL G 204 -18.46 -14.60 43.14
N HIS G 205 -17.94 -15.74 43.55
CA HIS G 205 -17.78 -16.04 44.97
C HIS G 205 -16.30 -16.23 45.28
N ALA G 206 -15.62 -15.13 45.54
CA ALA G 206 -14.17 -15.18 45.77
C ALA G 206 -13.81 -15.72 47.16
N ALA G 207 -12.74 -16.51 47.22
CA ALA G 207 -12.20 -16.95 48.50
C ALA G 207 -11.69 -15.73 49.27
N GLU G 208 -11.64 -15.84 50.60
CA GLU G 208 -11.18 -14.73 51.42
C GLU G 208 -9.75 -14.36 51.03
N GLY G 209 -9.52 -13.06 50.82
CA GLY G 209 -8.22 -12.57 50.38
C GLY G 209 -7.95 -12.82 48.90
N PHE G 210 -9.00 -12.70 48.09
CA PHE G 210 -8.94 -12.91 46.65
C PHE G 210 -10.00 -12.07 45.93
N GLU G 211 -10.74 -11.28 46.71
CA GLU G 211 -11.69 -10.35 46.13
C GLU G 211 -11.00 -9.63 44.96
N GLY G 212 -11.66 -9.62 43.81
CA GLY G 212 -11.12 -8.96 42.62
C GLY G 212 -10.16 -9.77 41.77
N GLU G 213 -9.97 -11.05 42.10
CA GLU G 213 -9.07 -11.91 41.32
C GLU G 213 -9.78 -12.76 40.25
N LEU G 214 -11.07 -12.99 40.44
CA LEU G 214 -11.84 -13.77 39.48
C LEU G 214 -12.71 -12.84 38.64
N HIS G 215 -12.84 -13.14 37.36
CA HIS G 215 -13.56 -12.22 36.48
C HIS G 215 -14.58 -12.89 35.56
N ALA G 216 -15.81 -12.36 35.58
CA ALA G 216 -16.92 -12.93 34.81
C ALA G 216 -18.06 -11.94 34.67
N PHE G 217 -18.67 -11.89 33.49
CA PHE G 217 -19.77 -10.97 33.22
C PHE G 217 -20.69 -11.64 32.22
N SER G 218 -21.86 -11.05 32.00
CA SER G 218 -22.77 -11.57 30.99
C SER G 218 -22.51 -10.97 29.62
N LEU G 219 -21.94 -11.80 28.74
CA LEU G 219 -21.71 -11.44 27.36
C LEU G 219 -22.99 -11.08 26.61
N PHE G 220 -24.04 -11.87 26.79
CA PHE G 220 -25.33 -11.54 26.17
C PHE G 220 -25.90 -10.24 26.70
N LYS G 221 -25.61 -9.92 27.97
CA LYS G 221 -26.11 -8.68 28.54
C LYS G 221 -25.41 -7.52 27.85
N TYR G 222 -24.09 -7.64 27.81
CA TYR G 222 -23.20 -6.70 27.17
C TYR G 222 -23.63 -6.46 25.72
N LEU G 223 -23.80 -7.54 24.95
CA LEU G 223 -24.28 -7.42 23.57
C LEU G 223 -25.66 -6.78 23.47
N SER G 224 -26.56 -7.09 24.40
CA SER G 224 -27.93 -6.55 24.30
C SER G 224 -27.90 -5.03 24.42
N ARG G 225 -26.77 -4.50 24.89
CA ARG G 225 -26.67 -3.06 25.06
C ARG G 225 -25.79 -2.40 24.00
N SER G 226 -25.36 -3.18 23.02
CA SER G 226 -24.61 -2.64 21.89
C SER G 226 -25.46 -1.60 21.16
N ASP G 227 -24.92 -0.41 20.94
CA ASP G 227 -25.66 0.67 20.27
C ASP G 227 -25.19 0.88 18.83
N VAL G 228 -24.39 -0.05 18.32
CA VAL G 228 -24.00 -0.01 16.92
C VAL G 228 -24.24 -1.37 16.27
N THR G 229 -24.28 -1.41 14.95
CA THR G 229 -24.49 -2.67 14.24
C THR G 229 -23.27 -3.04 13.41
N TRP G 230 -23.06 -4.33 13.24
CA TRP G 230 -21.97 -4.83 12.43
C TRP G 230 -20.65 -4.18 12.85
N ASN G 231 -20.27 -4.43 14.09
CA ASN G 231 -19.04 -3.87 14.60
C ASN G 231 -18.34 -4.86 15.51
N PRO G 232 -17.63 -5.82 14.92
CA PRO G 232 -16.95 -6.82 15.75
C PRO G 232 -16.07 -6.08 16.75
N SER G 233 -16.30 -6.34 18.02
CA SER G 233 -15.56 -5.66 19.07
C SER G 233 -14.97 -6.69 20.03
N VAL G 234 -13.70 -6.52 20.38
CA VAL G 234 -13.00 -7.52 21.18
C VAL G 234 -13.56 -7.68 22.60
N THR G 235 -13.76 -8.94 23.01
CA THR G 235 -14.26 -9.28 24.35
C THR G 235 -13.39 -10.34 25.01
N SER G 236 -12.42 -10.89 24.29
CA SER G 236 -11.41 -11.70 24.94
C SER G 236 -10.18 -11.84 24.06
N VAL G 237 -9.02 -11.89 24.71
CA VAL G 237 -7.76 -11.91 23.99
C VAL G 237 -6.92 -13.08 24.48
N CYS G 238 -6.67 -14.03 23.60
CA CYS G 238 -5.82 -15.16 23.94
C CYS G 238 -4.63 -15.11 22.99
N LYS G 239 -3.56 -14.46 23.40
CA LYS G 239 -2.53 -14.09 22.44
C LYS G 239 -3.21 -13.42 21.23
N ALA G 240 -2.89 -13.84 20.00
CA ALA G 240 -3.45 -13.18 18.82
C ALA G 240 -4.84 -13.68 18.41
N SER G 241 -5.36 -14.66 19.14
CA SER G 241 -6.75 -15.09 18.97
C SER G 241 -7.69 -14.06 19.61
N LEU G 242 -8.62 -13.52 18.84
CA LEU G 242 -9.52 -12.51 19.36
C LEU G 242 -10.98 -12.88 19.15
N PHE G 243 -11.75 -12.95 20.25
CA PHE G 243 -13.20 -13.05 20.16
C PHE G 243 -13.77 -11.65 19.99
N CYS G 244 -14.47 -11.43 18.88
CA CYS G 244 -15.01 -10.12 18.55
C CYS G 244 -16.50 -10.17 18.23
N PRO G 245 -17.34 -10.32 19.26
CA PRO G 245 -18.78 -10.40 19.03
C PRO G 245 -19.37 -9.05 18.62
N THR G 246 -20.58 -9.07 18.06
CA THR G 246 -21.22 -7.86 17.57
C THR G 246 -22.70 -8.14 17.36
N THR G 247 -23.51 -7.10 17.24
CA THR G 247 -24.92 -7.27 17.00
C THR G 247 -25.27 -6.79 15.59
N GLU G 248 -25.93 -7.67 14.85
CA GLU G 248 -26.10 -7.46 13.42
C GLU G 248 -27.56 -7.27 13.06
N GLU G 249 -27.84 -6.21 12.32
CA GLU G 249 -29.17 -5.91 11.86
C GLU G 249 -29.08 -5.42 10.42
N PHE G 250 -30.12 -5.69 9.64
CA PHE G 250 -30.13 -5.33 8.24
C PHE G 250 -28.99 -6.00 7.48
N ILE G 251 -28.24 -5.22 6.72
CA ILE G 251 -27.17 -5.77 5.89
C ILE G 251 -25.79 -5.23 6.25
N LEU G 252 -24.81 -6.11 6.36
CA LEU G 252 -23.42 -5.69 6.54
C LEU G 252 -23.11 -4.60 5.51
N PRO G 253 -22.71 -3.39 5.98
CA PRO G 253 -22.56 -2.24 5.08
C PRO G 253 -21.41 -2.37 4.07
N VAL G 254 -20.66 -3.46 4.14
CA VAL G 254 -19.56 -3.63 3.22
C VAL G 254 -19.57 -5.07 2.75
N PHE G 255 -18.77 -5.33 1.72
CA PHE G 255 -18.50 -6.69 1.30
C PHE G 255 -17.07 -6.91 1.78
N HIS G 256 -16.88 -7.79 2.76
CA HIS G 256 -15.54 -8.04 3.29
C HIS G 256 -14.77 -9.15 2.59
N GLY G 257 -13.60 -8.82 2.05
CA GLY G 257 -12.73 -9.81 1.46
C GLY G 257 -11.59 -10.19 2.40
N ASN G 258 -11.49 -11.47 2.69
CA ASN G 258 -10.52 -11.97 3.66
C ASN G 258 -9.06 -11.90 3.20
N ASP G 259 -8.16 -11.61 4.13
CA ASP G 259 -6.75 -11.88 3.88
C ASP G 259 -6.24 -12.98 4.78
N ARG G 260 -7.17 -13.69 5.42
CA ARG G 260 -6.81 -14.82 6.27
C ARG G 260 -8.10 -15.52 6.53
N VAL G 261 -8.05 -16.62 7.28
CA VAL G 261 -9.28 -17.33 7.64
C VAL G 261 -9.93 -16.63 8.80
N GLU G 262 -11.26 -16.64 8.84
CA GLU G 262 -11.99 -16.29 10.05
C GLU G 262 -13.02 -17.34 10.30
N TRP G 263 -13.62 -17.30 11.50
CA TRP G 263 -14.76 -18.14 11.78
C TRP G 263 -15.87 -17.27 12.34
N PHE G 264 -17.09 -17.63 12.00
CA PHE G 264 -18.27 -17.07 12.62
C PHE G 264 -18.90 -18.11 13.51
N ILE G 265 -19.47 -17.68 14.62
CA ILE G 265 -20.27 -18.55 15.43
C ILE G 265 -21.53 -17.80 15.79
N GLN G 266 -22.65 -18.27 15.26
CA GLN G 266 -23.89 -17.56 15.43
C GLN G 266 -24.40 -17.88 16.82
N MET G 267 -24.72 -16.85 17.59
CA MET G 267 -25.06 -17.05 19.00
C MET G 267 -26.55 -16.88 19.24
N SER G 268 -27.18 -16.02 18.45
CA SER G 268 -28.60 -15.79 18.55
C SER G 268 -29.21 -15.56 17.17
N ASP G 269 -30.43 -16.06 16.99
CA ASP G 269 -31.19 -15.86 15.76
C ASP G 269 -30.52 -16.38 14.48
N GLU G 270 -30.51 -15.59 13.43
CA GLU G 270 -29.92 -16.03 12.17
C GLU G 270 -29.35 -14.94 11.27
N ILE G 271 -28.40 -15.33 10.44
CA ILE G 271 -27.77 -14.46 9.46
C ILE G 271 -27.59 -15.25 8.16
N VAL G 272 -27.95 -14.62 7.03
CA VAL G 272 -27.71 -15.23 5.72
C VAL G 272 -26.51 -14.56 5.07
N TRP G 273 -25.51 -15.37 4.75
CA TRP G 273 -24.26 -14.88 4.15
C TRP G 273 -24.15 -15.15 2.67
N ASP G 274 -23.99 -14.09 1.90
CA ASP G 274 -23.71 -14.18 0.48
C ASP G 274 -22.20 -14.28 0.37
N VAL G 275 -21.72 -15.39 -0.16
CA VAL G 275 -20.29 -15.64 -0.24
C VAL G 275 -19.83 -15.66 -1.70
N GLY G 276 -18.75 -14.96 -2.00
CA GLY G 276 -18.23 -14.95 -3.36
C GLY G 276 -16.76 -15.25 -3.48
N ASP G 277 -16.30 -15.35 -4.74
CA ASP G 277 -14.87 -15.40 -5.05
C ASP G 277 -14.28 -14.03 -4.75
N LYS G 278 -13.20 -14.00 -3.98
CA LYS G 278 -12.57 -12.74 -3.60
C LYS G 278 -11.89 -12.08 -4.78
N ASP G 279 -11.20 -12.85 -5.60
CA ASP G 279 -10.61 -12.29 -6.81
C ASP G 279 -11.70 -12.02 -7.86
N ASP G 280 -12.50 -13.06 -8.10
CA ASP G 280 -13.60 -13.05 -9.08
C ASP G 280 -14.83 -12.16 -8.87
N GLY G 281 -15.33 -12.13 -7.64
CA GLY G 281 -16.55 -11.40 -7.30
C GLY G 281 -17.77 -12.27 -7.56
N ASN G 282 -17.53 -13.43 -8.16
CA ASN G 282 -18.51 -14.44 -8.50
C ASN G 282 -19.08 -15.15 -7.28
N PRO G 283 -20.42 -15.29 -7.23
CA PRO G 283 -21.09 -16.04 -6.15
C PRO G 283 -20.54 -17.44 -6.02
N ARG G 284 -20.24 -17.88 -4.79
CA ARG G 284 -19.72 -19.22 -4.53
C ARG G 284 -20.70 -20.03 -3.71
N ALA G 285 -21.30 -19.37 -2.73
CA ALA G 285 -22.21 -20.05 -1.81
C ALA G 285 -23.17 -19.06 -1.17
N ARG G 286 -24.26 -19.60 -0.62
CA ARG G 286 -25.17 -18.81 0.19
C ARG G 286 -25.33 -19.63 1.46
N ILE G 287 -24.91 -19.06 2.58
CA ILE G 287 -24.81 -19.81 3.82
C ILE G 287 -25.72 -19.25 4.89
N THR G 288 -26.63 -20.09 5.37
CA THR G 288 -27.57 -19.70 6.42
C THR G 288 -27.10 -20.23 7.77
N MET G 289 -26.84 -19.32 8.69
CA MET G 289 -26.33 -19.65 10.03
C MET G 289 -27.36 -19.39 11.12
N ARG G 290 -27.72 -20.45 11.83
CA ARG G 290 -28.67 -20.38 12.92
C ARG G 290 -27.95 -20.51 14.25
N ALA G 291 -28.67 -20.24 15.34
CA ALA G 291 -28.11 -20.27 16.67
C ALA G 291 -27.30 -21.54 16.90
N GLY G 292 -26.02 -21.36 17.26
CA GLY G 292 -25.13 -22.49 17.48
C GLY G 292 -24.27 -22.86 16.28
N ASP G 293 -24.59 -22.33 15.10
CA ASP G 293 -23.85 -22.69 13.88
C ASP G 293 -22.42 -22.13 13.87
N VAL G 294 -21.49 -22.94 13.39
CA VAL G 294 -20.08 -22.54 13.28
C VAL G 294 -19.69 -22.64 11.80
N CYS G 295 -19.02 -21.61 11.29
CA CYS G 295 -18.60 -21.64 9.90
C CYS G 295 -17.22 -20.99 9.73
N ALA G 296 -16.35 -21.64 8.96
CA ALA G 296 -15.10 -21.02 8.56
C ALA G 296 -15.30 -20.16 7.32
N MET G 297 -14.68 -19.00 7.31
CA MET G 297 -14.72 -18.17 6.12
C MET G 297 -13.32 -18.11 5.54
N PRO G 298 -13.07 -18.92 4.49
CA PRO G 298 -11.72 -19.07 3.94
C PRO G 298 -11.14 -17.76 3.41
N ALA G 299 -9.81 -17.75 3.32
CA ALA G 299 -9.06 -16.58 2.90
C ALA G 299 -9.23 -16.21 1.41
N ASP G 300 -9.84 -17.06 0.61
CA ASP G 300 -10.09 -16.71 -0.79
C ASP G 300 -11.53 -16.30 -1.12
N ILE G 301 -12.30 -15.86 -0.13
CA ILE G 301 -13.66 -15.42 -0.40
C ILE G 301 -13.95 -13.99 0.10
N ARG G 302 -15.04 -13.43 -0.37
CA ARG G 302 -15.57 -12.19 0.18
C ARG G 302 -17.02 -12.48 0.54
N HIS G 303 -17.60 -11.71 1.45
CA HIS G 303 -18.95 -12.02 1.89
C HIS G 303 -19.68 -10.85 2.47
N GLN G 304 -21.00 -10.93 2.49
CA GLN G 304 -21.84 -9.87 3.00
C GLN G 304 -23.05 -10.53 3.63
N GLY G 305 -23.41 -10.07 4.83
CA GLY G 305 -24.44 -10.74 5.61
C GLY G 305 -25.74 -9.98 5.68
N TYR G 306 -26.83 -10.74 5.87
CA TYR G 306 -28.19 -10.21 6.04
C TYR G 306 -28.78 -10.75 7.36
N SER G 307 -29.31 -9.85 8.19
CA SER G 307 -29.86 -10.26 9.47
C SER G 307 -31.15 -9.49 9.71
N THR G 308 -32.28 -10.17 9.58
CA THR G 308 -33.58 -9.51 9.73
C THR G 308 -33.80 -8.98 11.15
N LYS G 309 -33.76 -9.87 12.14
CA LYS G 309 -33.79 -9.45 13.53
C LYS G 309 -32.37 -9.23 13.99
N ARG G 310 -32.16 -8.13 14.73
CA ARG G 310 -30.88 -7.84 15.35
C ARG G 310 -30.44 -9.12 16.06
N SER G 311 -29.22 -9.56 15.78
CA SER G 311 -28.77 -10.85 16.28
C SER G 311 -27.35 -10.78 16.84
N MET G 312 -27.00 -11.76 17.66
CA MET G 312 -25.68 -11.81 18.26
C MET G 312 -24.76 -12.73 17.47
N LEU G 313 -23.72 -12.15 16.88
CA LEU G 313 -22.76 -12.91 16.10
C LEU G 313 -21.41 -12.85 16.78
N MET G 314 -20.71 -13.98 16.79
CA MET G 314 -19.35 -14.00 17.31
C MET G 314 -18.35 -14.10 16.17
N VAL G 315 -17.52 -13.08 16.01
CA VAL G 315 -16.50 -13.13 14.99
C VAL G 315 -15.16 -13.51 15.61
N TRP G 316 -14.57 -14.58 15.13
CA TRP G 316 -13.32 -15.05 15.70
C TRP G 316 -12.16 -14.71 14.77
N GLU G 317 -11.26 -13.84 15.21
CA GLU G 317 -10.16 -13.44 14.35
C GLU G 317 -8.87 -14.01 14.83
N ASN G 318 -7.98 -14.27 13.89
CA ASN G 318 -6.58 -14.53 14.21
C ASN G 318 -5.80 -13.26 13.84
N ALA G 319 -5.47 -12.43 14.82
CA ALA G 319 -4.75 -11.18 14.55
C ALA G 319 -3.23 -11.31 14.42
N THR G 320 -2.74 -12.51 14.12
CA THR G 320 -1.32 -12.72 13.97
C THR G 320 -0.76 -11.96 12.76
N PRO G 321 0.32 -11.19 12.97
CA PRO G 321 0.96 -10.37 11.92
C PRO G 321 1.50 -11.21 10.77
N ASN G 322 1.50 -10.64 9.57
CA ASN G 322 2.18 -11.28 8.42
C ASN G 322 1.51 -12.55 7.86
N LEU G 323 0.33 -12.89 8.38
CA LEU G 323 -0.47 -13.99 7.82
C LEU G 323 -0.70 -13.92 6.28
N PRO G 324 -1.10 -12.76 5.74
CA PRO G 324 -1.46 -12.66 4.32
C PRO G 324 -0.40 -13.25 3.40
N HIS G 325 0.86 -12.99 3.69
CA HIS G 325 1.93 -13.55 2.88
C HIS G 325 1.88 -15.06 2.81
N LEU G 326 1.52 -15.71 3.92
CA LEU G 326 1.46 -17.16 3.95
C LEU G 326 0.44 -17.65 2.94
N TYR G 327 -0.67 -16.94 2.85
CA TYR G 327 -1.74 -17.30 1.91
C TYR G 327 -1.45 -16.89 0.46
N GLU G 328 -0.88 -15.72 0.25
CA GLU G 328 -0.61 -15.25 -1.11
C GLU G 328 0.55 -15.97 -1.77
N SER G 329 1.48 -16.47 -0.96
CA SER G 329 2.67 -17.16 -1.48
C SER G 329 2.39 -18.62 -1.75
N GLY G 330 1.15 -19.04 -1.50
CA GLY G 330 0.74 -20.40 -1.75
C GLY G 330 1.16 -21.36 -0.66
N GLU G 331 1.95 -20.85 0.29
CA GLU G 331 2.45 -21.69 1.38
C GLU G 331 1.31 -22.37 2.15
N LEU G 332 0.19 -21.66 2.27
CA LEU G 332 -0.97 -22.15 3.00
C LEU G 332 -2.18 -22.17 2.09
N LYS G 333 -3.09 -23.11 2.34
CA LYS G 333 -4.33 -23.20 1.55
C LYS G 333 -5.45 -22.32 2.16
N PRO G 334 -6.33 -21.78 1.31
CA PRO G 334 -7.37 -20.80 1.72
C PRO G 334 -8.30 -21.30 2.82
N TYR G 335 -8.73 -22.55 2.78
CA TYR G 335 -9.58 -23.12 3.84
C TYR G 335 -8.70 -23.65 4.99
N PRO G 336 -9.25 -23.69 6.21
CA PRO G 336 -8.39 -24.05 7.36
C PRO G 336 -8.22 -25.56 7.63
N ILE G 337 -9.12 -26.40 7.14
CA ILE G 337 -9.04 -27.83 7.46
C ILE G 337 -9.28 -28.74 6.28
N GLU G 338 -8.35 -29.67 6.07
CA GLU G 338 -8.57 -30.73 5.11
C GLU G 338 -9.14 -31.94 5.84
N PHE G 339 -10.24 -32.49 5.34
CA PHE G 339 -10.84 -33.67 5.93
C PHE G 339 -11.74 -34.45 4.97
N ASP H 16 -55.78 -14.03 -13.47
CA ASP H 16 -56.55 -15.11 -12.85
C ASP H 16 -56.40 -15.07 -11.32
N ASP H 17 -56.39 -16.26 -10.70
CA ASP H 17 -56.42 -16.41 -9.22
C ASP H 17 -55.06 -16.34 -8.52
N VAL H 18 -54.97 -15.45 -7.54
CA VAL H 18 -53.72 -15.20 -6.81
C VAL H 18 -53.55 -16.18 -5.65
N GLN H 19 -52.36 -16.77 -5.54
CA GLN H 19 -52.05 -17.66 -4.42
C GLN H 19 -51.41 -16.90 -3.24
N ALA H 20 -52.17 -16.71 -2.17
CA ALA H 20 -51.65 -15.97 -1.03
C ALA H 20 -51.91 -16.74 0.24
N SER H 21 -51.06 -16.52 1.24
CA SER H 21 -51.21 -17.19 2.52
C SER H 21 -52.00 -16.27 3.43
N PRO H 22 -52.33 -16.77 4.63
CA PRO H 22 -52.82 -15.92 5.72
C PRO H 22 -51.67 -15.07 6.24
N PRO H 23 -51.96 -13.87 6.78
CA PRO H 23 -50.90 -12.99 7.29
C PRO H 23 -49.99 -13.76 8.23
N HIS H 24 -48.67 -13.60 8.08
CA HIS H 24 -47.73 -14.27 8.98
C HIS H 24 -47.99 -13.85 10.43
N ALA H 25 -47.59 -14.70 11.37
CA ALA H 25 -47.89 -14.48 12.79
C ALA H 25 -47.05 -13.35 13.42
N VAL H 26 -45.80 -13.23 12.99
CA VAL H 26 -44.91 -12.21 13.53
C VAL H 26 -44.88 -10.97 12.64
N THR H 27 -44.53 -11.17 11.39
CA THR H 27 -44.30 -10.07 10.48
C THR H 27 -45.61 -9.40 10.07
N GLY H 28 -46.66 -10.21 9.96
CA GLY H 28 -47.99 -9.74 9.61
C GLY H 28 -48.18 -9.62 8.10
N TYR H 29 -47.22 -10.14 7.37
CA TYR H 29 -47.26 -10.08 5.91
C TYR H 29 -47.70 -11.42 5.34
N ARG H 30 -48.37 -11.37 4.19
CA ARG H 30 -48.71 -12.60 3.50
C ARG H 30 -47.55 -12.99 2.62
N SER H 31 -47.43 -14.27 2.32
CA SER H 31 -46.51 -14.70 1.28
C SER H 31 -47.33 -15.04 0.02
N PHE H 32 -46.65 -15.31 -1.08
CA PHE H 32 -47.33 -15.53 -2.33
C PHE H 32 -46.70 -16.66 -3.11
N GLN H 33 -47.52 -17.36 -3.89
CA GLN H 33 -47.01 -18.41 -4.73
C GLN H 33 -47.32 -18.10 -6.18
N LEU H 34 -46.35 -18.32 -7.05
CA LEU H 34 -46.48 -18.03 -8.46
C LEU H 34 -45.64 -19.04 -9.23
N GLY H 35 -46.30 -20.06 -9.76
CA GLY H 35 -45.59 -21.20 -10.31
C GLY H 35 -44.70 -21.79 -9.24
N ALA H 36 -43.49 -22.18 -9.63
CA ALA H 36 -42.53 -22.72 -8.67
C ALA H 36 -41.97 -21.66 -7.68
N PHE H 37 -42.22 -20.38 -7.95
CA PHE H 37 -41.69 -19.30 -7.12
C PHE H 37 -42.51 -19.05 -5.87
N GLU H 38 -41.83 -18.81 -4.75
CA GLU H 38 -42.51 -18.34 -3.57
C GLU H 38 -41.96 -16.99 -3.13
N LEU H 39 -42.86 -16.04 -2.87
CA LEU H 39 -42.48 -14.68 -2.54
C LEU H 39 -43.01 -14.21 -1.19
N SER H 40 -42.09 -14.01 -0.25
CA SER H 40 -42.42 -13.53 1.07
C SER H 40 -41.61 -12.27 1.39
N ARG H 41 -41.95 -11.60 2.49
CA ARG H 41 -41.13 -10.49 2.96
C ARG H 41 -41.16 -10.51 4.48
N ASP H 42 -40.15 -9.91 5.10
CA ASP H 42 -40.14 -9.70 6.53
C ASP H 42 -39.91 -8.22 6.78
N GLU H 43 -39.32 -7.90 7.94
CA GLU H 43 -39.15 -6.49 8.33
C GLU H 43 -38.22 -5.66 7.45
N TYR H 44 -37.25 -6.31 6.81
CA TYR H 44 -36.25 -5.61 5.99
C TYR H 44 -36.20 -6.07 4.55
N PHE H 45 -36.60 -7.32 4.31
CA PHE H 45 -36.31 -7.93 3.03
C PHE H 45 -37.49 -8.55 2.33
N ALA H 46 -37.45 -8.52 1.00
CA ALA H 46 -38.25 -9.42 0.19
C ALA H 46 -37.42 -10.68 -0.07
N ARG H 47 -38.07 -11.83 0.04
CA ARG H 47 -37.41 -13.10 -0.16
C ARG H 47 -38.06 -13.85 -1.33
N ILE H 48 -37.23 -14.26 -2.29
CA ILE H 48 -37.70 -15.06 -3.41
C ILE H 48 -37.07 -16.45 -3.35
N THR H 49 -37.89 -17.49 -3.46
CA THR H 49 -37.35 -18.85 -3.59
C THR H 49 -37.78 -19.53 -4.88
N TRP H 50 -36.93 -20.43 -5.34
CA TRP H 50 -37.14 -21.15 -6.56
C TRP H 50 -36.32 -22.44 -6.47
N PRO H 51 -36.71 -23.48 -7.22
CA PRO H 51 -36.00 -24.77 -7.20
C PRO H 51 -34.95 -24.86 -8.29
N ALA H 52 -33.82 -25.49 -7.98
CA ALA H 52 -32.77 -25.72 -8.95
C ALA H 52 -31.83 -26.82 -8.48
N LYS H 53 -31.47 -27.73 -9.38
CA LYS H 53 -30.66 -28.90 -9.03
C LYS H 53 -31.19 -29.63 -7.80
N GLY H 54 -32.51 -29.64 -7.64
CA GLY H 54 -33.15 -30.39 -6.56
C GLY H 54 -33.07 -29.77 -5.17
N GLU H 55 -32.65 -28.51 -5.09
CA GLU H 55 -32.66 -27.79 -3.82
C GLU H 55 -33.46 -26.50 -3.96
N THR H 56 -33.90 -25.97 -2.83
CA THR H 56 -34.62 -24.71 -2.85
C THR H 56 -33.59 -23.61 -2.72
N ARG H 57 -33.51 -22.74 -3.72
CA ARG H 57 -32.54 -21.65 -3.68
C ARG H 57 -33.27 -20.40 -3.18
N SER H 58 -32.50 -19.40 -2.77
CA SER H 58 -33.03 -18.23 -2.09
C SER H 58 -32.32 -16.95 -2.45
N HIS H 59 -33.03 -15.83 -2.38
CA HIS H 59 -32.43 -14.54 -2.61
C HIS H 59 -33.17 -13.47 -1.80
N LEU H 60 -32.43 -12.48 -1.33
CA LEU H 60 -32.97 -11.44 -0.48
C LEU H 60 -32.76 -10.10 -1.19
N ILE H 61 -33.79 -9.25 -1.13
CA ILE H 61 -33.70 -7.92 -1.67
C ILE H 61 -34.35 -7.01 -0.67
N PRO H 62 -33.72 -5.87 -0.35
CA PRO H 62 -34.30 -4.98 0.67
C PRO H 62 -35.70 -4.58 0.25
N ALA H 63 -36.64 -4.58 1.20
CA ALA H 63 -38.04 -4.30 0.92
C ALA H 63 -38.27 -3.05 0.10
N ASP H 64 -37.55 -1.96 0.41
CA ASP H 64 -37.79 -0.68 -0.27
C ASP H 64 -37.41 -0.76 -1.75
N ILE H 65 -36.22 -1.27 -2.02
CA ILE H 65 -35.77 -1.47 -3.38
C ILE H 65 -36.72 -2.39 -4.15
N PHE H 66 -37.10 -3.51 -3.55
CA PHE H 66 -37.97 -4.48 -4.19
C PHE H 66 -39.31 -3.84 -4.57
N LEU H 67 -39.96 -3.21 -3.60
CA LEU H 67 -41.24 -2.56 -3.88
C LEU H 67 -41.16 -1.49 -4.98
N ARG H 68 -40.11 -0.68 -4.96
CA ARG H 68 -40.02 0.36 -5.96
C ARG H 68 -39.97 -0.24 -7.36
N ALA H 69 -39.24 -1.35 -7.49
CA ALA H 69 -39.02 -2.01 -8.77
C ALA H 69 -40.28 -2.73 -9.19
N MET H 70 -40.96 -3.34 -8.23
CA MET H 70 -42.20 -4.00 -8.55
C MET H 70 -43.24 -2.99 -9.00
N MET H 71 -43.30 -1.87 -8.29
CA MET H 71 -44.21 -0.78 -8.65
C MET H 71 -43.99 -0.36 -10.10
N ARG H 72 -42.74 -0.21 -10.52
CA ARG H 72 -42.45 0.12 -11.92
C ARG H 72 -42.92 -0.96 -12.89
N ASP H 73 -42.68 -2.21 -12.56
CA ASP H 73 -43.00 -3.34 -13.44
C ASP H 73 -44.51 -3.38 -13.68
N VAL H 74 -45.27 -3.15 -12.61
CA VAL H 74 -46.72 -3.16 -12.68
C VAL H 74 -47.24 -1.97 -13.45
N ALA H 75 -46.79 -0.78 -13.07
CA ALA H 75 -47.25 0.46 -13.70
C ALA H 75 -46.81 0.57 -15.16
N TRP H 76 -45.73 -0.11 -15.52
CA TRP H 76 -45.27 -0.10 -16.90
C TRP H 76 -45.90 -1.28 -17.68
N GLY H 77 -46.75 -2.06 -17.03
CA GLY H 77 -47.26 -3.26 -17.68
C GLY H 77 -46.12 -4.14 -18.18
N PHE H 78 -45.07 -4.22 -17.38
CA PHE H 78 -43.88 -5.03 -17.68
C PHE H 78 -43.00 -4.47 -18.77
N PHE H 79 -43.35 -3.29 -19.27
CA PHE H 79 -42.42 -2.51 -20.08
C PHE H 79 -41.94 -3.32 -21.30
N TYR H 80 -40.64 -3.29 -21.58
CA TYR H 80 -40.06 -4.06 -22.70
C TYR H 80 -38.73 -4.67 -22.28
N GLY H 81 -38.26 -5.67 -23.02
CA GLY H 81 -36.95 -6.24 -22.75
C GLY H 81 -36.87 -6.74 -21.33
N TRP H 82 -35.72 -6.56 -20.69
CA TRP H 82 -35.47 -7.15 -19.37
C TRP H 82 -35.54 -6.11 -18.24
N VAL H 83 -36.50 -6.28 -17.33
CA VAL H 83 -36.64 -5.41 -16.18
C VAL H 83 -36.04 -6.08 -14.94
N ASN H 84 -34.84 -5.65 -14.55
CA ASN H 84 -34.09 -6.26 -13.45
C ASN H 84 -34.30 -5.53 -12.10
N PHE H 85 -34.86 -6.22 -11.11
CA PHE H 85 -34.96 -5.69 -9.75
C PHE H 85 -33.54 -5.54 -9.17
N ASP H 86 -32.75 -6.62 -9.27
CA ASP H 86 -31.31 -6.54 -9.07
C ASP H 86 -30.62 -7.49 -10.06
N HIS H 87 -29.38 -7.86 -9.77
CA HIS H 87 -28.63 -8.73 -10.68
C HIS H 87 -29.03 -10.20 -10.62
N VAL H 88 -30.07 -10.50 -9.85
CA VAL H 88 -30.58 -11.87 -9.76
C VAL H 88 -32.00 -12.00 -10.32
N ILE H 89 -32.88 -11.09 -9.86
CA ILE H 89 -34.30 -11.18 -10.13
C ILE H 89 -34.79 -10.19 -11.18
N GLY H 90 -35.53 -10.70 -12.17
CA GLY H 90 -36.07 -9.87 -13.22
C GLY H 90 -37.28 -10.46 -13.93
N THR H 91 -37.89 -9.66 -14.80
CA THR H 91 -38.95 -10.14 -15.67
C THR H 91 -38.63 -9.83 -17.14
N ARG H 92 -39.06 -10.71 -18.01
CA ARG H 92 -38.88 -10.52 -19.43
C ARG H 92 -40.25 -10.46 -20.06
N ASN H 93 -40.65 -9.29 -20.54
CA ASN H 93 -41.93 -9.16 -21.18
C ASN H 93 -41.89 -9.72 -22.60
N TYR H 94 -42.74 -10.70 -22.84
CA TYR H 94 -42.89 -11.36 -24.13
C TYR H 94 -44.22 -10.97 -24.78
N TYR H 95 -44.74 -9.81 -24.36
CA TYR H 95 -45.94 -9.23 -24.95
C TYR H 95 -47.25 -10.01 -25.00
N GLY H 96 -47.65 -10.54 -23.84
CA GLY H 96 -48.88 -11.29 -23.68
C GLY H 96 -48.56 -12.39 -22.68
N LYS H 97 -47.27 -12.52 -22.47
CA LYS H 97 -46.65 -13.49 -21.56
C LYS H 97 -45.36 -12.93 -20.96
N VAL H 98 -45.01 -13.42 -19.77
CA VAL H 98 -43.87 -12.85 -19.04
C VAL H 98 -43.02 -13.94 -18.42
N ASP H 99 -41.71 -13.87 -18.64
CA ASP H 99 -40.77 -14.73 -17.92
C ASP H 99 -40.40 -14.02 -16.63
N LEU H 100 -40.50 -14.73 -15.51
CA LEU H 100 -39.94 -14.27 -14.24
C LEU H 100 -38.71 -15.10 -13.97
N TYR H 101 -37.54 -14.48 -13.94
CA TYR H 101 -36.31 -15.25 -13.76
C TYR H 101 -35.58 -14.95 -12.46
N ALA H 102 -34.85 -15.96 -12.00
CA ALA H 102 -33.90 -15.84 -10.90
C ALA H 102 -32.55 -16.35 -11.39
N GLY H 103 -31.60 -15.44 -11.57
CA GLY H 103 -30.25 -15.82 -11.97
C GLY H 103 -30.05 -16.16 -13.44
N THR H 104 -31.13 -16.32 -14.19
CA THR H 104 -31.03 -16.88 -15.53
C THR H 104 -30.20 -16.03 -16.47
N PHE H 105 -30.11 -14.72 -16.19
CA PHE H 105 -29.28 -13.82 -17.00
C PHE H 105 -28.10 -13.31 -16.20
N ASN H 106 -27.81 -14.04 -15.13
CA ASN H 106 -26.60 -13.82 -14.34
C ASN H 106 -25.54 -14.85 -14.79
N GLY H 107 -24.55 -14.38 -15.55
CA GLY H 107 -23.50 -15.25 -16.05
C GLY H 107 -23.06 -16.39 -15.13
N THR H 108 -22.70 -16.03 -13.89
CA THR H 108 -22.13 -17.01 -12.99
C THR H 108 -23.17 -17.97 -12.40
N LEU H 109 -24.34 -17.43 -12.03
CA LEU H 109 -25.46 -18.27 -11.57
C LEU H 109 -25.96 -19.20 -12.68
N LYS H 110 -26.02 -18.68 -13.90
CA LYS H 110 -26.50 -19.47 -15.04
C LYS H 110 -25.58 -20.67 -15.28
N ALA H 111 -24.29 -20.39 -15.36
CA ALA H 111 -23.32 -21.43 -15.69
C ALA H 111 -23.27 -22.52 -14.63
N ALA H 112 -23.60 -22.15 -13.40
CA ALA H 112 -23.62 -23.08 -12.28
C ALA H 112 -24.96 -23.79 -12.19
N GLY H 113 -25.89 -23.41 -13.05
CA GLY H 113 -27.16 -24.11 -13.15
C GLY H 113 -28.14 -23.96 -11.99
N VAL H 114 -27.98 -22.92 -11.15
CA VAL H 114 -28.86 -22.72 -9.99
C VAL H 114 -29.93 -21.68 -10.25
N ASN H 115 -30.05 -21.26 -11.51
CA ASN H 115 -31.04 -20.30 -11.94
C ASN H 115 -32.34 -21.01 -12.27
N TYR H 116 -33.39 -20.22 -12.50
CA TYR H 116 -34.68 -20.79 -12.84
C TYR H 116 -35.61 -19.72 -13.39
N THR H 117 -36.32 -20.07 -14.47
CA THR H 117 -37.21 -19.16 -15.16
C THR H 117 -38.55 -19.84 -15.33
N GLU H 118 -39.64 -19.09 -15.13
CA GLU H 118 -40.96 -19.62 -15.43
C GLU H 118 -41.81 -18.61 -16.18
N ASN H 119 -42.54 -19.11 -17.17
CA ASN H 119 -43.36 -18.26 -17.99
C ASN H 119 -44.79 -18.26 -17.47
N PHE H 120 -45.39 -17.07 -17.40
CA PHE H 120 -46.77 -16.92 -16.94
C PHE H 120 -47.58 -16.05 -17.89
N GLU H 121 -48.89 -16.31 -17.95
CA GLU H 121 -49.81 -15.44 -18.67
C GLU H 121 -49.81 -14.08 -17.98
N THR H 122 -49.64 -13.01 -18.76
CA THR H 122 -49.53 -11.66 -18.20
C THR H 122 -50.53 -11.31 -17.10
N PRO H 123 -51.81 -11.70 -17.28
CA PRO H 123 -52.80 -11.39 -16.25
C PRO H 123 -52.56 -12.07 -14.89
N LEU H 124 -51.99 -13.27 -14.88
CA LEU H 124 -51.72 -13.94 -13.60
C LEU H 124 -50.60 -13.20 -12.85
N ILE H 125 -49.48 -12.97 -13.53
CA ILE H 125 -48.39 -12.29 -12.88
C ILE H 125 -48.79 -10.88 -12.50
N MET H 126 -49.44 -10.17 -13.42
CA MET H 126 -49.93 -8.84 -13.08
C MET H 126 -50.74 -8.89 -11.79
N ALA H 127 -51.79 -9.70 -11.78
CA ALA H 127 -52.64 -9.80 -10.59
C ALA H 127 -51.80 -10.06 -9.34
N THR H 128 -50.82 -10.96 -9.45
CA THR H 128 -49.96 -11.30 -8.32
C THR H 128 -49.09 -10.14 -7.83
N PHE H 129 -48.34 -9.52 -8.73
CA PHE H 129 -47.51 -8.39 -8.34
C PHE H 129 -48.40 -7.36 -7.67
N LYS H 130 -49.58 -7.16 -8.23
CA LYS H 130 -50.50 -6.15 -7.66
C LYS H 130 -50.96 -6.53 -6.26
N ALA H 131 -51.13 -7.81 -5.99
CA ALA H 131 -51.53 -8.23 -4.66
C ALA H 131 -50.34 -8.10 -3.70
N ILE H 132 -49.14 -8.32 -4.22
CA ILE H 132 -47.94 -8.14 -3.41
C ILE H 132 -47.76 -6.67 -3.04
N LEU H 133 -47.83 -5.77 -4.01
CA LEU H 133 -47.76 -4.35 -3.71
C LEU H 133 -48.73 -4.00 -2.58
N ARG H 134 -49.97 -4.46 -2.74
CA ARG H 134 -51.03 -4.12 -1.80
C ARG H 134 -50.68 -4.60 -0.40
N ASP H 135 -50.17 -5.82 -0.29
CA ASP H 135 -49.86 -6.38 1.01
C ASP H 135 -48.58 -5.84 1.65
N TRP H 136 -47.55 -5.61 0.85
CA TRP H 136 -46.25 -5.24 1.38
C TRP H 136 -46.01 -3.75 1.56
N THR H 137 -46.88 -2.91 1.00
CA THR H 137 -46.70 -1.47 1.13
C THR H 137 -47.44 -0.88 2.35
N ASN H 138 -46.67 -0.49 3.37
CA ASN H 138 -47.24 0.11 4.57
C ASN H 138 -47.72 1.55 4.34
N ALA H 139 -48.55 2.05 5.26
CA ALA H 139 -49.08 3.41 5.17
C ALA H 139 -47.96 4.42 5.02
N THR H 140 -46.84 4.09 5.64
CA THR H 140 -45.66 4.90 5.73
C THR H 140 -44.93 5.16 4.40
N PHE H 141 -45.14 4.29 3.41
CA PHE H 141 -44.24 4.18 2.25
C PHE H 141 -44.91 4.32 0.88
N ASP H 142 -44.41 5.23 0.05
CA ASP H 142 -44.91 5.43 -1.30
C ASP H 142 -43.91 4.92 -2.32
N PRO H 143 -44.15 3.71 -2.88
CA PRO H 143 -43.16 3.08 -3.76
C PRO H 143 -42.90 3.83 -5.06
N PHE H 144 -43.65 4.90 -5.30
CA PHE H 144 -43.60 5.60 -6.58
C PHE H 144 -42.85 6.92 -6.44
N ALA H 145 -42.37 7.17 -5.23
CA ALA H 145 -41.79 8.46 -4.91
C ALA H 145 -40.31 8.38 -4.63
N ALA H 146 -39.64 9.52 -4.74
CA ALA H 146 -38.26 9.63 -4.34
C ALA H 146 -38.12 9.42 -2.81
N PRO H 147 -36.93 9.03 -2.37
CA PRO H 147 -36.68 8.75 -0.95
C PRO H 147 -37.02 9.92 -0.05
N GLU H 148 -36.58 11.13 -0.43
N GLU H 148 -36.62 11.13 -0.46
CA GLU H 148 -36.87 12.31 0.36
CA GLU H 148 -36.87 12.34 0.32
C GLU H 148 -38.38 12.50 0.61
C GLU H 148 -38.34 12.76 0.38
N GLU H 149 -39.20 12.04 -0.35
CA GLU H 149 -40.64 12.35 -0.36
C GLU H 149 -41.49 11.37 0.45
N THR H 150 -40.89 10.37 1.07
CA THR H 150 -41.73 9.35 1.71
C THR H 150 -41.06 8.72 2.94
N GLY H 151 -41.80 7.88 3.66
CA GLY H 151 -41.27 7.23 4.85
C GLY H 151 -40.56 5.91 4.53
N SER H 152 -40.68 4.94 5.43
CA SER H 152 -39.92 3.69 5.30
C SER H 152 -40.80 2.54 4.84
N ALA H 153 -40.16 1.54 4.24
CA ALA H 153 -40.86 0.33 3.87
C ALA H 153 -40.57 -0.75 4.88
N PHE H 154 -39.76 -0.44 5.88
CA PHE H 154 -39.30 -1.45 6.82
C PHE H 154 -40.24 -1.60 8.00
N GLY H 155 -40.09 -2.69 8.73
CA GLY H 155 -40.94 -2.92 9.88
C GLY H 155 -41.97 -3.97 9.55
N ARG H 156 -42.92 -4.16 10.47
CA ARG H 156 -43.94 -5.17 10.33
C ARG H 156 -45.16 -4.56 9.63
N LYS H 157 -46.06 -5.41 9.18
CA LYS H 157 -47.24 -4.90 8.48
C LYS H 157 -47.90 -3.80 9.29
N ASN H 158 -48.16 -2.68 8.62
CA ASN H 158 -48.81 -1.56 9.26
C ASN H 158 -49.63 -0.74 8.29
N GLY H 159 -50.87 -1.15 8.04
CA GLY H 159 -51.75 -0.39 7.19
C GLY H 159 -51.45 -0.62 5.73
N GLU H 160 -52.06 0.17 4.86
CA GLU H 160 -51.84 0.06 3.43
C GLU H 160 -51.66 1.45 2.84
N ASN H 161 -51.38 1.52 1.55
CA ASN H 161 -51.28 2.81 0.88
C ASN H 161 -51.90 2.74 -0.50
N LEU H 162 -53.16 2.35 -0.55
CA LEU H 162 -53.86 2.15 -1.79
C LEU H 162 -53.82 3.36 -2.71
N GLU H 163 -54.02 4.55 -2.16
CA GLU H 163 -53.99 5.75 -3.00
C GLU H 163 -52.66 5.91 -3.71
N CYS H 164 -51.62 5.28 -3.17
CA CYS H 164 -50.30 5.42 -3.77
C CYS H 164 -49.98 4.35 -4.79
N ILE H 165 -50.53 3.15 -4.62
CA ILE H 165 -50.18 2.04 -5.50
C ILE H 165 -51.26 1.71 -6.52
N GLU H 166 -52.47 2.19 -6.29
CA GLU H 166 -53.56 2.07 -7.28
C GLU H 166 -53.89 3.42 -7.87
N ARG H 167 -52.91 4.30 -7.95
CA ARG H 167 -53.09 5.53 -8.69
C ARG H 167 -53.65 5.11 -10.02
N PHE H 168 -54.78 5.70 -10.42
CA PHE H 168 -55.23 5.52 -11.79
C PHE H 168 -55.44 6.86 -12.47
N ARG H 169 -55.07 6.91 -13.75
CA ARG H 169 -55.34 8.07 -14.58
C ARG H 169 -55.92 7.54 -15.89
N ILE H 170 -56.63 8.41 -16.61
CA ILE H 170 -57.14 8.07 -17.92
C ILE H 170 -55.98 8.08 -18.91
N ALA H 171 -55.86 7.01 -19.69
CA ALA H 171 -54.83 6.92 -20.70
C ALA H 171 -55.04 7.96 -21.79
N THR H 172 -53.95 8.62 -22.18
CA THR H 172 -53.94 9.59 -23.28
C THR H 172 -54.23 8.88 -24.59
N LYS H 173 -55.07 9.50 -25.43
CA LYS H 173 -55.46 8.90 -26.71
C LYS H 173 -54.90 9.73 -27.83
N ARG H 174 -54.85 11.03 -27.60
CA ARG H 174 -54.37 11.93 -28.62
C ARG H 174 -53.44 12.96 -27.97
N MET H 175 -53.98 13.71 -27.01
CA MET H 175 -53.20 14.68 -26.29
C MET H 175 -53.96 15.01 -25.03
N PRO H 176 -53.24 15.39 -23.97
CA PRO H 176 -54.01 15.68 -22.75
C PRO H 176 -54.70 17.05 -22.84
N GLY H 177 -55.84 17.17 -22.18
CA GLY H 177 -56.57 18.43 -22.16
C GLY H 177 -57.66 18.49 -23.21
N LEU H 178 -57.72 17.44 -24.05
CA LEU H 178 -58.73 17.36 -25.08
C LEU H 178 -59.98 16.76 -24.51
N GLN H 179 -61.08 16.92 -25.24
CA GLN H 179 -62.35 16.41 -24.82
C GLN H 179 -62.24 14.90 -24.76
N ASP H 180 -62.58 14.35 -23.59
CA ASP H 180 -62.68 12.91 -23.39
C ASP H 180 -61.32 12.23 -23.34
N ASP H 181 -60.27 13.03 -23.40
CA ASP H 181 -58.90 12.50 -23.34
C ASP H 181 -58.41 12.51 -21.89
N SER H 182 -57.10 12.32 -21.71
CA SER H 182 -56.48 12.41 -20.39
C SER H 182 -56.48 13.86 -19.88
N PRO H 183 -56.68 14.02 -18.57
CA PRO H 183 -56.79 15.35 -17.93
C PRO H 183 -55.47 16.08 -17.80
N LEU H 184 -55.52 17.41 -17.73
CA LEU H 184 -54.37 18.19 -17.26
C LEU H 184 -54.21 17.99 -15.75
N ARG H 185 -53.40 18.84 -15.10
CA ARG H 185 -53.06 18.60 -13.69
C ARG H 185 -53.24 19.78 -12.72
N ASN H 186 -54.17 20.68 -13.03
CA ASN H 186 -54.37 21.87 -12.20
C ASN H 186 -54.88 21.56 -10.78
N ASP H 187 -55.37 20.34 -10.60
CA ASP H 187 -55.76 19.84 -9.27
C ASP H 187 -54.61 19.20 -8.46
N LEU H 188 -53.40 19.13 -9.04
CA LEU H 188 -52.26 18.56 -8.31
C LEU H 188 -51.25 19.63 -7.90
N PRO H 189 -50.67 19.49 -6.70
CA PRO H 189 -49.67 20.42 -6.21
C PRO H 189 -48.38 20.37 -7.03
N VAL H 190 -47.78 21.53 -7.25
CA VAL H 190 -46.47 21.63 -7.88
C VAL H 190 -45.41 21.00 -6.95
N ASN H 191 -44.55 20.16 -7.52
CA ASN H 191 -43.52 19.47 -6.73
C ASN H 191 -42.43 20.40 -6.18
N ARG H 192 -42.00 20.13 -4.95
CA ARG H 192 -41.00 21.01 -4.31
C ARG H 192 -39.75 21.24 -5.16
N GLN H 193 -39.31 20.24 -5.91
CA GLN H 193 -38.10 20.42 -6.72
C GLN H 193 -38.39 21.02 -8.08
N PHE H 194 -39.61 21.50 -8.28
CA PHE H 194 -39.96 22.26 -9.48
C PHE H 194 -40.68 23.54 -9.11
N ALA H 195 -40.62 23.91 -7.82
CA ALA H 195 -41.34 25.08 -7.31
C ALA H 195 -41.08 26.38 -8.10
N ASP H 196 -39.99 26.41 -8.84
CA ASP H 196 -39.60 27.62 -9.59
C ASP H 196 -40.06 27.54 -11.03
N VAL H 197 -40.74 26.46 -11.40
CA VAL H 197 -41.19 26.29 -12.78
C VAL H 197 -42.46 27.10 -13.07
N SER H 198 -42.36 27.97 -14.07
CA SER H 198 -43.46 28.79 -14.56
C SER H 198 -44.76 28.00 -14.68
N GLN H 199 -45.84 28.55 -14.11
CA GLN H 199 -47.14 27.88 -14.13
C GLN H 199 -48.10 28.50 -15.15
N ASP H 200 -47.58 29.32 -16.06
CA ASP H 200 -48.44 29.97 -17.05
C ASP H 200 -48.79 29.05 -18.21
N GLU H 201 -50.07 28.93 -18.49
CA GLU H 201 -50.57 28.21 -19.66
C GLU H 201 -50.39 29.07 -20.90
N PRO H 202 -50.28 28.44 -22.07
CA PRO H 202 -50.16 29.25 -23.29
C PRO H 202 -51.52 29.80 -23.71
N GLU H 203 -51.50 30.85 -24.51
CA GLU H 203 -52.75 31.48 -24.95
C GLU H 203 -53.34 30.87 -26.22
N VAL H 204 -54.58 30.42 -26.10
CA VAL H 204 -55.35 29.95 -27.25
C VAL H 204 -56.32 31.04 -27.78
N HIS H 205 -56.06 31.55 -28.97
CA HIS H 205 -56.91 32.59 -29.55
C HIS H 205 -57.76 32.03 -30.69
N ALA H 206 -58.78 31.26 -30.33
CA ALA H 206 -59.67 30.65 -31.31
C ALA H 206 -60.47 31.68 -32.11
N ALA H 207 -60.50 31.50 -33.42
CA ALA H 207 -61.39 32.31 -34.27
C ALA H 207 -62.86 31.95 -33.98
N GLU H 208 -63.76 32.74 -34.57
CA GLU H 208 -65.19 32.55 -34.36
C GLU H 208 -65.69 31.19 -34.86
N GLY H 209 -66.34 30.45 -33.95
CA GLY H 209 -66.87 29.13 -34.26
C GLY H 209 -65.89 28.02 -33.94
N PHE H 210 -64.60 28.35 -33.99
CA PHE H 210 -63.56 27.37 -33.75
C PHE H 210 -63.13 27.26 -32.29
N GLU H 211 -64.06 27.51 -31.38
CA GLU H 211 -63.79 27.34 -29.96
C GLU H 211 -63.61 25.85 -29.68
N GLY H 212 -62.54 25.50 -28.96
CA GLY H 212 -62.26 24.11 -28.64
C GLY H 212 -61.83 23.28 -29.84
N GLU H 213 -61.20 23.93 -30.79
CA GLU H 213 -60.66 23.26 -31.96
C GLU H 213 -59.14 23.46 -31.99
N LEU H 214 -58.68 24.40 -31.19
CA LEU H 214 -57.26 24.55 -30.95
C LEU H 214 -56.94 24.06 -29.55
N HIS H 215 -55.75 23.48 -29.38
CA HIS H 215 -55.36 22.94 -28.10
C HIS H 215 -53.89 23.11 -27.85
N ALA H 216 -53.58 23.77 -26.73
CA ALA H 216 -52.22 23.86 -26.26
C ALA H 216 -52.24 23.80 -24.74
N PHE H 217 -51.11 23.38 -24.17
CA PHE H 217 -50.95 23.37 -22.72
C PHE H 217 -49.48 23.45 -22.37
N SER H 218 -49.18 23.59 -21.10
CA SER H 218 -47.80 23.72 -20.71
C SER H 218 -47.32 22.37 -20.27
N LEU H 219 -46.43 21.79 -21.07
CA LEU H 219 -45.83 20.51 -20.75
C LEU H 219 -45.04 20.61 -19.45
N PHE H 220 -44.25 21.66 -19.32
CA PHE H 220 -43.41 21.85 -18.14
C PHE H 220 -44.27 22.02 -16.88
N LYS H 221 -45.35 22.79 -16.98
CA LYS H 221 -46.29 22.91 -15.88
C LYS H 221 -46.84 21.55 -15.54
N TYR H 222 -47.30 20.86 -16.57
CA TYR H 222 -47.78 19.49 -16.44
C TYR H 222 -46.77 18.61 -15.68
N LEU H 223 -45.52 18.64 -16.11
CA LEU H 223 -44.48 17.82 -15.47
C LEU H 223 -44.12 18.28 -14.06
N SER H 224 -44.12 19.59 -13.83
CA SER H 224 -43.88 20.15 -12.49
C SER H 224 -44.86 19.58 -11.47
N ARG H 225 -46.02 19.14 -11.94
CA ARG H 225 -47.00 18.56 -11.04
C ARG H 225 -47.03 17.04 -11.03
N SER H 226 -46.03 16.40 -11.63
CA SER H 226 -45.94 14.96 -11.55
C SER H 226 -45.77 14.53 -10.09
N ASP H 227 -46.54 13.53 -9.67
CA ASP H 227 -46.47 13.05 -8.28
C ASP H 227 -45.86 11.65 -8.23
N VAL H 228 -45.29 11.24 -9.36
CA VAL H 228 -44.53 9.98 -9.38
C VAL H 228 -43.19 10.14 -10.08
N THR H 229 -42.37 9.11 -9.93
CA THR H 229 -41.00 9.14 -10.35
C THR H 229 -40.69 8.01 -11.33
N TRP H 230 -39.92 8.32 -12.37
CA TRP H 230 -39.50 7.32 -13.36
C TRP H 230 -40.72 6.60 -13.92
N ASN H 231 -41.60 7.35 -14.57
CA ASN H 231 -42.83 6.78 -15.12
C ASN H 231 -43.18 7.47 -16.41
N PRO H 232 -42.57 7.03 -17.52
CA PRO H 232 -42.86 7.66 -18.80
C PRO H 232 -44.36 7.59 -19.03
N SER H 233 -44.94 8.69 -19.50
CA SER H 233 -46.39 8.82 -19.55
C SER H 233 -46.82 9.65 -20.79
N VAL H 234 -47.77 9.11 -21.56
CA VAL H 234 -48.08 9.64 -22.88
C VAL H 234 -48.63 11.06 -22.84
N THR H 235 -48.04 11.93 -23.65
CA THR H 235 -48.52 13.30 -23.76
C THR H 235 -48.78 13.72 -25.20
N SER H 236 -48.46 12.84 -26.15
CA SER H 236 -48.88 13.06 -27.53
C SER H 236 -48.73 11.78 -28.35
N VAL H 237 -49.74 11.52 -29.17
CA VAL H 237 -49.79 10.31 -30.00
C VAL H 237 -49.80 10.72 -31.45
N CYS H 238 -48.72 10.40 -32.15
CA CYS H 238 -48.66 10.59 -33.59
C CYS H 238 -48.62 9.20 -34.18
N LYS H 239 -49.78 8.53 -34.21
CA LYS H 239 -49.88 7.12 -34.59
C LYS H 239 -49.06 6.27 -33.62
N ALA H 240 -48.10 5.51 -34.14
CA ALA H 240 -47.31 4.61 -33.29
C ALA H 240 -46.24 5.36 -32.47
N SER H 241 -46.08 6.65 -32.75
CA SER H 241 -45.11 7.48 -32.06
C SER H 241 -45.71 8.14 -30.81
N LEU H 242 -45.17 7.79 -29.65
CA LEU H 242 -45.65 8.29 -28.37
C LEU H 242 -44.58 9.06 -27.62
N PHE H 243 -44.84 10.34 -27.36
CA PHE H 243 -44.04 11.13 -26.47
C PHE H 243 -44.47 10.76 -25.06
N CYS H 244 -43.55 10.25 -24.26
CA CYS H 244 -43.86 9.83 -22.90
C CYS H 244 -42.89 10.43 -21.90
N PRO H 245 -43.04 11.74 -21.63
CA PRO H 245 -42.15 12.39 -20.65
C PRO H 245 -42.43 11.97 -19.21
N THR H 246 -41.45 12.18 -18.35
CA THR H 246 -41.50 11.70 -16.99
C THR H 246 -40.54 12.57 -16.15
N THR H 247 -40.74 12.56 -14.83
CA THR H 247 -39.89 13.32 -13.91
C THR H 247 -39.03 12.36 -13.07
N GLU H 248 -37.72 12.51 -13.19
CA GLU H 248 -36.79 11.59 -12.55
C GLU H 248 -36.05 12.17 -11.37
N GLU H 249 -36.05 11.42 -10.27
CA GLU H 249 -35.31 11.76 -9.07
C GLU H 249 -34.60 10.51 -8.56
N PHE H 250 -33.44 10.69 -7.96
CA PHE H 250 -32.68 9.56 -7.43
C PHE H 250 -32.22 8.58 -8.52
N ILE H 251 -32.53 7.31 -8.29
CA ILE H 251 -32.07 6.22 -9.16
C ILE H 251 -33.22 5.46 -9.81
N LEU H 252 -33.09 5.19 -11.09
CA LEU H 252 -34.07 4.35 -11.79
C LEU H 252 -34.21 3.06 -10.99
N PRO H 253 -35.44 2.66 -10.68
CA PRO H 253 -35.56 1.60 -9.67
C PRO H 253 -35.28 0.18 -10.16
N VAL H 254 -34.96 0.02 -11.44
CA VAL H 254 -34.47 -1.26 -11.98
C VAL H 254 -33.25 -0.99 -12.85
N PHE H 255 -32.46 -2.01 -13.15
CA PHE H 255 -31.58 -1.85 -14.29
C PHE H 255 -32.22 -2.58 -15.47
N HIS H 256 -32.24 -1.89 -16.59
CA HIS H 256 -33.06 -2.29 -17.70
C HIS H 256 -32.19 -2.80 -18.86
N GLY H 257 -32.48 -4.02 -19.31
CA GLY H 257 -31.88 -4.56 -20.52
C GLY H 257 -32.79 -4.32 -21.72
N ASN H 258 -32.29 -3.60 -22.72
CA ASN H 258 -33.09 -3.26 -23.91
C ASN H 258 -33.37 -4.41 -24.84
N ASP H 259 -34.47 -4.29 -25.58
CA ASP H 259 -34.75 -5.17 -26.71
C ASP H 259 -35.07 -4.35 -27.96
N ARG H 260 -34.99 -3.02 -27.84
CA ARG H 260 -35.23 -2.13 -28.96
C ARG H 260 -34.46 -0.83 -28.74
N VAL H 261 -34.29 -0.03 -29.79
CA VAL H 261 -33.68 1.28 -29.61
C VAL H 261 -34.61 2.22 -28.81
N GLU H 262 -34.06 2.96 -27.85
CA GLU H 262 -34.83 3.95 -27.10
C GLU H 262 -34.27 5.32 -27.30
N TRP H 263 -35.12 6.34 -27.23
CA TRP H 263 -34.68 7.70 -27.43
C TRP H 263 -35.02 8.55 -26.22
N PHE H 264 -34.01 9.26 -25.71
CA PHE H 264 -34.15 10.14 -24.56
C PHE H 264 -33.87 11.56 -24.98
N ILE H 265 -34.73 12.48 -24.57
CA ILE H 265 -34.47 13.90 -24.76
C ILE H 265 -34.57 14.60 -23.41
N GLN H 266 -33.42 15.03 -22.89
CA GLN H 266 -33.37 15.67 -21.57
C GLN H 266 -33.89 17.08 -21.67
N MET H 267 -34.89 17.39 -20.85
CA MET H 267 -35.56 18.68 -20.95
C MET H 267 -35.13 19.68 -19.86
N SER H 268 -34.91 19.18 -18.65
CA SER H 268 -34.47 20.01 -17.56
C SER H 268 -33.35 19.34 -16.77
N ASP H 269 -32.45 20.16 -16.23
CA ASP H 269 -31.40 19.66 -15.38
C ASP H 269 -30.54 18.61 -16.06
N GLU H 270 -30.29 17.49 -15.38
CA GLU H 270 -29.45 16.45 -15.95
C GLU H 270 -29.64 15.06 -15.37
N ILE H 271 -29.23 14.06 -16.15
CA ILE H 271 -29.21 12.67 -15.71
C ILE H 271 -27.93 11.97 -16.11
N VAL H 272 -27.39 11.13 -15.22
CA VAL H 272 -26.27 10.28 -15.59
C VAL H 272 -26.70 8.84 -15.85
N TRP H 273 -26.33 8.33 -17.03
CA TRP H 273 -26.62 6.95 -17.42
C TRP H 273 -25.36 6.07 -17.47
N ASP H 274 -25.37 5.00 -16.69
CA ASP H 274 -24.40 3.91 -16.86
C ASP H 274 -24.89 3.02 -17.97
N VAL H 275 -24.05 2.81 -18.99
CA VAL H 275 -24.42 1.98 -20.10
C VAL H 275 -23.42 0.84 -20.29
N GLY H 276 -23.91 -0.41 -20.25
CA GLY H 276 -23.03 -1.53 -20.50
C GLY H 276 -23.56 -2.59 -21.46
N ASP H 277 -22.71 -3.58 -21.75
CA ASP H 277 -23.09 -4.75 -22.53
C ASP H 277 -24.33 -5.43 -21.94
N LYS H 278 -25.35 -5.67 -22.75
CA LYS H 278 -26.57 -6.27 -22.23
C LYS H 278 -26.34 -7.68 -21.65
N ASP H 279 -25.40 -8.42 -22.22
CA ASP H 279 -25.24 -9.79 -21.77
C ASP H 279 -24.35 -9.95 -20.53
N ASP H 280 -23.25 -9.20 -20.47
CA ASP H 280 -22.28 -9.38 -19.38
C ASP H 280 -22.08 -8.18 -18.47
N GLY H 281 -22.36 -6.98 -18.97
CA GLY H 281 -22.23 -5.79 -18.16
C GLY H 281 -20.94 -5.05 -18.40
N ASN H 282 -20.14 -5.53 -19.34
CA ASN H 282 -18.94 -4.81 -19.76
C ASN H 282 -19.27 -3.34 -20.02
N PRO H 283 -18.69 -2.42 -19.24
CA PRO H 283 -18.94 -0.97 -19.36
C PRO H 283 -18.78 -0.48 -20.80
N ARG H 284 -19.79 0.18 -21.35
CA ARG H 284 -19.68 0.67 -22.71
C ARG H 284 -19.54 2.17 -22.68
N ALA H 285 -20.38 2.82 -21.90
CA ALA H 285 -20.34 4.29 -21.83
C ALA H 285 -20.94 4.84 -20.56
N ARG H 286 -20.49 6.03 -20.19
CA ARG H 286 -21.11 6.77 -19.12
C ARG H 286 -21.61 8.07 -19.74
N ILE H 287 -22.93 8.21 -19.82
CA ILE H 287 -23.56 9.31 -20.53
C ILE H 287 -24.27 10.34 -19.63
N THR H 288 -23.75 11.56 -19.65
CA THR H 288 -24.35 12.65 -18.90
C THR H 288 -25.20 13.44 -19.88
N MET H 289 -26.50 13.41 -19.68
CA MET H 289 -27.42 14.16 -20.52
C MET H 289 -27.87 15.42 -19.81
N ARG H 290 -27.58 16.56 -20.39
CA ARG H 290 -28.03 17.83 -19.82
C ARG H 290 -29.15 18.38 -20.66
N ALA H 291 -29.72 19.50 -20.24
CA ALA H 291 -30.88 20.09 -20.92
C ALA H 291 -30.62 20.29 -22.42
N GLY H 292 -31.48 19.71 -23.25
CA GLY H 292 -31.33 19.80 -24.69
C GLY H 292 -30.61 18.62 -25.35
N ASP H 293 -30.09 17.70 -24.53
CA ASP H 293 -29.42 16.52 -25.09
C ASP H 293 -30.42 15.50 -25.69
N VAL H 294 -30.02 14.96 -26.83
CA VAL H 294 -30.77 13.92 -27.51
C VAL H 294 -29.87 12.70 -27.58
N CYS H 295 -30.40 11.53 -27.21
CA CYS H 295 -29.57 10.34 -27.13
C CYS H 295 -30.34 9.07 -27.46
N ALA H 296 -29.81 8.29 -28.38
CA ALA H 296 -30.37 6.97 -28.63
C ALA H 296 -29.70 5.96 -27.70
N MET H 297 -30.51 5.15 -26.99
CA MET H 297 -29.98 4.02 -26.23
C MET H 297 -30.19 2.75 -27.06
N PRO H 298 -29.10 2.15 -27.56
CA PRO H 298 -29.07 0.99 -28.46
C PRO H 298 -29.86 -0.21 -27.93
N ALA H 299 -30.29 -1.10 -28.83
CA ALA H 299 -31.06 -2.29 -28.42
C ALA H 299 -30.21 -3.39 -27.75
N ASP H 300 -28.89 -3.25 -27.80
CA ASP H 300 -28.00 -4.29 -27.26
C ASP H 300 -27.26 -3.84 -26.00
N ILE H 301 -27.85 -2.91 -25.26
CA ILE H 301 -27.25 -2.46 -24.00
C ILE H 301 -28.20 -2.62 -22.83
N ARG H 302 -27.64 -2.55 -21.63
CA ARG H 302 -28.41 -2.40 -20.42
C ARG H 302 -27.95 -1.11 -19.75
N HIS H 303 -28.78 -0.56 -18.86
CA HIS H 303 -28.40 0.70 -18.24
C HIS H 303 -29.23 1.07 -17.02
N GLN H 304 -28.72 2.04 -16.28
CA GLN H 304 -29.44 2.63 -15.16
C GLN H 304 -29.11 4.11 -15.10
N GLY H 305 -30.07 4.91 -14.62
CA GLY H 305 -29.91 6.35 -14.65
C GLY H 305 -29.96 6.96 -13.27
N TYR H 306 -29.30 8.10 -13.11
CA TYR H 306 -29.18 8.76 -11.82
C TYR H 306 -29.49 10.23 -12.00
N SER H 307 -30.39 10.75 -11.16
CA SER H 307 -30.79 12.13 -11.27
C SER H 307 -30.90 12.81 -9.91
N THR H 308 -29.89 13.59 -9.56
CA THR H 308 -29.83 14.16 -8.20
C THR H 308 -31.00 15.11 -7.94
N LYS H 309 -31.17 16.11 -8.80
CA LYS H 309 -32.37 16.90 -8.75
C LYS H 309 -33.45 16.25 -9.62
N ARG H 310 -34.67 16.25 -9.12
CA ARG H 310 -35.84 15.88 -9.91
C ARG H 310 -35.75 16.58 -11.26
N SER H 311 -35.69 15.79 -12.33
CA SER H 311 -35.47 16.35 -13.65
C SER H 311 -36.57 15.98 -14.67
N MET H 312 -36.70 16.76 -15.72
CA MET H 312 -37.70 16.50 -16.77
C MET H 312 -37.07 15.78 -17.95
N LEU H 313 -37.54 14.56 -18.18
CA LEU H 313 -37.03 13.73 -19.26
C LEU H 313 -38.13 13.28 -20.23
N MET H 314 -37.88 13.48 -21.52
CA MET H 314 -38.76 12.96 -22.57
C MET H 314 -38.29 11.62 -23.08
N VAL H 315 -39.13 10.60 -22.92
CA VAL H 315 -38.85 9.27 -23.45
C VAL H 315 -39.74 9.05 -24.66
N TRP H 316 -39.12 9.00 -25.84
CA TRP H 316 -39.82 8.82 -27.09
C TRP H 316 -39.96 7.35 -27.44
N GLU H 317 -41.18 6.83 -27.29
CA GLU H 317 -41.43 5.42 -27.54
C GLU H 317 -42.08 5.18 -28.91
N ASN H 318 -42.01 3.93 -29.38
CA ASN H 318 -42.64 3.50 -30.62
C ASN H 318 -43.42 2.23 -30.35
N ALA H 319 -44.72 2.28 -30.54
CA ALA H 319 -45.58 1.13 -30.20
C ALA H 319 -45.93 0.22 -31.39
N THR H 320 -45.18 0.34 -32.48
CA THR H 320 -45.32 -0.61 -33.58
C THR H 320 -45.22 -2.05 -33.06
N PRO H 321 -46.30 -2.82 -33.20
CA PRO H 321 -46.47 -4.16 -32.63
C PRO H 321 -45.41 -5.18 -33.05
N ASN H 322 -44.87 -5.09 -34.26
CA ASN H 322 -43.95 -6.15 -34.71
C ASN H 322 -42.46 -5.79 -34.54
N LEU H 323 -42.18 -4.81 -33.68
CA LEU H 323 -40.80 -4.34 -33.47
C LEU H 323 -39.85 -5.48 -33.07
N PRO H 324 -40.29 -6.34 -32.14
CA PRO H 324 -39.45 -7.48 -31.75
C PRO H 324 -38.95 -8.25 -32.97
N HIS H 325 -39.86 -8.61 -33.86
CA HIS H 325 -39.51 -9.31 -35.10
C HIS H 325 -38.47 -8.52 -35.91
N LEU H 326 -38.64 -7.21 -36.00
CA LEU H 326 -37.76 -6.41 -36.82
C LEU H 326 -36.34 -6.46 -36.27
N TYR H 327 -36.20 -6.54 -34.95
CA TYR H 327 -34.86 -6.62 -34.35
C TYR H 327 -34.31 -8.04 -34.43
N GLU H 328 -35.14 -9.06 -34.18
CA GLU H 328 -34.70 -10.44 -34.34
C GLU H 328 -34.20 -10.73 -35.75
N SER H 329 -34.96 -10.32 -36.76
CA SER H 329 -34.65 -10.62 -38.15
C SER H 329 -33.58 -9.70 -38.76
N GLY H 330 -33.13 -8.71 -38.00
CA GLY H 330 -32.08 -7.81 -38.48
C GLY H 330 -32.54 -6.74 -39.46
N GLU H 331 -33.85 -6.55 -39.58
CA GLU H 331 -34.31 -5.38 -40.33
C GLU H 331 -33.89 -4.11 -39.59
N LEU H 332 -33.88 -4.16 -38.26
CA LEU H 332 -33.39 -3.04 -37.47
C LEU H 332 -32.10 -3.37 -36.72
N LYS H 333 -31.03 -2.63 -37.03
CA LYS H 333 -29.77 -2.77 -36.32
C LYS H 333 -29.91 -2.33 -34.87
N PRO H 334 -29.00 -2.79 -33.99
CA PRO H 334 -29.09 -2.47 -32.56
C PRO H 334 -28.97 -0.96 -32.35
N TYR H 335 -28.19 -0.30 -33.19
CA TYR H 335 -28.10 1.16 -33.14
C TYR H 335 -28.74 1.72 -34.40
N PRO H 336 -29.45 2.85 -34.25
CA PRO H 336 -30.39 3.35 -35.25
C PRO H 336 -29.77 3.94 -36.53
N ILE H 337 -28.72 4.72 -36.44
CA ILE H 337 -28.22 5.41 -37.61
C ILE H 337 -26.77 5.08 -37.93
N GLU H 338 -26.51 4.77 -39.20
CA GLU H 338 -25.18 4.54 -39.75
C GLU H 338 -24.66 5.84 -40.35
N PHE H 339 -23.59 6.39 -39.78
CA PHE H 339 -23.00 7.62 -40.31
C PHE H 339 -21.55 7.76 -39.86
#